data_2KNH
#
_entry.id   2KNH
#
loop_
_entity.id
_entity.type
_entity.pdbx_description
1 polymer 'Protein CBFA2T1'
2 polymer 'Transcription factor 12'
#
loop_
_entity_poly.entity_id
_entity_poly.type
_entity_poly.pdbx_seq_one_letter_code
_entity_poly.pdbx_strand_id
1 'polypeptide(L)'
;GAMGSGARQLSKLKRFLTTLQQFGNDISPEIGERVRTLVLGLVNSTLTIEEFHSKLQEATNFPLRPFVIPFLKANLPLLQ
RELLHCARLAKQNPAQYLAQHEQ
;
A
2 'polypeptide(L)' IGTDKELSDLLDFSAMFS B
#
# COMPACT_ATOMS: atom_id res chain seq x y z
N GLY A 1 -15.72 -12.56 -16.71
CA GLY A 1 -14.47 -12.23 -15.99
C GLY A 1 -14.00 -13.36 -15.10
N ALA A 2 -12.82 -13.21 -14.50
CA ALA A 2 -12.26 -14.23 -13.63
C ALA A 2 -12.46 -13.87 -12.17
N MET A 3 -12.07 -14.77 -11.27
CA MET A 3 -12.21 -14.54 -9.84
C MET A 3 -10.84 -14.39 -9.19
N GLY A 4 -10.41 -13.14 -9.02
CA GLY A 4 -9.12 -12.88 -8.41
C GLY A 4 -8.34 -11.80 -9.12
N SER A 5 -8.96 -10.63 -9.27
CA SER A 5 -8.31 -9.50 -9.93
C SER A 5 -7.68 -8.56 -8.90
N GLY A 6 -7.94 -8.83 -7.63
CA GLY A 6 -7.39 -8.00 -6.56
C GLY A 6 -5.89 -8.08 -6.46
N ALA A 7 -5.30 -9.04 -7.16
CA ALA A 7 -3.87 -9.22 -7.15
C ALA A 7 -3.15 -8.10 -7.90
N ARG A 8 -3.87 -7.42 -8.81
CA ARG A 8 -3.28 -6.35 -9.60
C ARG A 8 -2.78 -5.17 -8.78
N GLN A 9 -3.68 -4.55 -8.03
CA GLN A 9 -3.31 -3.37 -7.25
C GLN A 9 -2.13 -3.63 -6.32
N LEU A 10 -2.06 -4.82 -5.75
CA LEU A 10 -0.96 -5.14 -4.85
C LEU A 10 0.38 -4.80 -5.47
N SER A 11 0.42 -4.74 -6.78
CA SER A 11 1.66 -4.39 -7.48
C SER A 11 2.10 -2.97 -7.12
N LYS A 12 1.17 -2.02 -7.23
CA LYS A 12 1.48 -0.62 -6.94
C LYS A 12 1.58 -0.36 -5.44
N LEU A 13 0.70 -0.96 -4.67
CA LEU A 13 0.69 -0.77 -3.22
C LEU A 13 1.95 -1.32 -2.58
N LYS A 14 2.27 -2.57 -2.90
CA LYS A 14 3.46 -3.19 -2.34
C LYS A 14 4.72 -2.46 -2.81
N ARG A 15 4.66 -1.89 -4.01
CA ARG A 15 5.79 -1.16 -4.57
C ARG A 15 5.86 0.26 -4.02
N PHE A 16 4.74 0.98 -4.11
CA PHE A 16 4.69 2.36 -3.63
C PHE A 16 5.22 2.48 -2.22
N LEU A 17 4.69 1.66 -1.33
CA LEU A 17 5.09 1.67 0.08
C LEU A 17 6.60 1.57 0.25
N THR A 18 7.26 0.81 -0.62
CA THR A 18 8.70 0.63 -0.53
C THR A 18 9.46 1.94 -0.72
N THR A 19 8.84 2.91 -1.40
CA THR A 19 9.49 4.19 -1.63
C THR A 19 9.28 5.16 -0.48
N LEU A 20 8.04 5.35 -0.08
CA LEU A 20 7.74 6.27 1.02
C LEU A 20 8.27 5.72 2.34
N GLN A 21 8.39 4.40 2.43
CA GLN A 21 8.91 3.75 3.64
C GLN A 21 10.30 4.29 3.98
N GLN A 22 11.15 4.42 2.97
CA GLN A 22 12.51 4.92 3.17
C GLN A 22 12.53 6.44 3.30
N PHE A 23 11.54 7.12 2.72
CA PHE A 23 11.48 8.58 2.79
C PHE A 23 11.62 9.07 4.22
N GLY A 24 11.24 8.23 5.17
CA GLY A 24 11.34 8.60 6.57
C GLY A 24 12.03 7.54 7.42
N ASN A 25 12.80 6.68 6.76
CA ASN A 25 13.53 5.62 7.46
C ASN A 25 14.80 6.19 8.11
N ASP A 26 14.77 7.49 8.43
CA ASP A 26 15.91 8.15 9.04
C ASP A 26 15.48 9.04 10.21
N ILE A 27 14.20 8.98 10.58
CA ILE A 27 13.68 9.78 11.67
C ILE A 27 14.02 9.12 13.01
N SER A 28 13.65 7.84 13.15
CA SER A 28 13.93 7.11 14.38
C SER A 28 13.52 5.65 14.23
N PRO A 29 13.95 4.77 15.15
CA PRO A 29 13.61 3.34 15.11
C PRO A 29 12.12 3.08 15.28
N GLU A 30 11.34 4.15 15.40
CA GLU A 30 9.90 4.03 15.57
C GLU A 30 9.16 4.32 14.28
N ILE A 31 9.76 5.10 13.39
CA ILE A 31 9.10 5.39 12.13
C ILE A 31 9.05 4.10 11.35
N GLY A 32 10.19 3.42 11.35
CA GLY A 32 10.26 2.13 10.70
C GLY A 32 9.11 1.26 11.19
N GLU A 33 8.70 1.51 12.43
CA GLU A 33 7.58 0.81 13.05
C GLU A 33 6.28 1.45 12.61
N ARG A 34 6.30 2.77 12.47
CA ARG A 34 5.12 3.51 12.04
C ARG A 34 4.74 3.09 10.63
N VAL A 35 5.66 3.22 9.70
CA VAL A 35 5.39 2.83 8.33
C VAL A 35 4.84 1.41 8.27
N ARG A 36 5.45 0.52 9.04
CA ARG A 36 5.00 -0.86 9.08
C ARG A 36 3.61 -0.96 9.69
N THR A 37 3.37 -0.18 10.74
CA THR A 37 2.06 -0.21 11.40
C THR A 37 1.00 0.44 10.52
N LEU A 38 1.37 1.48 9.80
CA LEU A 38 0.43 2.17 8.93
C LEU A 38 -0.12 1.22 7.86
N VAL A 39 0.77 0.49 7.18
CA VAL A 39 0.34 -0.44 6.14
C VAL A 39 -0.48 -1.58 6.72
N LEU A 40 -0.02 -2.19 7.80
CA LEU A 40 -0.76 -3.27 8.43
C LEU A 40 -2.09 -2.77 8.98
N GLY A 41 -2.12 -1.49 9.34
CA GLY A 41 -3.34 -0.91 9.86
C GLY A 41 -4.37 -0.71 8.78
N LEU A 42 -3.96 -0.09 7.69
CA LEU A 42 -4.85 0.18 6.56
C LEU A 42 -5.44 -1.11 6.01
N VAL A 43 -4.68 -2.19 6.12
CA VAL A 43 -5.13 -3.49 5.63
C VAL A 43 -5.97 -4.21 6.69
N ASN A 44 -5.67 -3.94 7.95
CA ASN A 44 -6.39 -4.56 9.07
C ASN A 44 -7.75 -3.90 9.29
N SER A 45 -8.15 -3.03 8.35
CA SER A 45 -9.43 -2.33 8.45
C SER A 45 -9.46 -1.37 9.65
N THR A 46 -8.28 -1.12 10.22
CA THR A 46 -8.18 -0.21 11.36
C THR A 46 -7.76 1.19 10.92
N LEU A 47 -7.38 1.32 9.66
CA LEU A 47 -6.96 2.60 9.12
C LEU A 47 -7.87 3.04 7.97
N THR A 48 -7.35 3.92 7.14
CA THR A 48 -8.08 4.43 5.99
C THR A 48 -7.12 5.12 5.06
N ILE A 49 -7.52 5.26 3.81
CA ILE A 49 -6.70 5.89 2.83
C ILE A 49 -6.38 7.33 3.23
N GLU A 50 -7.43 8.09 3.50
CA GLU A 50 -7.29 9.48 3.87
C GLU A 50 -6.40 9.62 5.10
N GLU A 51 -6.49 8.64 5.99
CA GLU A 51 -5.71 8.63 7.22
C GLU A 51 -4.29 8.13 6.98
N PHE A 52 -4.19 6.97 6.36
CA PHE A 52 -2.90 6.36 6.05
C PHE A 52 -2.01 7.36 5.34
N HIS A 53 -2.53 7.93 4.25
CA HIS A 53 -1.79 8.91 3.48
C HIS A 53 -1.51 10.16 4.32
N SER A 54 -2.52 10.58 5.06
CA SER A 54 -2.41 11.76 5.92
C SER A 54 -1.38 11.55 7.03
N LYS A 55 -1.40 10.38 7.63
CA LYS A 55 -0.47 10.09 8.72
C LYS A 55 0.91 9.73 8.20
N LEU A 56 0.97 8.89 7.17
CA LEU A 56 2.24 8.49 6.58
C LEU A 56 3.09 9.71 6.24
N GLN A 57 2.45 10.85 6.06
CA GLN A 57 3.17 12.06 5.72
C GLN A 57 4.25 12.38 6.75
N GLU A 58 4.01 11.97 7.98
CA GLU A 58 4.97 12.21 9.02
C GLU A 58 6.14 11.22 8.95
N ALA A 59 5.82 9.93 8.93
CA ALA A 59 6.86 8.90 8.89
C ALA A 59 7.42 8.67 7.48
N THR A 60 6.56 8.65 6.48
CA THR A 60 7.01 8.38 5.11
C THR A 60 6.90 9.58 4.18
N ASN A 61 6.25 10.64 4.63
CA ASN A 61 6.10 11.83 3.79
C ASN A 61 5.30 11.52 2.53
N PHE A 62 3.99 11.44 2.71
CA PHE A 62 3.05 11.15 1.65
C PHE A 62 2.62 12.38 0.85
N PRO A 63 2.89 13.60 1.34
CA PRO A 63 2.50 14.82 0.63
C PRO A 63 3.20 14.90 -0.73
N LEU A 64 2.64 14.23 -1.71
CA LEU A 64 3.21 14.21 -3.04
C LEU A 64 2.16 14.61 -4.08
N ARG A 65 1.85 13.71 -5.01
CA ARG A 65 0.86 14.00 -6.04
C ARG A 65 -0.53 14.20 -5.41
N PRO A 66 -1.17 15.35 -5.65
CA PRO A 66 -2.50 15.66 -5.09
C PRO A 66 -3.52 14.57 -5.40
N PHE A 67 -3.17 13.67 -6.32
CA PHE A 67 -4.05 12.58 -6.71
C PHE A 67 -3.51 11.24 -6.22
N VAL A 68 -2.56 11.28 -5.30
CA VAL A 68 -1.97 10.05 -4.78
C VAL A 68 -2.88 9.37 -3.74
N ILE A 69 -3.49 10.16 -2.86
CA ILE A 69 -4.35 9.61 -1.83
C ILE A 69 -5.59 8.90 -2.41
N PRO A 70 -6.15 9.40 -3.52
CA PRO A 70 -7.33 8.81 -4.16
C PRO A 70 -7.01 7.47 -4.84
N PHE A 71 -5.77 7.31 -5.29
CA PHE A 71 -5.36 6.06 -5.94
C PHE A 71 -5.58 4.88 -5.02
N LEU A 72 -5.07 4.98 -3.80
CA LEU A 72 -5.19 3.90 -2.84
C LEU A 72 -6.67 3.52 -2.66
N LYS A 73 -7.57 4.49 -2.79
CA LYS A 73 -9.02 4.24 -2.67
C LYS A 73 -9.54 3.35 -3.80
N ALA A 74 -8.94 3.47 -4.98
CA ALA A 74 -9.36 2.67 -6.13
C ALA A 74 -8.78 1.27 -6.07
N ASN A 75 -7.53 1.19 -5.63
CA ASN A 75 -6.84 -0.10 -5.54
C ASN A 75 -7.07 -0.78 -4.19
N LEU A 76 -7.60 -0.04 -3.23
CA LEU A 76 -7.85 -0.60 -1.89
C LEU A 76 -8.68 -1.89 -1.94
N PRO A 77 -9.74 -1.92 -2.78
CA PRO A 77 -10.62 -3.10 -2.91
C PRO A 77 -9.84 -4.35 -3.23
N LEU A 78 -8.78 -4.20 -4.00
CA LEU A 78 -7.95 -5.32 -4.39
C LEU A 78 -7.07 -5.75 -3.22
N LEU A 79 -6.34 -4.80 -2.65
CA LEU A 79 -5.46 -5.09 -1.50
C LEU A 79 -6.22 -5.64 -0.31
N GLN A 80 -7.42 -5.15 -0.11
CA GLN A 80 -8.24 -5.60 1.02
C GLN A 80 -8.86 -6.96 0.73
N ARG A 81 -9.57 -7.04 -0.40
CA ARG A 81 -10.24 -8.27 -0.80
C ARG A 81 -9.25 -9.43 -0.96
N GLU A 82 -8.23 -9.25 -1.80
CA GLU A 82 -7.25 -10.30 -2.04
C GLU A 82 -6.56 -10.72 -0.74
N LEU A 83 -6.17 -9.73 0.07
CA LEU A 83 -5.50 -9.99 1.34
C LEU A 83 -6.46 -10.58 2.37
N LEU A 84 -7.76 -10.33 2.20
CA LEU A 84 -8.77 -10.84 3.12
C LEU A 84 -8.71 -12.37 3.17
N HIS A 85 -8.52 -12.98 2.01
CA HIS A 85 -8.45 -14.43 1.93
C HIS A 85 -7.42 -14.97 2.90
N CYS A 86 -6.18 -14.54 2.75
CA CYS A 86 -5.10 -15.00 3.63
C CYS A 86 -5.33 -14.56 5.06
N ALA A 87 -5.95 -13.41 5.22
CA ALA A 87 -6.25 -12.88 6.55
C ALA A 87 -7.19 -13.80 7.30
N ARG A 88 -8.10 -14.40 6.57
CA ARG A 88 -9.09 -15.31 7.16
C ARG A 88 -8.39 -16.48 7.85
N LEU A 89 -7.26 -16.91 7.29
CA LEU A 89 -6.52 -18.03 7.86
C LEU A 89 -6.04 -17.71 9.28
N ALA A 90 -5.83 -16.43 9.56
CA ALA A 90 -5.35 -15.99 10.88
C ALA A 90 -6.52 -15.73 11.83
N LYS A 91 -7.34 -14.73 11.48
CA LYS A 91 -8.50 -14.34 12.28
C LYS A 91 -8.22 -14.39 13.79
N GLN A 92 -7.40 -13.44 14.25
CA GLN A 92 -7.05 -13.36 15.68
C GLN A 92 -8.04 -12.45 16.42
N ASN A 93 -7.56 -11.75 17.43
CA ASN A 93 -8.39 -10.84 18.23
C ASN A 93 -7.92 -9.40 18.05
N PRO A 94 -8.36 -8.74 16.97
CA PRO A 94 -7.98 -7.34 16.70
C PRO A 94 -8.32 -6.41 17.86
N ALA A 95 -9.24 -6.85 18.72
CA ALA A 95 -9.65 -6.07 19.87
C ALA A 95 -8.47 -5.72 20.77
N GLN A 96 -7.37 -6.45 20.63
CA GLN A 96 -6.18 -6.21 21.43
C GLN A 96 -5.66 -4.79 21.24
N TYR A 97 -5.37 -4.44 19.98
CA TYR A 97 -4.87 -3.11 19.66
C TYR A 97 -3.55 -2.83 20.38
N LEU A 98 -2.47 -2.76 19.62
CA LEU A 98 -1.15 -2.50 20.19
C LEU A 98 -0.81 -1.01 20.11
N ALA A 99 -1.12 -0.41 18.96
CA ALA A 99 -0.85 1.02 18.75
C ALA A 99 -1.89 1.89 19.46
N GLN A 100 -3.14 1.76 19.05
CA GLN A 100 -4.22 2.56 19.65
C GLN A 100 -3.97 4.04 19.48
N HIS A 101 -4.68 4.66 18.54
CA HIS A 101 -4.52 6.09 18.28
C HIS A 101 -5.88 6.77 18.14
N GLU A 102 -5.87 8.09 18.03
CA GLU A 102 -7.10 8.86 17.89
C GLU A 102 -7.52 8.93 16.42
N GLN A 103 -6.56 9.22 15.56
CA GLN A 103 -6.83 9.30 14.13
C GLN A 103 -7.82 10.42 13.83
N ILE B 1 4.70 8.72 -20.00
CA ILE B 1 6.01 8.05 -19.90
C ILE B 1 5.88 6.69 -19.16
N GLY B 2 7.00 5.99 -19.01
CA GLY B 2 6.98 4.70 -18.34
C GLY B 2 7.93 4.64 -17.17
N THR B 3 8.44 3.45 -16.87
CA THR B 3 9.37 3.26 -15.76
C THR B 3 8.71 3.62 -14.44
N ASP B 4 8.46 2.62 -13.61
CA ASP B 4 7.83 2.83 -12.31
C ASP B 4 6.64 3.77 -12.43
N LYS B 5 5.82 3.56 -13.46
CA LYS B 5 4.65 4.40 -13.68
C LYS B 5 3.73 4.38 -12.48
N GLU B 6 3.58 3.19 -11.88
CA GLU B 6 2.72 3.05 -10.72
C GLU B 6 3.27 3.84 -9.53
N LEU B 7 4.58 4.03 -9.49
CA LEU B 7 5.20 4.79 -8.40
C LEU B 7 5.23 6.28 -8.72
N SER B 8 5.35 6.61 -9.99
CA SER B 8 5.39 7.99 -10.44
C SER B 8 4.00 8.61 -10.52
N ASP B 9 3.03 7.82 -10.97
CA ASP B 9 1.65 8.30 -11.09
C ASP B 9 1.03 8.59 -9.73
N LEU B 10 1.80 8.39 -8.67
CA LEU B 10 1.33 8.64 -7.32
C LEU B 10 2.37 9.38 -6.49
N LEU B 11 3.64 9.10 -6.72
CA LEU B 11 4.72 9.76 -5.99
C LEU B 11 5.42 10.79 -6.87
N ASP B 12 5.99 11.81 -6.24
CA ASP B 12 6.71 12.85 -6.97
C ASP B 12 5.77 13.63 -7.89
N PHE B 13 6.01 14.92 -8.00
CA PHE B 13 5.20 15.79 -8.85
C PHE B 13 5.98 17.05 -9.23
N SER B 14 6.75 17.57 -8.29
CA SER B 14 7.54 18.78 -8.53
C SER B 14 8.80 18.44 -9.34
N ALA B 15 9.41 17.29 -9.04
CA ALA B 15 10.61 16.87 -9.74
C ALA B 15 10.35 16.68 -11.23
N MET B 16 9.07 16.63 -11.62
CA MET B 16 8.71 16.45 -13.02
C MET B 16 8.24 17.77 -13.63
N PHE B 17 7.60 18.61 -12.82
CA PHE B 17 7.11 19.90 -13.30
C PHE B 17 8.07 21.02 -12.91
N SER B 18 9.35 20.68 -12.76
CA SER B 18 10.36 21.68 -12.40
C SER B 18 11.69 21.38 -13.10
N GLY A 1 -15.31 -3.65 -6.93
CA GLY A 1 -16.61 -4.21 -6.48
C GLY A 1 -16.81 -5.66 -6.86
N ALA A 2 -16.67 -5.94 -8.15
CA ALA A 2 -16.84 -7.31 -8.65
C ALA A 2 -15.62 -8.16 -8.32
N MET A 3 -15.73 -9.46 -8.60
CA MET A 3 -14.63 -10.38 -8.33
C MET A 3 -13.90 -10.75 -9.62
N GLY A 4 -12.62 -10.41 -9.69
CA GLY A 4 -11.85 -10.72 -10.88
C GLY A 4 -10.57 -9.91 -10.95
N SER A 5 -10.68 -8.61 -10.70
CA SER A 5 -9.53 -7.73 -10.72
C SER A 5 -8.98 -7.57 -9.31
N GLY A 6 -8.22 -8.56 -8.87
CA GLY A 6 -7.65 -8.51 -7.53
C GLY A 6 -6.13 -8.64 -7.54
N ALA A 7 -5.61 -9.39 -8.49
CA ALA A 7 -4.18 -9.61 -8.62
C ALA A 7 -3.46 -8.42 -9.27
N ARG A 8 -4.21 -7.61 -10.03
CA ARG A 8 -3.64 -6.46 -10.76
C ARG A 8 -3.10 -5.36 -9.86
N GLN A 9 -3.95 -4.82 -9.02
CA GLN A 9 -3.57 -3.71 -8.17
C GLN A 9 -2.42 -4.03 -7.23
N LEU A 10 -2.33 -5.27 -6.78
CA LEU A 10 -1.23 -5.66 -5.89
C LEU A 10 0.11 -5.29 -6.49
N SER A 11 0.12 -5.14 -7.81
CA SER A 11 1.34 -4.75 -8.49
C SER A 11 1.71 -3.33 -8.07
N LYS A 12 0.71 -2.44 -8.12
CA LYS A 12 0.92 -1.04 -7.74
C LYS A 12 1.24 -0.91 -6.26
N LEU A 13 0.44 -1.52 -5.41
CA LEU A 13 0.66 -1.44 -3.97
C LEU A 13 2.00 -2.05 -3.59
N LYS A 14 2.20 -3.31 -3.99
CA LYS A 14 3.43 -4.00 -3.66
C LYS A 14 4.65 -3.17 -4.07
N ARG A 15 4.54 -2.51 -5.22
CA ARG A 15 5.63 -1.69 -5.73
C ARG A 15 5.64 -0.30 -5.09
N PHE A 16 4.50 0.36 -5.09
CA PHE A 16 4.39 1.71 -4.52
C PHE A 16 4.72 1.73 -3.04
N LEU A 17 4.34 0.68 -2.33
CA LEU A 17 4.58 0.60 -0.90
C LEU A 17 6.06 0.39 -0.57
N THR A 18 6.70 -0.56 -1.26
CA THR A 18 8.11 -0.85 -1.00
C THR A 18 8.98 0.39 -1.14
N THR A 19 8.53 1.37 -1.91
CA THR A 19 9.28 2.60 -2.10
C THR A 19 8.96 3.60 -1.01
N LEU A 20 7.67 3.72 -0.70
CA LEU A 20 7.18 4.65 0.32
C LEU A 20 7.97 4.49 1.63
N GLN A 21 8.40 3.28 1.91
CA GLN A 21 9.15 2.99 3.14
C GLN A 21 10.34 3.95 3.32
N GLN A 22 10.86 4.48 2.22
CA GLN A 22 12.02 5.37 2.27
C GLN A 22 11.73 6.72 2.92
N PHE A 23 10.54 7.25 2.71
CA PHE A 23 10.19 8.54 3.25
C PHE A 23 10.28 8.57 4.78
N GLY A 24 10.26 7.38 5.38
CA GLY A 24 10.35 7.28 6.83
C GLY A 24 11.32 6.20 7.23
N ASN A 25 12.35 6.04 6.44
CA ASN A 25 13.37 5.02 6.68
C ASN A 25 14.35 5.46 7.77
N ASP A 26 14.31 6.74 8.13
CA ASP A 26 15.22 7.24 9.16
C ASP A 26 14.77 8.58 9.73
N ILE A 27 13.46 8.78 9.85
CA ILE A 27 12.94 10.00 10.41
C ILE A 27 13.02 9.97 11.93
N SER A 28 12.84 8.77 12.47
CA SER A 28 12.90 8.54 13.92
C SER A 28 12.72 7.06 14.21
N PRO A 29 13.07 6.59 15.43
CA PRO A 29 12.92 5.19 15.81
C PRO A 29 11.46 4.74 15.86
N GLU A 30 10.54 5.65 15.53
CA GLU A 30 9.12 5.34 15.55
C GLU A 30 8.52 5.34 14.14
N ILE A 31 9.21 5.96 13.20
CA ILE A 31 8.74 6.00 11.83
C ILE A 31 8.77 4.61 11.26
N GLY A 32 9.88 3.92 11.51
CA GLY A 32 9.98 2.55 11.05
C GLY A 32 8.74 1.78 11.45
N GLU A 33 8.18 2.19 12.59
CA GLU A 33 6.97 1.59 13.12
C GLU A 33 5.74 2.26 12.49
N ARG A 34 5.85 3.57 12.25
CA ARG A 34 4.75 4.32 11.67
C ARG A 34 4.45 3.84 10.25
N VAL A 35 5.43 3.89 9.39
CA VAL A 35 5.25 3.44 8.01
C VAL A 35 4.69 2.03 7.98
N ARG A 36 5.30 1.14 8.75
CA ARG A 36 4.86 -0.23 8.82
C ARG A 36 3.43 -0.32 9.37
N THR A 37 3.17 0.41 10.46
CA THR A 37 1.85 0.40 11.06
C THR A 37 0.81 1.02 10.13
N LEU A 38 1.19 2.07 9.40
CA LEU A 38 0.26 2.72 8.49
C LEU A 38 -0.31 1.72 7.48
N VAL A 39 0.57 0.97 6.83
CA VAL A 39 0.15 -0.01 5.84
C VAL A 39 -0.64 -1.16 6.46
N LEU A 40 -0.06 -1.79 7.46
CA LEU A 40 -0.70 -2.91 8.14
C LEU A 40 -1.99 -2.46 8.83
N GLY A 41 -1.99 -1.21 9.27
CA GLY A 41 -3.17 -0.67 9.93
C GLY A 41 -4.30 -0.46 8.96
N LEU A 42 -4.00 0.18 7.84
CA LEU A 42 -4.98 0.47 6.81
C LEU A 42 -5.62 -0.82 6.28
N VAL A 43 -4.85 -1.90 6.29
CA VAL A 43 -5.34 -3.19 5.81
C VAL A 43 -6.08 -3.93 6.92
N ASN A 44 -5.61 -3.76 8.16
CA ASN A 44 -6.23 -4.41 9.31
C ASN A 44 -7.57 -3.77 9.66
N SER A 45 -8.07 -2.89 8.78
CA SER A 45 -9.34 -2.21 9.00
C SER A 45 -9.28 -1.30 10.23
N THR A 46 -8.06 -1.03 10.70
CA THR A 46 -7.86 -0.18 11.85
C THR A 46 -7.50 1.24 11.43
N LEU A 47 -7.30 1.45 10.13
CA LEU A 47 -6.95 2.76 9.62
C LEU A 47 -8.04 3.28 8.68
N THR A 48 -7.65 4.22 7.83
CA THR A 48 -8.55 4.83 6.88
C THR A 48 -7.73 5.51 5.82
N ILE A 49 -8.33 5.73 4.68
CA ILE A 49 -7.66 6.38 3.59
C ILE A 49 -7.27 7.79 3.97
N GLU A 50 -8.24 8.56 4.41
CA GLU A 50 -7.98 9.93 4.81
C GLU A 50 -6.96 9.98 5.93
N GLU A 51 -6.93 8.93 6.74
CA GLU A 51 -6.00 8.83 7.87
C GLU A 51 -4.61 8.40 7.41
N PHE A 52 -4.55 7.35 6.61
CA PHE A 52 -3.28 6.82 6.11
C PHE A 52 -2.46 7.92 5.45
N HIS A 53 -3.01 8.56 4.43
CA HIS A 53 -2.31 9.64 3.74
C HIS A 53 -2.02 10.79 4.68
N SER A 54 -3.01 11.13 5.49
CA SER A 54 -2.89 12.21 6.45
C SER A 54 -1.76 11.95 7.45
N LYS A 55 -1.81 10.78 8.09
CA LYS A 55 -0.80 10.42 9.08
C LYS A 55 0.54 10.13 8.42
N LEU A 56 0.51 9.38 7.34
CA LEU A 56 1.72 9.03 6.63
C LEU A 56 2.56 10.26 6.29
N GLN A 57 1.93 11.43 6.21
CA GLN A 57 2.65 12.66 5.90
C GLN A 57 3.76 12.92 6.91
N GLU A 58 3.57 12.41 8.13
CA GLU A 58 4.57 12.59 9.18
C GLU A 58 5.73 11.64 8.99
N ALA A 59 5.43 10.35 8.88
CA ALA A 59 6.46 9.35 8.70
C ALA A 59 7.18 9.52 7.36
N THR A 60 6.44 10.02 6.37
CA THR A 60 7.00 10.22 5.05
C THR A 60 7.92 11.45 5.03
N ASN A 61 7.61 12.45 5.86
CA ASN A 61 8.43 13.65 5.94
C ASN A 61 8.88 14.12 4.55
N PHE A 62 8.10 13.82 3.53
CA PHE A 62 8.43 14.21 2.17
C PHE A 62 7.19 14.78 1.47
N PRO A 63 7.33 15.31 0.24
CA PRO A 63 6.21 15.88 -0.50
C PRO A 63 5.01 14.95 -0.55
N LEU A 64 5.11 13.89 -1.35
CA LEU A 64 4.02 12.93 -1.49
C LEU A 64 2.76 13.61 -2.00
N ARG A 65 2.56 13.61 -3.30
CA ARG A 65 1.40 14.24 -3.92
C ARG A 65 0.09 13.65 -3.38
N PRO A 66 -0.89 14.52 -3.06
CA PRO A 66 -2.19 14.06 -2.54
C PRO A 66 -2.83 13.00 -3.44
N PHE A 67 -2.36 12.91 -4.68
CA PHE A 67 -2.88 11.94 -5.63
C PHE A 67 -2.67 10.49 -5.16
N VAL A 68 -1.95 10.32 -4.06
CA VAL A 68 -1.70 8.99 -3.52
C VAL A 68 -2.90 8.49 -2.71
N ILE A 69 -3.50 9.38 -1.92
CA ILE A 69 -4.64 9.02 -1.08
C ILE A 69 -5.82 8.46 -1.87
N PRO A 70 -6.09 9.00 -3.08
CA PRO A 70 -7.19 8.54 -3.93
C PRO A 70 -6.92 7.18 -4.55
N PHE A 71 -5.72 7.00 -5.08
CA PHE A 71 -5.35 5.73 -5.70
C PHE A 71 -5.48 4.60 -4.68
N LEU A 72 -5.00 4.85 -3.47
CA LEU A 72 -5.09 3.85 -2.40
C LEU A 72 -6.54 3.46 -2.17
N LYS A 73 -7.45 4.41 -2.30
CA LYS A 73 -8.88 4.15 -2.10
C LYS A 73 -9.42 3.18 -3.14
N ALA A 74 -9.01 3.36 -4.38
CA ALA A 74 -9.46 2.52 -5.46
C ALA A 74 -8.86 1.13 -5.37
N ASN A 75 -7.60 1.06 -4.98
CA ASN A 75 -6.93 -0.22 -4.90
C ASN A 75 -7.11 -0.88 -3.53
N LEU A 76 -7.50 -0.10 -2.54
CA LEU A 76 -7.70 -0.60 -1.19
C LEU A 76 -8.56 -1.87 -1.14
N PRO A 77 -9.69 -1.89 -1.88
CA PRO A 77 -10.61 -3.03 -1.88
C PRO A 77 -9.99 -4.30 -2.43
N LEU A 78 -9.03 -4.14 -3.33
CA LEU A 78 -8.38 -5.28 -3.94
C LEU A 78 -7.33 -5.89 -3.03
N LEU A 79 -6.48 -5.05 -2.48
CA LEU A 79 -5.40 -5.53 -1.61
C LEU A 79 -5.93 -6.36 -0.47
N GLN A 80 -6.98 -5.87 0.16
CA GLN A 80 -7.57 -6.58 1.27
C GLN A 80 -8.27 -7.85 0.81
N ARG A 81 -9.02 -7.75 -0.28
CA ARG A 81 -9.75 -8.89 -0.82
C ARG A 81 -8.83 -10.00 -1.31
N GLU A 82 -7.94 -9.66 -2.24
CA GLU A 82 -7.01 -10.64 -2.79
C GLU A 82 -6.15 -11.30 -1.71
N LEU A 83 -5.62 -10.48 -0.80
CA LEU A 83 -4.77 -11.00 0.28
C LEU A 83 -5.56 -11.94 1.19
N LEU A 84 -6.81 -11.59 1.45
CA LEU A 84 -7.67 -12.41 2.30
C LEU A 84 -8.03 -13.72 1.61
N HIS A 85 -8.36 -13.63 0.33
CA HIS A 85 -8.74 -14.82 -0.43
C HIS A 85 -7.61 -15.84 -0.47
N CYS A 86 -6.37 -15.37 -0.38
CA CYS A 86 -5.22 -16.27 -0.41
C CYS A 86 -5.02 -16.92 0.95
N ALA A 87 -5.27 -16.15 1.98
CA ALA A 87 -5.11 -16.63 3.36
C ALA A 87 -6.04 -17.80 3.66
N ARG A 88 -7.05 -17.96 2.82
CA ARG A 88 -8.02 -19.04 3.00
C ARG A 88 -7.44 -20.39 2.62
N LEU A 89 -6.93 -20.50 1.40
CA LEU A 89 -6.36 -21.76 0.93
C LEU A 89 -4.91 -21.92 1.34
N ALA A 90 -4.29 -20.84 1.81
CA ALA A 90 -2.89 -20.88 2.22
C ALA A 90 -2.73 -21.68 3.50
N LYS A 91 -3.68 -21.52 4.41
CA LYS A 91 -3.64 -22.23 5.69
C LYS A 91 -4.34 -23.58 5.57
N GLN A 92 -4.18 -24.24 4.43
CA GLN A 92 -4.79 -25.54 4.20
C GLN A 92 -4.06 -26.31 3.10
N ASN A 93 -3.79 -27.58 3.37
CA ASN A 93 -3.09 -28.43 2.40
C ASN A 93 -1.72 -27.86 2.07
N PRO A 94 -0.63 -28.51 2.56
CA PRO A 94 0.74 -28.07 2.30
C PRO A 94 1.02 -27.94 0.80
N ALA A 95 0.26 -28.68 -0.01
CA ALA A 95 0.43 -28.65 -1.46
C ALA A 95 0.23 -27.25 -2.01
N GLN A 96 -0.52 -26.43 -1.28
CA GLN A 96 -0.78 -25.06 -1.71
C GLN A 96 0.51 -24.27 -1.85
N TYR A 97 1.52 -24.65 -1.07
CA TYR A 97 2.81 -23.98 -1.10
C TYR A 97 3.78 -24.71 -2.04
N LEU A 98 3.24 -25.39 -3.04
CA LEU A 98 4.05 -26.13 -4.00
C LEU A 98 4.28 -25.31 -5.27
N ALA A 99 3.20 -25.02 -5.98
CA ALA A 99 3.27 -24.25 -7.21
C ALA A 99 3.76 -22.83 -6.94
N GLN A 100 3.21 -22.21 -5.89
CA GLN A 100 3.58 -20.85 -5.52
C GLN A 100 3.18 -19.86 -6.61
N HIS A 101 3.97 -19.81 -7.68
CA HIS A 101 3.69 -18.90 -8.78
C HIS A 101 3.73 -19.63 -10.12
N GLU A 102 3.26 -20.87 -10.12
CA GLU A 102 3.24 -21.68 -11.33
C GLU A 102 1.79 -21.88 -11.81
N GLN A 103 1.56 -22.94 -12.57
CA GLN A 103 0.23 -23.23 -13.09
C GLN A 103 -0.12 -24.70 -12.92
N ILE B 1 6.45 -8.12 -10.96
CA ILE B 1 7.02 -6.86 -11.42
C ILE B 1 5.96 -5.92 -11.96
N GLY B 2 6.04 -4.65 -11.59
CA GLY B 2 5.08 -3.68 -12.06
C GLY B 2 5.63 -2.79 -13.17
N THR B 3 5.93 -1.54 -12.84
CA THR B 3 6.47 -0.59 -13.81
C THR B 3 7.10 0.60 -13.10
N ASP B 4 7.63 1.54 -13.90
CA ASP B 4 8.27 2.73 -13.35
C ASP B 4 7.25 3.84 -13.15
N LYS B 5 6.45 4.11 -14.18
CA LYS B 5 5.45 5.16 -14.11
C LYS B 5 4.44 4.88 -12.99
N GLU B 6 4.27 3.61 -12.65
CA GLU B 6 3.34 3.22 -11.60
C GLU B 6 3.70 3.89 -10.28
N LEU B 7 4.99 4.08 -10.04
CA LEU B 7 5.46 4.70 -8.82
C LEU B 7 5.48 6.22 -8.94
N SER B 8 5.71 6.69 -10.16
CA SER B 8 5.76 8.12 -10.42
C SER B 8 4.36 8.71 -10.53
N ASP B 9 3.42 7.92 -11.03
CA ASP B 9 2.03 8.36 -11.21
C ASP B 9 1.34 8.60 -9.86
N LEU B 10 2.08 8.42 -8.77
CA LEU B 10 1.53 8.60 -7.43
C LEU B 10 2.61 9.13 -6.47
N LEU B 11 3.85 8.66 -6.64
CA LEU B 11 4.96 9.09 -5.77
C LEU B 11 5.87 10.07 -6.50
N ASP B 12 6.06 11.24 -5.92
CA ASP B 12 6.93 12.24 -6.52
C ASP B 12 6.41 12.65 -7.90
N PHE B 13 6.93 13.76 -8.41
CA PHE B 13 6.53 14.25 -9.72
C PHE B 13 7.29 15.53 -10.07
N SER B 14 7.46 16.40 -9.07
CA SER B 14 8.18 17.65 -9.27
C SER B 14 9.68 17.43 -9.24
N ALA B 15 10.14 16.64 -8.27
CA ALA B 15 11.56 16.34 -8.12
C ALA B 15 11.94 15.08 -8.90
N MET B 16 11.20 14.00 -8.66
CA MET B 16 11.46 12.75 -9.36
C MET B 16 12.86 12.23 -9.02
N PHE B 17 12.93 11.26 -8.12
CA PHE B 17 14.20 10.67 -7.71
C PHE B 17 14.72 9.72 -8.78
N SER B 18 16.03 9.71 -9.00
CA SER B 18 16.63 8.84 -10.00
C SER B 18 18.08 8.51 -9.62
N GLY A 1 -3.45 -19.55 -9.43
CA GLY A 1 -2.11 -18.90 -9.47
C GLY A 1 -2.18 -17.39 -9.32
N ALA A 2 -3.21 -16.78 -9.90
CA ALA A 2 -3.38 -15.34 -9.83
C ALA A 2 -4.80 -14.97 -9.37
N MET A 3 -4.95 -13.74 -8.88
CA MET A 3 -6.26 -13.28 -8.43
C MET A 3 -7.02 -12.60 -9.56
N GLY A 4 -8.21 -12.09 -9.24
CA GLY A 4 -9.02 -11.43 -10.25
C GLY A 4 -8.35 -10.19 -10.80
N SER A 5 -9.17 -9.26 -11.30
CA SER A 5 -8.66 -8.02 -11.87
C SER A 5 -8.09 -7.09 -10.79
N GLY A 6 -8.22 -7.49 -9.53
CA GLY A 6 -7.73 -6.67 -8.44
C GLY A 6 -6.28 -6.95 -8.11
N ALA A 7 -5.82 -8.16 -8.40
CA ALA A 7 -4.43 -8.52 -8.15
C ALA A 7 -3.48 -7.48 -8.73
N ARG A 8 -3.96 -6.77 -9.74
CA ARG A 8 -3.20 -5.73 -10.43
C ARG A 8 -2.69 -4.67 -9.46
N GLN A 9 -3.58 -4.18 -8.61
CA GLN A 9 -3.23 -3.13 -7.66
C GLN A 9 -2.05 -3.51 -6.76
N LEU A 10 -2.03 -4.76 -6.29
CA LEU A 10 -0.95 -5.22 -5.42
C LEU A 10 0.41 -4.85 -5.98
N SER A 11 0.47 -4.65 -7.27
CA SER A 11 1.70 -4.25 -7.93
C SER A 11 2.09 -2.86 -7.46
N LYS A 12 1.09 -1.97 -7.42
CA LYS A 12 1.30 -0.59 -6.99
C LYS A 12 1.56 -0.52 -5.49
N LEU A 13 0.72 -1.21 -4.71
CA LEU A 13 0.87 -1.19 -3.26
C LEU A 13 2.25 -1.68 -2.84
N LYS A 14 2.59 -2.89 -3.28
CA LYS A 14 3.87 -3.47 -2.92
C LYS A 14 5.04 -2.60 -3.38
N ARG A 15 4.93 -2.06 -4.59
CA ARG A 15 5.99 -1.23 -5.15
C ARG A 15 6.02 0.16 -4.53
N PHE A 16 4.87 0.84 -4.52
CA PHE A 16 4.80 2.19 -3.99
C PHE A 16 5.32 2.29 -2.57
N LEU A 17 4.86 1.39 -1.71
CA LEU A 17 5.28 1.40 -0.31
C LEU A 17 6.81 1.42 -0.18
N THR A 18 7.48 0.76 -1.13
CA THR A 18 8.95 0.69 -1.11
C THR A 18 9.59 2.06 -1.17
N THR A 19 8.99 2.99 -1.91
CA THR A 19 9.56 4.33 -2.04
C THR A 19 9.26 5.17 -0.81
N LEU A 20 8.00 5.22 -0.42
CA LEU A 20 7.61 6.01 0.74
C LEU A 20 8.23 5.45 2.02
N GLN A 21 8.51 4.17 2.03
CA GLN A 21 9.10 3.53 3.20
C GLN A 21 10.43 4.18 3.57
N GLN A 22 11.20 4.56 2.56
CA GLN A 22 12.50 5.19 2.78
C GLN A 22 12.38 6.65 3.19
N PHE A 23 11.28 7.29 2.79
CA PHE A 23 11.07 8.70 3.13
C PHE A 23 11.24 8.92 4.63
N GLY A 24 10.67 8.02 5.42
CA GLY A 24 10.78 8.14 6.87
C GLY A 24 11.44 6.94 7.50
N ASN A 25 12.27 6.25 6.75
CA ASN A 25 12.97 5.08 7.27
C ASN A 25 14.00 5.45 8.33
N ASP A 26 14.19 6.76 8.55
CA ASP A 26 15.16 7.22 9.55
C ASP A 26 14.72 8.51 10.22
N ILE A 27 13.42 8.68 10.41
CA ILE A 27 12.89 9.87 11.06
C ILE A 27 13.03 9.75 12.58
N SER A 28 12.92 8.52 13.07
CA SER A 28 13.03 8.23 14.50
C SER A 28 12.88 6.73 14.76
N PRO A 29 13.27 6.25 15.95
CA PRO A 29 13.15 4.82 16.29
C PRO A 29 11.70 4.35 16.38
N GLU A 30 10.77 5.26 16.12
CA GLU A 30 9.35 4.92 16.18
C GLU A 30 8.72 4.93 14.80
N ILE A 31 9.37 5.62 13.86
CA ILE A 31 8.87 5.68 12.50
C ILE A 31 8.88 4.29 11.92
N GLY A 32 10.01 3.61 12.09
CA GLY A 32 10.11 2.25 11.61
C GLY A 32 8.91 1.45 12.07
N GLU A 33 8.40 1.83 13.24
CA GLU A 33 7.22 1.20 13.82
C GLU A 33 5.96 1.82 13.25
N ARG A 34 6.00 3.14 13.01
CA ARG A 34 4.85 3.84 12.46
C ARG A 34 4.56 3.37 11.05
N VAL A 35 5.54 3.48 10.17
CA VAL A 35 5.37 3.04 8.79
C VAL A 35 4.80 1.64 8.73
N ARG A 36 5.47 0.73 9.42
CA ARG A 36 5.04 -0.66 9.45
C ARG A 36 3.65 -0.78 10.05
N THR A 37 3.37 0.00 11.09
CA THR A 37 2.06 -0.05 11.73
C THR A 37 0.98 0.55 10.84
N LEU A 38 1.34 1.60 10.10
CA LEU A 38 0.40 2.24 9.21
C LEU A 38 -0.17 1.25 8.19
N VAL A 39 0.72 0.55 7.49
CA VAL A 39 0.30 -0.41 6.47
C VAL A 39 -0.51 -1.55 7.08
N LEU A 40 0.02 -2.15 8.15
CA LEU A 40 -0.68 -3.24 8.81
C LEU A 40 -2.02 -2.76 9.38
N GLY A 41 -2.08 -1.48 9.71
CA GLY A 41 -3.30 -0.91 10.24
C GLY A 41 -4.36 -0.75 9.18
N LEU A 42 -3.98 -0.16 8.05
CA LEU A 42 -4.89 0.07 6.95
C LEU A 42 -5.46 -1.24 6.43
N VAL A 43 -4.70 -2.32 6.57
CA VAL A 43 -5.14 -3.62 6.12
C VAL A 43 -5.99 -4.32 7.16
N ASN A 44 -5.79 -3.97 8.43
CA ASN A 44 -6.55 -4.56 9.51
C ASN A 44 -7.91 -3.87 9.67
N SER A 45 -8.27 -3.04 8.71
CA SER A 45 -9.55 -2.31 8.75
C SER A 45 -9.62 -1.38 9.96
N THR A 46 -8.46 -1.13 10.59
CA THR A 46 -8.40 -0.25 11.75
C THR A 46 -7.91 1.14 11.36
N LEU A 47 -7.65 1.35 10.07
CA LEU A 47 -7.18 2.64 9.58
C LEU A 47 -8.18 3.22 8.59
N THR A 48 -7.71 4.16 7.79
CA THR A 48 -8.52 4.82 6.80
C THR A 48 -7.64 5.50 5.78
N ILE A 49 -8.17 5.66 4.59
CA ILE A 49 -7.45 6.28 3.51
C ILE A 49 -6.95 7.66 3.90
N GLU A 50 -7.87 8.48 4.37
CA GLU A 50 -7.55 9.85 4.79
C GLU A 50 -6.49 9.85 5.88
N GLU A 51 -6.53 8.84 6.74
CA GLU A 51 -5.58 8.74 7.85
C GLU A 51 -4.24 8.15 7.39
N PHE A 52 -4.32 6.99 6.77
CA PHE A 52 -3.13 6.30 6.28
C PHE A 52 -2.26 7.20 5.43
N HIS A 53 -2.84 7.70 4.34
CA HIS A 53 -2.12 8.58 3.43
C HIS A 53 -1.59 9.79 4.18
N SER A 54 -2.40 10.27 5.10
CA SER A 54 -2.04 11.43 5.92
C SER A 54 -0.87 11.11 6.83
N LYS A 55 -1.00 10.03 7.61
CA LYS A 55 0.02 9.63 8.55
C LYS A 55 1.27 9.11 7.84
N LEU A 56 1.08 8.19 6.90
CA LEU A 56 2.21 7.65 6.15
C LEU A 56 2.92 8.76 5.41
N GLN A 57 2.20 9.83 5.11
CA GLN A 57 2.79 10.94 4.40
C GLN A 57 3.73 11.71 5.31
N GLU A 58 3.35 11.81 6.57
CA GLU A 58 4.16 12.51 7.56
C GLU A 58 5.35 11.67 8.00
N ALA A 59 5.12 10.37 8.22
CA ALA A 59 6.18 9.48 8.69
C ALA A 59 6.94 8.81 7.54
N THR A 60 6.37 8.80 6.33
CA THR A 60 7.05 8.15 5.21
C THR A 60 6.92 8.93 3.91
N ASN A 61 6.74 10.23 4.01
CA ASN A 61 6.62 11.02 2.82
C ASN A 61 6.97 12.47 3.10
N PHE A 62 6.90 13.30 2.07
CA PHE A 62 7.21 14.70 2.20
C PHE A 62 6.52 15.50 1.10
N PRO A 63 6.83 15.21 -0.17
CA PRO A 63 6.21 15.92 -1.30
C PRO A 63 4.86 15.32 -1.69
N LEU A 64 4.88 14.14 -2.29
CA LEU A 64 3.67 13.46 -2.71
C LEU A 64 2.80 14.37 -3.56
N ARG A 65 1.70 13.81 -4.03
CA ARG A 65 0.76 14.53 -4.88
C ARG A 65 -0.65 14.46 -4.32
N PRO A 66 -1.45 15.51 -4.54
CA PRO A 66 -2.84 15.56 -4.07
C PRO A 66 -3.70 14.43 -4.64
N PHE A 67 -3.18 13.72 -5.64
CA PHE A 67 -3.93 12.61 -6.26
C PHE A 67 -3.44 11.25 -5.79
N VAL A 68 -2.59 11.22 -4.78
CA VAL A 68 -2.07 9.97 -4.24
C VAL A 68 -3.06 9.30 -3.30
N ILE A 69 -3.62 10.07 -2.36
CA ILE A 69 -4.56 9.54 -1.39
C ILE A 69 -5.73 8.81 -2.06
N PRO A 70 -6.19 9.29 -3.23
CA PRO A 70 -7.30 8.67 -3.97
C PRO A 70 -6.92 7.33 -4.56
N PHE A 71 -5.69 7.21 -4.99
CA PHE A 71 -5.19 5.98 -5.58
C PHE A 71 -5.33 4.83 -4.59
N LEU A 72 -4.79 5.03 -3.40
CA LEU A 72 -4.85 4.03 -2.37
C LEU A 72 -6.30 3.60 -2.14
N LYS A 73 -7.22 4.55 -2.32
CA LYS A 73 -8.64 4.27 -2.14
C LYS A 73 -9.12 3.25 -3.18
N ALA A 74 -8.54 3.32 -4.37
CA ALA A 74 -8.90 2.41 -5.45
C ALA A 74 -8.25 1.05 -5.27
N ASN A 75 -6.98 1.06 -4.85
CA ASN A 75 -6.21 -0.16 -4.66
C ASN A 75 -6.41 -0.74 -3.26
N LEU A 76 -7.17 -0.06 -2.42
CA LEU A 76 -7.41 -0.52 -1.05
C LEU A 76 -8.33 -1.75 -0.97
N PRO A 77 -9.29 -1.93 -1.90
CA PRO A 77 -10.22 -3.06 -1.84
C PRO A 77 -9.63 -4.41 -2.24
N LEU A 78 -8.88 -4.43 -3.33
CA LEU A 78 -8.30 -5.67 -3.82
C LEU A 78 -7.24 -6.25 -2.86
N LEU A 79 -6.35 -5.41 -2.33
CA LEU A 79 -5.31 -5.88 -1.43
C LEU A 79 -5.91 -6.55 -0.21
N GLN A 80 -7.04 -6.05 0.24
CA GLN A 80 -7.69 -6.59 1.41
C GLN A 80 -8.54 -7.80 1.05
N ARG A 81 -9.45 -7.62 0.12
CA ARG A 81 -10.36 -8.68 -0.30
C ARG A 81 -9.65 -9.80 -1.07
N GLU A 82 -9.00 -9.46 -2.18
CA GLU A 82 -8.32 -10.48 -2.99
C GLU A 82 -7.28 -11.26 -2.17
N LEU A 83 -6.57 -10.56 -1.29
CA LEU A 83 -5.56 -11.22 -0.45
C LEU A 83 -6.21 -11.97 0.70
N LEU A 84 -7.37 -11.49 1.15
CA LEU A 84 -8.08 -12.13 2.25
C LEU A 84 -8.28 -13.62 2.00
N HIS A 85 -8.38 -14.00 0.74
CA HIS A 85 -8.59 -15.39 0.37
C HIS A 85 -7.41 -16.27 0.83
N CYS A 86 -6.24 -15.66 0.93
CA CYS A 86 -5.04 -16.38 1.36
C CYS A 86 -4.98 -16.48 2.87
N ALA A 87 -5.47 -15.44 3.52
CA ALA A 87 -5.48 -15.39 4.98
C ALA A 87 -6.28 -16.55 5.57
N ARG A 88 -7.17 -17.11 4.75
CA ARG A 88 -8.01 -18.23 5.17
C ARG A 88 -7.14 -19.43 5.56
N LEU A 89 -6.15 -19.72 4.73
CA LEU A 89 -5.25 -20.83 4.98
C LEU A 89 -4.54 -20.68 6.33
N ALA A 90 -4.46 -19.43 6.81
CA ALA A 90 -3.81 -19.15 8.08
C ALA A 90 -2.29 -19.27 7.98
N LYS A 91 -1.82 -20.00 6.96
CA LYS A 91 -0.39 -20.19 6.76
C LYS A 91 0.24 -21.07 7.85
N GLN A 92 -0.55 -21.39 8.87
CA GLN A 92 -0.05 -22.23 9.96
C GLN A 92 -1.21 -22.81 10.78
N ASN A 93 -2.40 -22.83 10.21
CA ASN A 93 -3.58 -23.37 10.89
C ASN A 93 -4.73 -23.59 9.92
N PRO A 94 -4.59 -24.57 9.01
CA PRO A 94 -5.62 -24.89 8.01
C PRO A 94 -6.88 -25.46 8.68
N ALA A 95 -6.69 -26.17 9.78
CA ALA A 95 -7.80 -26.78 10.51
C ALA A 95 -8.67 -25.72 11.19
N GLN A 96 -8.16 -24.50 11.27
CA GLN A 96 -8.89 -23.40 11.91
C GLN A 96 -9.91 -22.81 10.95
N TYR A 97 -9.55 -22.74 9.67
CA TYR A 97 -10.43 -22.19 8.64
C TYR A 97 -11.08 -20.89 9.11
N LEU A 98 -10.50 -19.76 8.71
CA LEU A 98 -11.02 -18.46 9.09
C LEU A 98 -12.26 -18.09 8.27
N ALA A 99 -12.68 -19.01 7.40
CA ALA A 99 -13.85 -18.79 6.54
C ALA A 99 -15.15 -19.04 7.30
N GLN A 100 -15.34 -20.29 7.70
CA GLN A 100 -16.55 -20.67 8.42
C GLN A 100 -16.41 -22.07 9.01
N HIS A 101 -16.38 -23.08 8.14
CA HIS A 101 -16.24 -24.46 8.58
C HIS A 101 -15.89 -25.38 7.42
N GLU A 102 -15.14 -24.86 6.47
CA GLU A 102 -14.73 -25.63 5.30
C GLU A 102 -15.94 -26.10 4.52
N GLN A 103 -16.09 -25.58 3.31
CA GLN A 103 -17.22 -25.93 2.45
C GLN A 103 -16.72 -26.33 1.06
N ILE B 1 -3.73 -2.55 -17.31
CA ILE B 1 -2.44 -3.27 -17.32
C ILE B 1 -1.45 -2.72 -18.34
N GLY B 2 -0.21 -2.53 -17.90
CA GLY B 2 0.82 -2.02 -18.78
C GLY B 2 1.50 -0.78 -18.23
N THR B 3 2.76 -0.60 -18.62
CA THR B 3 3.55 0.55 -18.19
C THR B 3 3.73 0.56 -16.67
N ASP B 4 4.98 0.59 -16.23
CA ASP B 4 5.29 0.61 -14.80
C ASP B 4 5.01 1.99 -14.19
N LYS B 5 4.28 2.82 -14.92
CA LYS B 5 3.94 4.16 -14.45
C LYS B 5 3.08 4.11 -13.19
N GLU B 6 2.74 2.91 -12.75
CA GLU B 6 1.92 2.74 -11.56
C GLU B 6 2.58 3.37 -10.32
N LEU B 7 3.89 3.59 -10.39
CA LEU B 7 4.61 4.20 -9.28
C LEU B 7 4.82 5.69 -9.53
N SER B 8 4.99 6.05 -10.79
CA SER B 8 5.21 7.45 -11.16
C SER B 8 3.91 8.25 -11.18
N ASP B 9 2.83 7.60 -11.59
CA ASP B 9 1.52 8.25 -11.68
C ASP B 9 1.09 8.81 -10.34
N LEU B 10 1.57 8.18 -9.27
CA LEU B 10 1.20 8.60 -7.91
C LEU B 10 2.34 9.35 -7.24
N LEU B 11 3.57 8.98 -7.56
CA LEU B 11 4.73 9.64 -6.98
C LEU B 11 5.50 10.40 -8.05
N ASP B 12 5.45 11.72 -7.99
CA ASP B 12 6.14 12.57 -8.96
C ASP B 12 7.64 12.59 -8.69
N PHE B 13 8.37 11.77 -9.42
CA PHE B 13 9.81 11.70 -9.27
C PHE B 13 10.51 12.36 -10.46
N SER B 14 9.89 12.22 -11.62
CA SER B 14 10.43 12.80 -12.85
C SER B 14 10.14 14.29 -12.94
N ALA B 15 9.20 14.77 -12.13
CA ALA B 15 8.84 16.19 -12.13
C ALA B 15 9.71 16.99 -11.16
N MET B 16 10.74 16.35 -10.62
CA MET B 16 11.64 17.01 -9.68
C MET B 16 13.04 17.15 -10.26
N PHE B 17 13.49 16.09 -10.93
CA PHE B 17 14.82 16.09 -11.54
C PHE B 17 14.73 16.34 -13.05
N SER B 18 14.81 17.61 -13.42
CA SER B 18 14.75 17.99 -14.83
C SER B 18 15.90 18.92 -15.20
N GLY A 1 -1.89 -15.44 -7.51
CA GLY A 1 -1.92 -15.55 -6.02
C GLY A 1 -3.31 -15.31 -5.45
N ALA A 2 -4.05 -14.37 -6.02
CA ALA A 2 -5.39 -14.05 -5.55
C ALA A 2 -6.34 -13.84 -6.72
N MET A 3 -7.63 -14.05 -6.46
CA MET A 3 -8.64 -13.90 -7.50
C MET A 3 -9.76 -12.97 -7.02
N GLY A 4 -10.46 -12.36 -7.96
CA GLY A 4 -11.55 -11.46 -7.62
C GLY A 4 -11.27 -10.04 -8.04
N SER A 5 -10.43 -9.88 -9.07
CA SER A 5 -10.07 -8.57 -9.56
C SER A 5 -9.40 -7.76 -8.47
N GLY A 6 -8.65 -8.44 -7.59
CA GLY A 6 -7.98 -7.77 -6.50
C GLY A 6 -6.47 -7.93 -6.53
N ALA A 7 -6.01 -8.93 -7.27
CA ALA A 7 -4.59 -9.18 -7.38
C ALA A 7 -3.89 -8.06 -8.13
N ARG A 8 -4.64 -7.31 -8.92
CA ARG A 8 -4.09 -6.21 -9.73
C ARG A 8 -3.38 -5.14 -8.89
N GLN A 9 -4.10 -4.53 -7.96
CA GLN A 9 -3.55 -3.46 -7.14
C GLN A 9 -2.27 -3.87 -6.42
N LEU A 10 -2.23 -5.09 -5.93
CA LEU A 10 -1.07 -5.58 -5.20
C LEU A 10 0.22 -5.26 -5.93
N SER A 11 0.12 -5.05 -7.23
CA SER A 11 1.28 -4.70 -8.00
C SER A 11 1.54 -3.20 -7.86
N LYS A 12 0.52 -2.40 -8.13
CA LYS A 12 0.61 -0.94 -8.04
C LYS A 12 0.81 -0.44 -6.62
N LEU A 13 0.15 -1.06 -5.64
CA LEU A 13 0.26 -0.61 -4.27
C LEU A 13 1.48 -1.15 -3.55
N LYS A 14 1.69 -2.45 -3.61
CA LYS A 14 2.83 -3.06 -2.93
C LYS A 14 4.12 -2.31 -3.23
N ARG A 15 4.26 -1.85 -4.46
CA ARG A 15 5.46 -1.11 -4.87
C ARG A 15 5.48 0.29 -4.25
N PHE A 16 4.36 0.99 -4.33
CA PHE A 16 4.25 2.35 -3.82
C PHE A 16 4.74 2.50 -2.40
N LEU A 17 4.18 1.72 -1.50
CA LEU A 17 4.51 1.79 -0.09
C LEU A 17 6.01 1.62 0.16
N THR A 18 6.67 0.85 -0.68
CA THR A 18 8.10 0.60 -0.53
C THR A 18 8.93 1.89 -0.57
N THR A 19 8.51 2.82 -1.41
CA THR A 19 9.22 4.09 -1.54
C THR A 19 8.93 5.00 -0.38
N LEU A 20 7.67 5.10 -0.01
CA LEU A 20 7.26 5.94 1.09
C LEU A 20 8.01 5.56 2.36
N GLN A 21 8.40 4.29 2.45
CA GLN A 21 9.16 3.80 3.59
C GLN A 21 10.52 4.50 3.70
N GLN A 22 11.19 4.64 2.56
CA GLN A 22 12.51 5.27 2.52
C GLN A 22 12.42 6.77 2.74
N PHE A 23 11.29 7.36 2.38
CA PHE A 23 11.08 8.78 2.53
C PHE A 23 11.31 9.21 3.97
N GLY A 24 10.99 8.32 4.90
CA GLY A 24 11.18 8.60 6.30
C GLY A 24 11.77 7.45 7.04
N ASN A 25 12.64 6.69 6.37
CA ASN A 25 13.28 5.53 6.97
C ASN A 25 14.37 5.96 7.96
N ASP A 26 14.19 7.12 8.59
CA ASP A 26 15.17 7.63 9.54
C ASP A 26 14.62 8.80 10.35
N ILE A 27 13.30 8.89 10.46
CA ILE A 27 12.67 9.96 11.22
C ILE A 27 12.72 9.62 12.71
N SER A 28 12.60 8.34 13.03
CA SER A 28 12.64 7.87 14.41
C SER A 28 12.52 6.35 14.46
N PRO A 29 12.85 5.73 15.61
CA PRO A 29 12.76 4.27 15.77
C PRO A 29 11.33 3.76 15.69
N GLU A 30 10.38 4.67 15.48
CA GLU A 30 8.97 4.31 15.38
C GLU A 30 8.48 4.39 13.95
N ILE A 31 9.05 5.32 13.20
CA ILE A 31 8.70 5.50 11.79
C ILE A 31 8.79 4.18 11.07
N GLY A 32 9.91 3.50 11.27
CA GLY A 32 10.09 2.20 10.67
C GLY A 32 8.92 1.30 11.02
N GLU A 33 8.37 1.55 12.21
CA GLU A 33 7.22 0.80 12.70
C GLU A 33 5.92 1.42 12.20
N ARG A 34 5.93 2.74 12.02
CA ARG A 34 4.75 3.45 11.54
C ARG A 34 4.48 3.13 10.09
N VAL A 35 5.46 3.37 9.23
CA VAL A 35 5.29 3.10 7.82
C VAL A 35 4.78 1.69 7.58
N ARG A 36 5.39 0.72 8.25
CA ARG A 36 4.99 -0.68 8.10
C ARG A 36 3.59 -0.90 8.65
N THR A 37 3.28 -0.28 9.79
CA THR A 37 1.97 -0.43 10.39
C THR A 37 0.89 0.27 9.55
N LEU A 38 1.25 1.37 8.91
CA LEU A 38 0.31 2.12 8.08
C LEU A 38 -0.29 1.23 6.99
N VAL A 39 0.57 0.55 6.24
CA VAL A 39 0.10 -0.33 5.16
C VAL A 39 -0.76 -1.47 5.70
N LEU A 40 -0.21 -2.22 6.63
CA LEU A 40 -0.94 -3.34 7.20
C LEU A 40 -2.18 -2.84 7.94
N GLY A 41 -2.08 -1.64 8.48
CA GLY A 41 -3.20 -1.06 9.18
C GLY A 41 -4.32 -0.71 8.22
N LEU A 42 -3.98 0.06 7.21
CA LEU A 42 -4.92 0.48 6.19
C LEU A 42 -5.56 -0.72 5.49
N VAL A 43 -4.82 -1.82 5.39
CA VAL A 43 -5.33 -3.02 4.76
C VAL A 43 -6.07 -3.90 5.77
N ASN A 44 -5.70 -3.77 7.05
CA ASN A 44 -6.36 -4.56 8.10
C ASN A 44 -7.68 -3.92 8.52
N SER A 45 -8.14 -2.93 7.75
CA SER A 45 -9.40 -2.25 8.06
C SER A 45 -9.30 -1.48 9.37
N THR A 46 -8.08 -1.31 9.88
CA THR A 46 -7.86 -0.58 11.12
C THR A 46 -7.47 0.87 10.86
N LEU A 47 -7.31 1.22 9.58
CA LEU A 47 -6.92 2.57 9.19
C LEU A 47 -7.98 3.19 8.27
N THR A 48 -7.56 4.18 7.51
CA THR A 48 -8.41 4.88 6.58
C THR A 48 -7.56 5.59 5.57
N ILE A 49 -8.14 5.85 4.43
CA ILE A 49 -7.45 6.52 3.35
C ILE A 49 -6.99 7.89 3.78
N GLU A 50 -7.94 8.68 4.25
CA GLU A 50 -7.65 10.03 4.69
C GLU A 50 -6.63 10.04 5.82
N GLU A 51 -6.66 9.00 6.63
CA GLU A 51 -5.74 8.86 7.76
C GLU A 51 -4.38 8.36 7.31
N PHE A 52 -4.38 7.25 6.58
CA PHE A 52 -3.15 6.66 6.08
C PHE A 52 -2.30 7.70 5.35
N HIS A 53 -2.87 8.31 4.32
CA HIS A 53 -2.16 9.32 3.56
C HIS A 53 -1.75 10.48 4.44
N SER A 54 -2.67 10.91 5.29
CA SER A 54 -2.42 12.02 6.21
C SER A 54 -1.28 11.67 7.15
N LYS A 55 -1.40 10.52 7.82
CA LYS A 55 -0.39 10.07 8.77
C LYS A 55 0.92 9.73 8.05
N LEU A 56 0.82 8.95 6.99
CA LEU A 56 2.00 8.58 6.22
C LEU A 56 2.83 9.80 5.85
N GLN A 57 2.18 10.95 5.82
CA GLN A 57 2.85 12.21 5.49
C GLN A 57 3.99 12.48 6.47
N GLU A 58 3.76 12.17 7.75
CA GLU A 58 4.76 12.41 8.77
C GLU A 58 5.91 11.39 8.67
N ALA A 59 5.56 10.11 8.67
CA ALA A 59 6.57 9.07 8.60
C ALA A 59 7.39 9.18 7.33
N THR A 60 6.71 9.36 6.20
CA THR A 60 7.40 9.46 4.92
C THR A 60 7.85 10.89 4.63
N ASN A 61 8.07 11.66 5.70
CA ASN A 61 8.52 13.02 5.56
C ASN A 61 7.50 13.88 4.82
N PHE A 62 7.43 13.71 3.50
CA PHE A 62 6.50 14.47 2.67
C PHE A 62 5.41 13.56 2.10
N PRO A 63 4.18 14.10 1.92
CA PRO A 63 3.05 13.35 1.38
C PRO A 63 3.04 13.31 -0.14
N LEU A 64 4.05 13.92 -0.75
CA LEU A 64 4.15 13.97 -2.19
C LEU A 64 2.87 14.55 -2.81
N ARG A 65 2.61 14.23 -4.06
CA ARG A 65 1.42 14.74 -4.76
C ARG A 65 0.15 14.31 -4.05
N PRO A 66 -0.88 15.17 -4.01
CA PRO A 66 -2.16 14.86 -3.36
C PRO A 66 -2.93 13.75 -4.09
N PHE A 67 -2.48 13.41 -5.30
CA PHE A 67 -3.14 12.37 -6.09
C PHE A 67 -2.80 10.97 -5.59
N VAL A 68 -2.04 10.90 -4.50
CA VAL A 68 -1.66 9.63 -3.91
C VAL A 68 -2.78 9.03 -3.06
N ILE A 69 -3.37 9.87 -2.21
CA ILE A 69 -4.45 9.43 -1.31
C ILE A 69 -5.59 8.76 -2.05
N PRO A 70 -5.93 9.22 -3.26
CA PRO A 70 -7.03 8.65 -4.04
C PRO A 70 -6.68 7.28 -4.64
N PHE A 71 -5.49 7.17 -5.21
CA PHE A 71 -5.06 5.92 -5.81
C PHE A 71 -5.15 4.79 -4.79
N LEU A 72 -4.64 5.05 -3.58
CA LEU A 72 -4.70 4.05 -2.52
C LEU A 72 -6.14 3.60 -2.27
N LYS A 73 -7.08 4.54 -2.42
CA LYS A 73 -8.50 4.26 -2.23
C LYS A 73 -9.01 3.23 -3.23
N ALA A 74 -8.39 3.21 -4.40
CA ALA A 74 -8.79 2.30 -5.44
C ALA A 74 -8.16 0.92 -5.26
N ASN A 75 -6.92 0.90 -4.79
CA ASN A 75 -6.23 -0.36 -4.61
C ASN A 75 -6.42 -0.93 -3.22
N LEU A 76 -6.82 -0.09 -2.29
CA LEU A 76 -7.01 -0.52 -0.92
C LEU A 76 -7.91 -1.76 -0.79
N PRO A 77 -8.99 -1.84 -1.59
CA PRO A 77 -9.95 -2.96 -1.52
C PRO A 77 -9.44 -4.27 -2.09
N LEU A 78 -8.66 -4.19 -3.16
CA LEU A 78 -8.12 -5.39 -3.80
C LEU A 78 -7.23 -6.19 -2.85
N LEU A 79 -6.38 -5.46 -2.13
CA LEU A 79 -5.44 -6.07 -1.17
C LEU A 79 -6.13 -6.62 0.07
N GLN A 80 -7.18 -5.95 0.50
CA GLN A 80 -7.90 -6.36 1.69
C GLN A 80 -8.55 -7.71 1.49
N ARG A 81 -9.31 -7.83 0.41
CA ARG A 81 -10.01 -9.08 0.10
C ARG A 81 -9.05 -10.20 -0.32
N GLU A 82 -8.05 -9.87 -1.14
CA GLU A 82 -7.10 -10.87 -1.62
C GLU A 82 -6.37 -11.54 -0.46
N LEU A 83 -6.00 -10.76 0.55
CA LEU A 83 -5.27 -11.29 1.70
C LEU A 83 -6.16 -12.26 2.50
N LEU A 84 -7.44 -11.95 2.59
CA LEU A 84 -8.39 -12.79 3.32
C LEU A 84 -8.87 -13.95 2.45
N HIS A 85 -9.31 -13.64 1.24
CA HIS A 85 -9.79 -14.66 0.32
C HIS A 85 -8.75 -15.74 0.11
N CYS A 86 -7.47 -15.38 0.19
CA CYS A 86 -6.39 -16.34 0.00
C CYS A 86 -6.14 -17.17 1.25
N ALA A 87 -6.36 -16.55 2.39
CA ALA A 87 -6.16 -17.21 3.68
C ALA A 87 -7.16 -18.33 3.89
N ARG A 88 -8.28 -18.28 3.18
CA ARG A 88 -9.32 -19.29 3.31
C ARG A 88 -9.00 -20.54 2.48
N LEU A 89 -8.76 -20.36 1.19
CA LEU A 89 -8.45 -21.48 0.31
C LEU A 89 -6.98 -21.91 0.43
N ALA A 90 -6.20 -21.14 1.18
CA ALA A 90 -4.78 -21.46 1.39
C ALA A 90 -4.58 -22.92 1.77
N LYS A 91 -5.54 -23.48 2.51
CA LYS A 91 -5.46 -24.87 2.93
C LYS A 91 -6.03 -25.80 1.87
N GLN A 92 -7.29 -25.59 1.59
CA GLN A 92 -8.00 -26.38 0.59
C GLN A 92 -8.03 -27.86 0.96
N ASN A 93 -7.12 -28.62 0.38
CA ASN A 93 -7.03 -30.06 0.65
C ASN A 93 -6.86 -30.35 2.13
N PRO A 94 -7.94 -30.79 2.81
CA PRO A 94 -7.89 -31.11 4.24
C PRO A 94 -7.09 -32.39 4.52
N ALA A 95 -6.83 -33.16 3.47
CA ALA A 95 -6.08 -34.40 3.59
C ALA A 95 -4.71 -34.17 4.23
N GLN A 96 -4.27 -32.91 4.25
CA GLN A 96 -2.97 -32.55 4.82
C GLN A 96 -2.87 -33.02 6.27
N TYR A 97 -4.01 -33.15 6.94
CA TYR A 97 -4.05 -33.59 8.32
C TYR A 97 -5.29 -34.43 8.61
N LEU A 98 -5.08 -35.73 8.85
CA LEU A 98 -6.17 -36.64 9.13
C LEU A 98 -6.46 -36.71 10.63
N ALA A 99 -5.40 -36.76 11.42
CA ALA A 99 -5.54 -36.82 12.87
C ALA A 99 -6.27 -35.59 13.41
N GLN A 100 -5.75 -34.41 13.09
CA GLN A 100 -6.36 -33.16 13.54
C GLN A 100 -7.48 -32.73 12.58
N HIS A 101 -8.71 -33.09 12.93
CA HIS A 101 -9.86 -32.74 12.10
C HIS A 101 -10.61 -31.56 12.70
N GLU A 102 -10.65 -30.45 11.95
CA GLU A 102 -11.33 -29.25 12.41
C GLU A 102 -10.72 -28.73 13.70
N GLN A 103 -9.43 -29.01 13.90
CA GLN A 103 -8.73 -28.56 15.09
C GLN A 103 -7.38 -27.95 14.74
N ILE B 1 13.09 -4.78 -8.31
CA ILE B 1 12.81 -3.79 -9.36
C ILE B 1 13.48 -2.44 -9.05
N GLY B 2 13.30 -1.48 -9.96
CA GLY B 2 13.88 -0.16 -9.76
C GLY B 2 13.16 0.89 -10.56
N THR B 3 12.70 1.94 -9.89
CA THR B 3 11.97 3.04 -10.53
C THR B 3 10.98 2.54 -11.58
N ASP B 4 9.75 2.28 -11.15
CA ASP B 4 8.70 1.82 -12.06
C ASP B 4 7.63 2.89 -12.24
N LYS B 5 6.90 2.80 -13.35
CA LYS B 5 5.85 3.76 -13.64
C LYS B 5 4.80 3.78 -12.55
N GLU B 6 4.62 2.62 -11.91
CA GLU B 6 3.64 2.48 -10.85
C GLU B 6 3.85 3.53 -9.77
N LEU B 7 5.09 3.79 -9.43
CA LEU B 7 5.43 4.75 -8.40
C LEU B 7 5.47 6.16 -8.97
N SER B 8 5.85 6.27 -10.23
CA SER B 8 5.96 7.56 -10.90
C SER B 8 4.59 8.11 -11.29
N ASP B 9 3.67 7.22 -11.63
CA ASP B 9 2.32 7.63 -12.02
C ASP B 9 1.53 8.19 -10.84
N LEU B 10 2.19 8.33 -9.69
CA LEU B 10 1.53 8.86 -8.50
C LEU B 10 2.49 9.64 -7.62
N LEU B 11 3.75 9.19 -7.55
CA LEU B 11 4.77 9.87 -6.74
C LEU B 11 5.64 10.77 -7.62
N ASP B 12 5.79 10.39 -8.88
CA ASP B 12 6.60 11.15 -9.82
C ASP B 12 8.05 11.22 -9.34
N PHE B 13 8.92 10.45 -9.99
CA PHE B 13 10.33 10.43 -9.63
C PHE B 13 11.00 11.77 -9.93
N SER B 14 10.59 12.41 -11.02
CA SER B 14 11.16 13.70 -11.41
C SER B 14 10.64 14.83 -10.55
N ALA B 15 9.36 14.77 -10.19
CA ALA B 15 8.75 15.80 -9.35
C ALA B 15 9.41 15.86 -7.98
N MET B 16 10.05 14.77 -7.59
CA MET B 16 10.71 14.71 -6.29
C MET B 16 12.22 14.77 -6.46
N PHE B 17 12.78 13.81 -7.18
CA PHE B 17 14.22 13.77 -7.40
C PHE B 17 14.59 14.50 -8.69
N SER B 18 15.88 14.74 -8.87
CA SER B 18 16.36 15.44 -10.06
C SER B 18 17.00 14.48 -11.04
N GLY A 1 -15.42 -13.46 -20.56
CA GLY A 1 -14.66 -14.22 -19.54
C GLY A 1 -14.64 -13.54 -18.19
N ALA A 2 -14.33 -12.25 -18.18
CA ALA A 2 -14.30 -11.49 -16.94
C ALA A 2 -13.28 -12.07 -15.97
N MET A 3 -12.12 -11.44 -15.90
CA MET A 3 -11.06 -11.91 -15.02
C MET A 3 -11.28 -11.37 -13.59
N GLY A 4 -10.49 -11.88 -12.65
CA GLY A 4 -10.61 -11.45 -11.27
C GLY A 4 -10.12 -10.03 -11.05
N SER A 5 -10.27 -9.54 -9.83
CA SER A 5 -9.83 -8.19 -9.50
C SER A 5 -9.35 -8.15 -8.05
N GLY A 6 -8.03 -8.18 -7.86
CA GLY A 6 -7.49 -8.16 -6.53
C GLY A 6 -5.98 -8.22 -6.51
N ALA A 7 -5.45 -9.11 -7.31
CA ALA A 7 -4.04 -9.30 -7.38
C ALA A 7 -3.36 -8.18 -8.16
N ARG A 8 -4.12 -7.48 -8.99
CA ARG A 8 -3.60 -6.40 -9.80
C ARG A 8 -3.07 -5.23 -8.96
N GLN A 9 -3.93 -4.64 -8.13
CA GLN A 9 -3.52 -3.49 -7.32
C GLN A 9 -2.25 -3.76 -6.52
N LEU A 10 -2.16 -4.94 -5.93
CA LEU A 10 -1.00 -5.27 -5.12
C LEU A 10 0.31 -4.98 -5.87
N SER A 11 0.22 -4.92 -7.18
CA SER A 11 1.39 -4.64 -7.99
C SER A 11 1.93 -3.24 -7.70
N LYS A 12 1.03 -2.27 -7.62
CA LYS A 12 1.41 -0.88 -7.33
C LYS A 12 1.65 -0.68 -5.84
N LEU A 13 0.81 -1.28 -5.03
CA LEU A 13 0.91 -1.15 -3.59
C LEU A 13 2.22 -1.71 -3.07
N LYS A 14 2.52 -2.95 -3.41
CA LYS A 14 3.76 -3.57 -2.94
C LYS A 14 4.97 -2.75 -3.32
N ARG A 15 4.92 -2.08 -4.46
CA ARG A 15 6.04 -1.26 -4.91
C ARG A 15 5.99 0.13 -4.31
N PHE A 16 4.85 0.80 -4.47
CA PHE A 16 4.67 2.16 -3.97
C PHE A 16 5.00 2.27 -2.49
N LEU A 17 4.53 1.31 -1.70
CA LEU A 17 4.77 1.32 -0.27
C LEU A 17 6.26 1.27 0.08
N THR A 18 7.00 0.43 -0.64
CA THR A 18 8.43 0.28 -0.40
C THR A 18 9.20 1.57 -0.64
N THR A 19 8.62 2.49 -1.40
CA THR A 19 9.28 3.76 -1.69
C THR A 19 8.96 4.80 -0.61
N LEU A 20 7.67 5.08 -0.44
CA LEU A 20 7.23 6.07 0.55
C LEU A 20 7.79 5.79 1.93
N GLN A 21 8.00 4.51 2.23
CA GLN A 21 8.53 4.11 3.53
C GLN A 21 9.94 4.66 3.73
N GLN A 22 10.68 4.77 2.62
CA GLN A 22 12.05 5.26 2.69
C GLN A 22 12.10 6.76 2.82
N PHE A 23 11.07 7.45 2.36
CA PHE A 23 11.02 8.91 2.44
C PHE A 23 11.11 9.36 3.89
N GLY A 24 10.64 8.51 4.80
CA GLY A 24 10.68 8.84 6.21
C GLY A 24 11.27 7.72 7.03
N ASN A 25 12.02 6.83 6.38
CA ASN A 25 12.65 5.71 7.06
C ASN A 25 13.82 6.17 7.92
N ASP A 26 13.80 7.43 8.33
CA ASP A 26 14.87 7.99 9.15
C ASP A 26 14.36 9.13 10.03
N ILE A 27 13.04 9.17 10.25
CA ILE A 27 12.45 10.22 11.07
C ILE A 27 12.62 9.87 12.56
N SER A 28 12.54 8.58 12.86
CA SER A 28 12.70 8.08 14.23
C SER A 28 12.58 6.56 14.25
N PRO A 29 13.06 5.91 15.32
CA PRO A 29 13.01 4.45 15.45
C PRO A 29 11.58 3.91 15.36
N GLU A 30 10.61 4.81 15.37
CA GLU A 30 9.19 4.43 15.29
C GLU A 30 8.70 4.48 13.85
N ILE A 31 9.15 5.47 13.12
CA ILE A 31 8.73 5.63 11.73
C ILE A 31 8.89 4.34 10.99
N GLY A 32 10.02 3.68 11.18
CA GLY A 32 10.23 2.41 10.52
C GLY A 32 9.09 1.46 10.85
N GLU A 33 8.56 1.62 12.06
CA GLU A 33 7.44 0.82 12.53
C GLU A 33 6.12 1.43 12.08
N ARG A 34 6.10 2.75 11.97
CA ARG A 34 4.90 3.46 11.56
C ARG A 34 4.56 3.14 10.11
N VAL A 35 5.49 3.41 9.21
CA VAL A 35 5.25 3.14 7.81
C VAL A 35 4.79 1.71 7.59
N ARG A 36 5.50 0.77 8.20
CA ARG A 36 5.15 -0.64 8.05
C ARG A 36 3.77 -0.92 8.65
N THR A 37 3.49 -0.32 9.81
CA THR A 37 2.21 -0.51 10.46
C THR A 37 1.09 0.19 9.68
N LEU A 38 1.42 1.27 8.98
CA LEU A 38 0.43 2.01 8.21
C LEU A 38 -0.28 1.09 7.22
N VAL A 39 0.50 0.43 6.37
CA VAL A 39 -0.06 -0.45 5.35
C VAL A 39 -0.86 -1.58 5.97
N LEU A 40 -0.24 -2.30 6.90
CA LEU A 40 -0.91 -3.40 7.57
C LEU A 40 -2.11 -2.91 8.36
N GLY A 41 -2.02 -1.67 8.86
CA GLY A 41 -3.13 -1.11 9.60
C GLY A 41 -4.31 -0.82 8.69
N LEU A 42 -4.05 -0.09 7.63
CA LEU A 42 -5.08 0.25 6.65
C LEU A 42 -5.75 -1.00 6.11
N VAL A 43 -4.95 -1.99 5.76
CA VAL A 43 -5.47 -3.24 5.23
C VAL A 43 -6.17 -4.05 6.32
N ASN A 44 -5.74 -3.87 7.56
CA ASN A 44 -6.34 -4.58 8.69
C ASN A 44 -7.67 -3.95 9.10
N SER A 45 -8.20 -3.05 8.28
CA SER A 45 -9.47 -2.38 8.57
C SER A 45 -9.36 -1.53 9.84
N THR A 46 -8.15 -1.36 10.36
CA THR A 46 -7.93 -0.58 11.55
C THR A 46 -7.53 0.86 11.21
N LEU A 47 -7.34 1.13 9.92
CA LEU A 47 -6.96 2.46 9.46
C LEU A 47 -8.01 3.01 8.51
N THR A 48 -7.60 3.97 7.69
CA THR A 48 -8.46 4.60 6.72
C THR A 48 -7.61 5.31 5.69
N ILE A 49 -8.18 5.49 4.52
CA ILE A 49 -7.50 6.17 3.45
C ILE A 49 -7.10 7.57 3.85
N GLU A 50 -8.08 8.34 4.28
CA GLU A 50 -7.86 9.71 4.71
C GLU A 50 -6.82 9.76 5.81
N GLU A 51 -6.77 8.72 6.64
CA GLU A 51 -5.82 8.65 7.75
C GLU A 51 -4.44 8.20 7.27
N PHE A 52 -4.43 7.11 6.51
CA PHE A 52 -3.19 6.55 5.98
C PHE A 52 -2.36 7.61 5.26
N HIS A 53 -2.92 8.21 4.23
CA HIS A 53 -2.21 9.23 3.46
C HIS A 53 -1.89 10.44 4.32
N SER A 54 -2.82 10.77 5.21
CA SER A 54 -2.65 11.92 6.10
C SER A 54 -1.54 11.70 7.12
N LYS A 55 -1.55 10.54 7.75
CA LYS A 55 -0.56 10.20 8.76
C LYS A 55 0.75 9.75 8.11
N LEU A 56 0.67 8.90 7.09
CA LEU A 56 1.87 8.43 6.42
C LEU A 56 2.74 9.59 5.97
N GLN A 57 2.12 10.60 5.36
CA GLN A 57 2.86 11.76 4.87
C GLN A 57 3.76 12.32 5.98
N GLU A 58 3.38 12.08 7.23
CA GLU A 58 4.17 12.53 8.37
C GLU A 58 5.39 11.66 8.56
N ALA A 59 5.18 10.34 8.64
CA ALA A 59 6.27 9.39 8.82
C ALA A 59 7.18 9.35 7.61
N THR A 60 6.58 9.44 6.42
CA THR A 60 7.34 9.41 5.18
C THR A 60 8.07 10.75 4.96
N ASN A 61 7.85 11.71 5.86
CA ASN A 61 8.50 13.02 5.76
C ASN A 61 8.10 13.74 4.47
N PHE A 62 8.78 13.42 3.37
CA PHE A 62 8.51 14.06 2.09
C PHE A 62 7.12 13.67 1.56
N PRO A 63 6.14 14.57 1.66
CA PRO A 63 4.78 14.30 1.18
C PRO A 63 4.70 14.26 -0.34
N LEU A 64 4.45 13.07 -0.85
CA LEU A 64 4.34 12.85 -2.29
C LEU A 64 3.16 13.63 -2.84
N ARG A 65 2.65 13.24 -4.00
CA ARG A 65 1.53 13.91 -4.61
C ARG A 65 0.24 13.71 -3.82
N PRO A 66 -0.43 14.80 -3.40
CA PRO A 66 -1.68 14.72 -2.64
C PRO A 66 -2.73 13.86 -3.34
N PHE A 67 -2.58 13.68 -4.65
CA PHE A 67 -3.53 12.88 -5.43
C PHE A 67 -3.26 11.39 -5.27
N VAL A 68 -2.37 11.03 -4.35
CA VAL A 68 -2.04 9.64 -4.10
C VAL A 68 -3.09 8.97 -3.21
N ILE A 69 -3.68 9.75 -2.31
CA ILE A 69 -4.68 9.23 -1.37
C ILE A 69 -5.83 8.52 -2.08
N PRO A 70 -6.26 9.01 -3.26
CA PRO A 70 -7.36 8.41 -4.00
C PRO A 70 -6.98 7.08 -4.65
N PHE A 71 -5.75 6.99 -5.11
CA PHE A 71 -5.29 5.77 -5.75
C PHE A 71 -5.41 4.58 -4.79
N LEU A 72 -4.89 4.75 -3.58
CA LEU A 72 -4.95 3.71 -2.58
C LEU A 72 -6.39 3.25 -2.34
N LYS A 73 -7.33 4.19 -2.43
CA LYS A 73 -8.75 3.88 -2.22
C LYS A 73 -9.28 2.97 -3.32
N ALA A 74 -8.84 3.21 -4.55
CA ALA A 74 -9.27 2.42 -5.68
C ALA A 74 -8.68 1.03 -5.65
N ASN A 75 -7.40 0.94 -5.31
CA ASN A 75 -6.75 -0.36 -5.26
C ASN A 75 -6.88 -1.01 -3.89
N LEU A 76 -7.37 -0.27 -2.92
CA LEU A 76 -7.54 -0.79 -1.56
C LEU A 76 -8.34 -2.10 -1.53
N PRO A 77 -9.46 -2.16 -2.27
CA PRO A 77 -10.33 -3.35 -2.30
C PRO A 77 -9.57 -4.63 -2.65
N LEU A 78 -8.60 -4.51 -3.54
CA LEU A 78 -7.81 -5.66 -3.96
C LEU A 78 -6.81 -6.07 -2.89
N LEU A 79 -6.16 -5.08 -2.30
CA LEU A 79 -5.16 -5.31 -1.27
C LEU A 79 -5.77 -5.71 0.07
N GLN A 80 -6.89 -5.10 0.42
CA GLN A 80 -7.53 -5.38 1.69
C GLN A 80 -8.43 -6.62 1.65
N ARG A 81 -9.40 -6.61 0.77
CA ARG A 81 -10.36 -7.71 0.67
C ARG A 81 -9.80 -8.92 -0.06
N GLU A 82 -9.31 -8.71 -1.27
CA GLU A 82 -8.78 -9.81 -2.06
C GLU A 82 -7.66 -10.54 -1.34
N LEU A 83 -6.85 -9.83 -0.57
CA LEU A 83 -5.76 -10.45 0.16
C LEU A 83 -6.32 -11.43 1.19
N LEU A 84 -7.44 -11.05 1.79
CA LEU A 84 -8.10 -11.88 2.79
C LEU A 84 -8.60 -13.18 2.17
N HIS A 85 -9.06 -13.08 0.93
CA HIS A 85 -9.59 -14.25 0.23
C HIS A 85 -8.47 -15.26 -0.08
N CYS A 86 -7.24 -14.77 -0.17
CA CYS A 86 -6.11 -15.64 -0.45
C CYS A 86 -5.71 -16.42 0.79
N ALA A 87 -5.82 -15.76 1.93
CA ALA A 87 -5.49 -16.36 3.21
C ALA A 87 -6.38 -17.58 3.51
N ARG A 88 -7.50 -17.67 2.81
CA ARG A 88 -8.45 -18.76 3.00
C ARG A 88 -7.82 -20.11 2.67
N LEU A 89 -7.24 -20.20 1.48
CA LEU A 89 -6.60 -21.42 1.01
C LEU A 89 -5.44 -21.80 1.93
N ALA A 90 -4.56 -20.84 2.18
CA ALA A 90 -3.40 -21.06 3.04
C ALA A 90 -2.48 -22.17 2.50
N LYS A 91 -2.81 -22.70 1.33
CA LYS A 91 -2.01 -23.76 0.74
C LYS A 91 -0.80 -23.19 0.01
N GLN A 92 -0.92 -23.01 -1.30
CA GLN A 92 0.16 -22.48 -2.12
C GLN A 92 -0.40 -21.68 -3.30
N ASN A 93 0.38 -21.54 -4.35
CA ASN A 93 -0.03 -20.80 -5.54
C ASN A 93 0.39 -21.56 -6.80
N PRO A 94 -0.50 -21.65 -7.80
CA PRO A 94 -0.22 -22.39 -9.04
C PRO A 94 1.13 -22.02 -9.67
N ALA A 95 1.38 -20.73 -9.81
CA ALA A 95 2.62 -20.25 -10.40
C ALA A 95 3.83 -20.60 -9.54
N GLN A 96 3.58 -21.06 -8.31
CA GLN A 96 4.65 -21.42 -7.40
C GLN A 96 5.31 -22.72 -7.83
N TYR A 97 4.53 -23.58 -8.45
CA TYR A 97 5.05 -24.86 -8.93
C TYR A 97 6.02 -24.66 -10.07
N LEU A 98 7.31 -24.59 -9.75
CA LEU A 98 8.36 -24.40 -10.76
C LEU A 98 8.74 -25.73 -11.40
N ALA A 99 8.13 -26.82 -10.95
CA ALA A 99 8.43 -28.14 -11.49
C ALA A 99 7.86 -28.30 -12.91
N GLN A 100 7.44 -27.20 -13.52
CA GLN A 100 6.89 -27.24 -14.87
C GLN A 100 8.00 -27.36 -15.91
N HIS A 101 7.95 -28.44 -16.68
CA HIS A 101 8.96 -28.67 -17.71
C HIS A 101 8.82 -27.66 -18.84
N GLU A 102 9.92 -27.39 -19.52
CA GLU A 102 9.93 -26.44 -20.62
C GLU A 102 11.28 -26.44 -21.34
N GLN A 103 12.35 -26.35 -20.58
CA GLN A 103 13.69 -26.34 -21.14
C GLN A 103 14.72 -26.87 -20.12
N ILE B 1 8.91 -7.08 -15.46
CA ILE B 1 7.65 -6.42 -15.16
C ILE B 1 7.76 -4.89 -15.23
N GLY B 2 8.97 -4.38 -15.52
CA GLY B 2 9.17 -2.94 -15.63
C GLY B 2 9.13 -2.24 -14.28
N THR B 3 7.96 -2.22 -13.66
CA THR B 3 7.79 -1.58 -12.36
C THR B 3 8.51 -0.23 -12.28
N ASP B 4 7.77 0.83 -12.54
CA ASP B 4 8.33 2.18 -12.48
C ASP B 4 7.24 3.24 -12.60
N LYS B 5 6.44 3.16 -13.65
CA LYS B 5 5.37 4.12 -13.88
C LYS B 5 4.37 4.09 -12.72
N GLU B 6 4.25 2.93 -12.09
CA GLU B 6 3.34 2.76 -10.98
C GLU B 6 3.71 3.68 -9.82
N LEU B 7 5.00 3.83 -9.58
CA LEU B 7 5.48 4.69 -8.51
C LEU B 7 5.42 6.14 -8.94
N SER B 8 5.59 6.38 -10.23
CA SER B 8 5.59 7.74 -10.74
C SER B 8 4.17 8.28 -10.88
N ASP B 9 3.27 7.44 -11.34
CA ASP B 9 1.88 7.84 -11.55
C ASP B 9 1.19 8.16 -10.22
N LEU B 10 1.93 8.14 -9.12
CA LEU B 10 1.36 8.43 -7.81
C LEU B 10 2.34 9.21 -6.94
N LEU B 11 3.62 8.82 -6.97
CA LEU B 11 4.66 9.48 -6.18
C LEU B 11 5.36 10.57 -6.99
N ASP B 12 5.94 10.17 -8.12
CA ASP B 12 6.65 11.11 -8.97
C ASP B 12 5.72 12.21 -9.47
N PHE B 13 4.91 11.90 -10.48
CA PHE B 13 3.97 12.87 -11.05
C PHE B 13 4.72 13.95 -11.84
N SER B 14 5.86 14.39 -11.32
CA SER B 14 6.67 15.41 -11.97
C SER B 14 7.51 14.81 -13.09
N ALA B 15 7.77 13.51 -13.00
CA ALA B 15 8.56 12.82 -14.00
C ALA B 15 7.67 12.22 -15.09
N MET B 16 6.50 11.75 -14.68
CA MET B 16 5.55 11.15 -15.61
C MET B 16 6.09 9.87 -16.23
N PHE B 17 7.01 10.00 -17.19
CA PHE B 17 7.61 8.84 -17.83
C PHE B 17 9.11 9.05 -18.02
N SER B 18 9.71 9.84 -17.15
CA SER B 18 11.15 10.11 -17.22
C SER B 18 11.81 9.93 -15.87
N GLY A 1 -12.17 -21.52 -6.32
CA GLY A 1 -13.08 -20.75 -5.43
C GLY A 1 -13.13 -19.28 -5.79
N ALA A 2 -12.04 -18.56 -5.54
CA ALA A 2 -11.96 -17.14 -5.84
C ALA A 2 -11.49 -16.90 -7.27
N MET A 3 -12.14 -15.97 -7.96
CA MET A 3 -11.78 -15.65 -9.33
C MET A 3 -10.51 -14.82 -9.39
N GLY A 4 -10.11 -14.44 -10.60
CA GLY A 4 -8.91 -13.65 -10.77
C GLY A 4 -9.19 -12.16 -10.80
N SER A 5 -9.51 -11.60 -9.65
CA SER A 5 -9.80 -10.18 -9.53
C SER A 5 -9.33 -9.65 -8.18
N GLY A 6 -8.59 -8.55 -8.21
CA GLY A 6 -8.07 -7.95 -6.99
C GLY A 6 -6.58 -8.15 -6.84
N ALA A 7 -6.09 -9.24 -7.42
CA ALA A 7 -4.66 -9.55 -7.40
C ALA A 7 -3.90 -8.51 -8.20
N ARG A 8 -4.62 -7.81 -9.06
CA ARG A 8 -4.05 -6.78 -9.92
C ARG A 8 -3.47 -5.58 -9.16
N GLN A 9 -4.31 -4.92 -8.37
CA GLN A 9 -3.93 -3.68 -7.68
C GLN A 9 -2.95 -3.80 -6.51
N LEU A 10 -3.02 -4.85 -5.71
CA LEU A 10 -2.08 -4.96 -4.57
C LEU A 10 -0.63 -4.68 -5.00
N SER A 11 -0.37 -4.80 -6.30
CA SER A 11 0.97 -4.58 -6.84
C SER A 11 1.40 -3.15 -6.58
N LYS A 12 0.57 -2.21 -7.00
CA LYS A 12 0.85 -0.81 -6.79
C LYS A 12 0.97 -0.53 -5.30
N LEU A 13 0.42 -1.43 -4.48
CA LEU A 13 0.46 -1.29 -3.04
C LEU A 13 1.80 -1.80 -2.50
N LYS A 14 2.12 -3.05 -2.83
CA LYS A 14 3.37 -3.65 -2.36
C LYS A 14 4.57 -2.89 -2.93
N ARG A 15 4.38 -2.23 -4.08
CA ARG A 15 5.45 -1.48 -4.72
C ARG A 15 5.55 -0.07 -4.15
N PHE A 16 4.43 0.65 -4.17
CA PHE A 16 4.40 2.03 -3.67
C PHE A 16 4.89 2.15 -2.24
N LEU A 17 4.50 1.22 -1.40
CA LEU A 17 4.91 1.24 0.00
C LEU A 17 6.42 1.20 0.14
N THR A 18 7.09 0.55 -0.80
CA THR A 18 8.54 0.43 -0.77
C THR A 18 9.22 1.79 -0.73
N THR A 19 8.66 2.78 -1.44
CA THR A 19 9.25 4.11 -1.45
C THR A 19 8.80 4.92 -0.25
N LEU A 20 7.52 4.78 0.11
CA LEU A 20 6.98 5.51 1.24
C LEU A 20 7.73 5.15 2.53
N GLN A 21 8.12 3.89 2.66
CA GLN A 21 8.84 3.43 3.84
C GLN A 21 10.26 3.95 3.87
N GLN A 22 10.91 3.94 2.72
CA GLN A 22 12.29 4.40 2.59
C GLN A 22 12.38 5.92 2.61
N PHE A 23 11.31 6.59 2.20
CA PHE A 23 11.29 8.05 2.16
C PHE A 23 11.56 8.61 3.55
N GLY A 24 10.78 8.15 4.53
CA GLY A 24 10.97 8.61 5.89
C GLY A 24 11.62 7.55 6.75
N ASN A 25 12.47 6.74 6.13
CA ASN A 25 13.18 5.67 6.83
C ASN A 25 14.33 6.23 7.65
N ASP A 26 14.18 7.47 8.11
CA ASP A 26 15.23 8.12 8.90
C ASP A 26 14.67 9.30 9.70
N ILE A 27 13.36 9.34 9.92
CA ILE A 27 12.75 10.41 10.68
C ILE A 27 12.94 10.15 12.18
N SER A 28 12.79 8.90 12.57
CA SER A 28 12.98 8.48 13.96
C SER A 28 12.90 6.97 14.09
N PRO A 29 13.32 6.42 15.23
CA PRO A 29 13.27 4.97 15.48
C PRO A 29 11.84 4.41 15.53
N GLU A 30 10.86 5.29 15.36
CA GLU A 30 9.46 4.88 15.41
C GLU A 30 8.82 4.96 14.02
N ILE A 31 9.44 5.70 13.12
CA ILE A 31 8.93 5.82 11.76
C ILE A 31 9.02 4.48 11.09
N GLY A 32 10.18 3.85 11.24
CA GLY A 32 10.36 2.53 10.69
C GLY A 32 9.22 1.62 11.10
N GLU A 33 8.68 1.92 12.28
CA GLU A 33 7.56 1.18 12.84
C GLU A 33 6.26 1.77 12.32
N ARG A 34 6.24 3.10 12.16
CA ARG A 34 5.06 3.78 11.68
C ARG A 34 4.68 3.30 10.28
N VAL A 35 5.61 3.41 9.35
CA VAL A 35 5.33 2.97 7.98
C VAL A 35 4.80 1.54 7.96
N ARG A 36 5.46 0.67 8.72
CA ARG A 36 5.05 -0.73 8.79
C ARG A 36 3.67 -0.86 9.40
N THR A 37 3.41 -0.12 10.47
CA THR A 37 2.10 -0.17 11.13
C THR A 37 1.02 0.45 10.26
N LEU A 38 1.39 1.48 9.49
CA LEU A 38 0.43 2.16 8.62
C LEU A 38 -0.22 1.18 7.65
N VAL A 39 0.61 0.42 6.95
CA VAL A 39 0.12 -0.56 6.00
C VAL A 39 -0.71 -1.63 6.68
N LEU A 40 -0.17 -2.19 7.76
CA LEU A 40 -0.87 -3.24 8.50
C LEU A 40 -2.18 -2.71 9.07
N GLY A 41 -2.20 -1.42 9.38
CA GLY A 41 -3.40 -0.82 9.93
C GLY A 41 -4.48 -0.69 8.88
N LEU A 42 -4.12 -0.12 7.74
CA LEU A 42 -5.05 0.09 6.64
C LEU A 42 -5.63 -1.23 6.15
N VAL A 43 -4.81 -2.28 6.20
CA VAL A 43 -5.26 -3.60 5.76
C VAL A 43 -6.07 -4.29 6.85
N ASN A 44 -5.74 -4.00 8.10
CA ASN A 44 -6.45 -4.60 9.23
C ASN A 44 -7.80 -3.92 9.45
N SER A 45 -8.19 -3.03 8.53
CA SER A 45 -9.45 -2.31 8.64
C SER A 45 -9.47 -1.38 9.84
N THR A 46 -8.30 -1.13 10.41
CA THR A 46 -8.19 -0.25 11.57
C THR A 46 -7.75 1.16 11.14
N LEU A 47 -7.46 1.31 9.86
CA LEU A 47 -7.02 2.59 9.32
C LEU A 47 -8.03 3.11 8.30
N THR A 48 -7.58 4.00 7.45
CA THR A 48 -8.40 4.60 6.42
C THR A 48 -7.51 5.26 5.41
N ILE A 49 -8.04 5.44 4.22
CA ILE A 49 -7.30 6.04 3.14
C ILE A 49 -6.87 7.45 3.51
N GLU A 50 -7.85 8.26 3.89
CA GLU A 50 -7.59 9.65 4.26
C GLU A 50 -6.56 9.71 5.38
N GLU A 51 -6.58 8.72 6.26
CA GLU A 51 -5.66 8.66 7.39
C GLU A 51 -4.29 8.14 6.96
N PHE A 52 -4.27 7.01 6.27
CA PHE A 52 -3.03 6.37 5.81
C PHE A 52 -2.12 7.37 5.09
N HIS A 53 -2.63 7.94 4.01
CA HIS A 53 -1.85 8.90 3.24
C HIS A 53 -1.52 10.13 4.07
N SER A 54 -2.48 10.55 4.88
CA SER A 54 -2.31 11.71 5.75
C SER A 54 -1.20 11.48 6.78
N LYS A 55 -1.22 10.31 7.42
CA LYS A 55 -0.22 9.98 8.44
C LYS A 55 1.08 9.51 7.81
N LEU A 56 0.98 8.62 6.83
CA LEU A 56 2.15 8.10 6.13
C LEU A 56 2.95 9.21 5.51
N GLN A 57 2.26 10.14 4.86
CA GLN A 57 2.92 11.28 4.23
C GLN A 57 3.88 11.94 5.22
N GLU A 58 3.53 11.85 6.51
CA GLU A 58 4.34 12.41 7.56
C GLU A 58 5.56 11.53 7.84
N ALA A 59 5.32 10.25 8.08
CA ALA A 59 6.40 9.30 8.37
C ALA A 59 7.31 9.10 7.15
N THR A 60 6.73 9.16 5.96
CA THR A 60 7.50 8.98 4.72
C THR A 60 8.27 10.26 4.35
N ASN A 61 8.60 11.06 5.36
CA ASN A 61 9.34 12.30 5.12
C ASN A 61 8.59 13.23 4.19
N PHE A 62 7.88 14.19 4.76
CA PHE A 62 7.13 15.17 3.97
C PHE A 62 6.08 14.48 3.10
N PRO A 63 4.93 15.15 2.89
CA PRO A 63 3.84 14.60 2.08
C PRO A 63 4.15 14.61 0.60
N LEU A 64 3.33 13.89 -0.14
CA LEU A 64 3.48 13.81 -1.58
C LEU A 64 2.26 14.42 -2.26
N ARG A 65 2.04 14.08 -3.52
CA ARG A 65 0.90 14.60 -4.26
C ARG A 65 -0.40 13.97 -3.81
N PRO A 66 -1.43 14.79 -3.51
CA PRO A 66 -2.74 14.29 -3.08
C PRO A 66 -3.29 13.25 -4.04
N PHE A 67 -2.79 13.25 -5.28
CA PHE A 67 -3.26 12.30 -6.27
C PHE A 67 -2.92 10.87 -5.85
N VAL A 68 -2.08 10.72 -4.82
CA VAL A 68 -1.69 9.40 -4.33
C VAL A 68 -2.75 8.80 -3.40
N ILE A 69 -3.44 9.64 -2.63
CA ILE A 69 -4.46 9.17 -1.69
C ILE A 69 -5.64 8.44 -2.40
N PRO A 70 -6.02 8.88 -3.61
CA PRO A 70 -7.13 8.27 -4.36
C PRO A 70 -6.75 6.92 -4.96
N PHE A 71 -5.48 6.76 -5.32
CA PHE A 71 -4.99 5.51 -5.91
C PHE A 71 -5.25 4.34 -4.97
N LEU A 72 -4.79 4.46 -3.73
CA LEU A 72 -4.97 3.41 -2.73
C LEU A 72 -6.46 3.06 -2.60
N LYS A 73 -7.32 4.06 -2.75
CA LYS A 73 -8.78 3.86 -2.65
C LYS A 73 -9.27 2.98 -3.80
N ALA A 74 -8.75 3.22 -5.00
CA ALA A 74 -9.14 2.43 -6.17
C ALA A 74 -8.59 1.02 -6.07
N ASN A 75 -7.38 0.91 -5.53
CA ASN A 75 -6.70 -0.37 -5.38
C ASN A 75 -7.05 -1.04 -4.05
N LEU A 76 -7.70 -0.29 -3.15
CA LEU A 76 -8.10 -0.81 -1.85
C LEU A 76 -8.95 -2.07 -1.99
N PRO A 77 -9.98 -2.04 -2.87
CA PRO A 77 -10.86 -3.19 -3.08
C PRO A 77 -10.10 -4.44 -3.48
N LEU A 78 -9.08 -4.27 -4.30
CA LEU A 78 -8.28 -5.37 -4.80
C LEU A 78 -7.26 -5.83 -3.76
N LEU A 79 -6.49 -4.89 -3.23
CA LEU A 79 -5.46 -5.21 -2.25
C LEU A 79 -6.06 -5.90 -1.03
N GLN A 80 -7.24 -5.46 -0.63
CA GLN A 80 -7.90 -6.03 0.53
C GLN A 80 -8.51 -7.39 0.21
N ARG A 81 -9.28 -7.45 -0.87
CA ARG A 81 -9.92 -8.69 -1.30
C ARG A 81 -8.89 -9.83 -1.42
N GLU A 82 -7.80 -9.57 -2.12
CA GLU A 82 -6.77 -10.57 -2.31
C GLU A 82 -6.06 -10.89 -1.00
N LEU A 83 -5.70 -9.85 -0.26
CA LEU A 83 -5.02 -10.03 1.02
C LEU A 83 -5.94 -10.70 2.03
N LEU A 84 -7.25 -10.53 1.83
CA LEU A 84 -8.23 -11.13 2.74
C LEU A 84 -8.19 -12.65 2.66
N HIS A 85 -8.01 -13.17 1.45
CA HIS A 85 -7.96 -14.61 1.25
C HIS A 85 -6.89 -15.25 2.12
N CYS A 86 -5.81 -14.51 2.36
CA CYS A 86 -4.71 -15.01 3.19
C CYS A 86 -5.03 -14.91 4.68
N ALA A 87 -5.75 -13.85 5.03
CA ALA A 87 -6.13 -13.60 6.41
C ALA A 87 -7.20 -14.59 6.89
N ARG A 88 -7.93 -15.17 5.95
CA ARG A 88 -8.99 -16.12 6.29
C ARG A 88 -8.42 -17.51 6.58
N LEU A 89 -7.67 -18.05 5.63
CA LEU A 89 -7.08 -19.39 5.81
C LEU A 89 -5.89 -19.36 6.77
N ALA A 90 -5.48 -18.16 7.17
CA ALA A 90 -4.36 -18.00 8.11
C ALA A 90 -4.60 -18.80 9.38
N LYS A 91 -5.48 -18.30 10.24
CA LYS A 91 -5.78 -18.97 11.49
C LYS A 91 -7.20 -18.66 11.98
N GLN A 92 -8.04 -18.13 11.08
CA GLN A 92 -9.43 -17.80 11.40
C GLN A 92 -9.59 -17.15 12.78
N ASN A 93 -8.53 -16.58 13.31
CA ASN A 93 -8.60 -15.95 14.63
C ASN A 93 -9.17 -14.53 14.51
N PRO A 94 -10.43 -14.33 14.94
CA PRO A 94 -11.09 -13.03 14.88
C PRO A 94 -10.56 -12.07 15.93
N ALA A 95 -9.89 -12.61 16.94
CA ALA A 95 -9.32 -11.81 18.01
C ALA A 95 -8.39 -10.73 17.46
N GLN A 96 -7.87 -10.95 16.26
CA GLN A 96 -6.96 -9.99 15.62
C GLN A 96 -7.58 -8.61 15.50
N TYR A 97 -8.91 -8.56 15.42
CA TYR A 97 -9.63 -7.29 15.30
C TYR A 97 -9.73 -6.62 16.68
N LEU A 98 -8.59 -6.46 17.35
CA LEU A 98 -8.55 -5.84 18.67
C LEU A 98 -8.10 -4.39 18.60
N ALA A 99 -7.10 -4.13 17.76
CA ALA A 99 -6.59 -2.77 17.60
C ALA A 99 -7.45 -1.95 16.66
N GLN A 100 -8.63 -2.49 16.33
CA GLN A 100 -9.53 -1.80 15.43
C GLN A 100 -10.31 -0.72 16.16
N HIS A 101 -10.26 0.49 15.63
CA HIS A 101 -10.97 1.61 16.23
C HIS A 101 -10.83 2.85 15.36
N GLU A 102 -11.69 3.83 15.61
CA GLU A 102 -11.65 5.06 14.84
C GLU A 102 -11.67 6.28 15.78
N GLN A 103 -10.63 7.10 15.68
CA GLN A 103 -10.52 8.28 16.52
C GLN A 103 -10.82 9.56 15.72
N ILE B 1 -4.27 5.55 -14.63
CA ILE B 1 -3.56 4.32 -14.94
C ILE B 1 -2.07 4.57 -15.25
N GLY B 2 -1.33 3.50 -15.53
CA GLY B 2 0.09 3.64 -15.81
C GLY B 2 0.88 2.49 -15.21
N THR B 3 1.78 1.90 -15.98
CA THR B 3 2.58 0.78 -15.50
C THR B 3 3.77 1.27 -14.68
N ASP B 4 4.75 1.86 -15.36
CA ASP B 4 5.95 2.36 -14.69
C ASP B 4 5.60 3.54 -13.80
N LYS B 5 4.64 4.36 -14.25
CA LYS B 5 4.21 5.53 -13.50
C LYS B 5 3.51 5.13 -12.20
N GLU B 6 3.31 3.83 -11.98
CA GLU B 6 2.65 3.34 -10.77
C GLU B 6 3.18 4.03 -9.51
N LEU B 7 4.49 4.23 -9.46
CA LEU B 7 5.13 4.85 -8.30
C LEU B 7 5.39 6.34 -8.54
N SER B 8 5.64 6.71 -9.78
CA SER B 8 5.94 8.11 -10.13
C SER B 8 4.68 8.96 -10.22
N ASP B 9 3.58 8.36 -10.66
CA ASP B 9 2.31 9.09 -10.79
C ASP B 9 1.88 9.67 -9.45
N LEU B 10 2.30 9.02 -8.36
CA LEU B 10 1.93 9.48 -7.04
C LEU B 10 3.15 9.84 -6.19
N LEU B 11 4.35 9.45 -6.64
CA LEU B 11 5.58 9.74 -5.91
C LEU B 11 6.74 10.03 -6.87
N ASP B 12 7.97 10.04 -6.34
CA ASP B 12 9.17 10.28 -7.12
C ASP B 12 10.33 9.47 -6.58
N PHE B 13 11.33 9.22 -7.43
CA PHE B 13 12.51 8.44 -7.02
C PHE B 13 12.14 6.98 -6.77
N SER B 14 10.84 6.68 -6.85
CA SER B 14 10.34 5.34 -6.63
C SER B 14 10.48 4.48 -7.87
N ALA B 15 10.69 5.12 -9.02
CA ALA B 15 10.83 4.42 -10.27
C ALA B 15 12.20 3.78 -10.38
N MET B 16 13.21 4.46 -9.85
CA MET B 16 14.57 3.97 -9.88
C MET B 16 15.04 3.59 -8.47
N PHE B 17 15.03 2.29 -8.19
CA PHE B 17 15.46 1.79 -6.89
C PHE B 17 16.77 1.01 -7.00
N SER B 18 17.63 1.16 -6.01
CA SER B 18 18.92 0.47 -6.00
C SER B 18 19.75 0.87 -7.21
N GLY A 1 -9.66 -4.02 -24.39
CA GLY A 1 -8.84 -3.67 -23.19
C GLY A 1 -8.49 -4.88 -22.36
N ALA A 2 -8.86 -4.86 -21.08
CA ALA A 2 -8.58 -5.96 -20.18
C ALA A 2 -9.57 -5.97 -19.01
N MET A 3 -10.67 -6.69 -19.20
CA MET A 3 -11.69 -6.79 -18.16
C MET A 3 -11.23 -7.67 -17.02
N GLY A 4 -11.42 -7.20 -15.79
CA GLY A 4 -11.00 -7.96 -14.61
C GLY A 4 -9.51 -7.85 -14.36
N SER A 5 -9.15 -7.10 -13.31
CA SER A 5 -7.75 -6.92 -12.96
C SER A 5 -7.60 -6.43 -11.53
N GLY A 6 -7.68 -7.35 -10.57
CA GLY A 6 -7.55 -7.00 -9.18
C GLY A 6 -6.12 -7.02 -8.71
N ALA A 7 -5.40 -8.09 -9.04
CA ALA A 7 -4.00 -8.21 -8.64
C ALA A 7 -3.25 -6.91 -8.92
N ARG A 8 -3.76 -6.12 -9.88
CA ARG A 8 -3.15 -4.84 -10.24
C ARG A 8 -2.84 -4.03 -9.01
N GLN A 9 -3.87 -3.80 -8.19
CA GLN A 9 -3.74 -3.03 -6.98
C GLN A 9 -2.56 -3.53 -6.14
N LEU A 10 -2.52 -4.84 -5.89
CA LEU A 10 -1.44 -5.41 -5.10
C LEU A 10 -0.09 -5.12 -5.70
N SER A 11 -0.06 -5.04 -7.01
CA SER A 11 1.18 -4.72 -7.68
C SER A 11 1.55 -3.29 -7.34
N LYS A 12 0.53 -2.44 -7.31
CA LYS A 12 0.70 -1.03 -7.00
C LYS A 12 1.14 -0.83 -5.55
N LEU A 13 0.32 -1.29 -4.60
CA LEU A 13 0.62 -1.13 -3.19
C LEU A 13 1.92 -1.83 -2.79
N LYS A 14 2.02 -3.11 -3.10
CA LYS A 14 3.20 -3.88 -2.75
C LYS A 14 4.48 -3.15 -3.14
N ARG A 15 4.48 -2.56 -4.33
CA ARG A 15 5.64 -1.83 -4.81
C ARG A 15 5.64 -0.40 -4.29
N PHE A 16 4.51 0.28 -4.47
CA PHE A 16 4.37 1.66 -4.06
C PHE A 16 4.75 1.90 -2.60
N LEU A 17 4.47 0.93 -1.74
CA LEU A 17 4.77 1.05 -0.32
C LEU A 17 6.25 0.87 -0.02
N THR A 18 6.95 0.12 -0.88
CA THR A 18 8.37 -0.17 -0.70
C THR A 18 9.20 1.09 -0.44
N THR A 19 8.96 2.13 -1.22
CA THR A 19 9.73 3.37 -1.08
C THR A 19 9.19 4.23 0.05
N LEU A 20 7.87 4.21 0.21
CA LEU A 20 7.22 5.02 1.23
C LEU A 20 7.78 4.71 2.61
N GLN A 21 7.97 3.42 2.90
CA GLN A 21 8.51 3.00 4.18
C GLN A 21 9.92 3.54 4.40
N GLN A 22 10.78 3.39 3.41
CA GLN A 22 12.16 3.85 3.51
C GLN A 22 12.25 5.36 3.32
N PHE A 23 11.28 5.94 2.62
CA PHE A 23 11.28 7.38 2.39
C PHE A 23 11.24 8.12 3.72
N GLY A 24 10.62 7.50 4.72
CA GLY A 24 10.51 8.10 6.02
C GLY A 24 11.31 7.36 7.07
N ASN A 25 12.17 6.44 6.64
CA ASN A 25 12.98 5.67 7.56
C ASN A 25 14.14 6.49 8.12
N ASP A 26 13.92 7.80 8.27
CA ASP A 26 14.97 8.69 8.79
C ASP A 26 14.38 9.81 9.66
N ILE A 27 13.07 9.81 9.88
CA ILE A 27 12.45 10.83 10.70
C ILE A 27 12.64 10.50 12.18
N SER A 28 12.62 9.20 12.50
CA SER A 28 12.81 8.73 13.86
C SER A 28 12.75 7.20 13.92
N PRO A 29 13.29 6.59 14.99
CA PRO A 29 13.28 5.13 15.14
C PRO A 29 11.87 4.54 15.06
N GLU A 30 10.85 5.39 15.17
CA GLU A 30 9.46 4.95 15.12
C GLU A 30 8.94 4.93 13.69
N ILE A 31 9.23 6.00 12.97
CA ILE A 31 8.78 6.13 11.57
C ILE A 31 8.95 4.84 10.82
N GLY A 32 10.13 4.23 10.97
CA GLY A 32 10.35 2.95 10.31
C GLY A 32 9.25 1.98 10.65
N GLU A 33 8.76 2.11 11.88
CA GLU A 33 7.67 1.29 12.36
C GLU A 33 6.32 1.93 11.99
N ARG A 34 6.31 3.27 11.89
CA ARG A 34 5.09 3.99 11.54
C ARG A 34 4.59 3.61 10.15
N VAL A 35 5.44 3.79 9.14
CA VAL A 35 5.04 3.45 7.78
C VAL A 35 4.56 2.00 7.72
N ARG A 36 5.28 1.13 8.42
CA ARG A 36 4.92 -0.28 8.44
C ARG A 36 3.57 -0.49 9.14
N THR A 37 3.40 0.13 10.31
CA THR A 37 2.15 0.02 11.06
C THR A 37 1.00 0.65 10.28
N LEU A 38 1.27 1.74 9.56
CA LEU A 38 0.25 2.40 8.77
C LEU A 38 -0.40 1.42 7.79
N VAL A 39 0.43 0.71 7.04
CA VAL A 39 -0.05 -0.27 6.06
C VAL A 39 -0.78 -1.42 6.75
N LEU A 40 -0.14 -2.02 7.75
CA LEU A 40 -0.74 -3.13 8.47
C LEU A 40 -2.03 -2.69 9.15
N GLY A 41 -2.08 -1.41 9.51
CA GLY A 41 -3.28 -0.87 10.14
C GLY A 41 -4.42 -0.73 9.17
N LEU A 42 -4.13 -0.12 8.02
CA LEU A 42 -5.11 0.09 6.97
C LEU A 42 -5.73 -1.22 6.50
N VAL A 43 -4.94 -2.28 6.52
CA VAL A 43 -5.40 -3.59 6.10
C VAL A 43 -6.20 -4.27 7.21
N ASN A 44 -5.83 -3.97 8.46
CA ASN A 44 -6.50 -4.54 9.61
C ASN A 44 -7.88 -3.91 9.84
N SER A 45 -8.33 -3.09 8.87
CA SER A 45 -9.61 -2.42 8.96
C SER A 45 -9.65 -1.46 10.16
N THR A 46 -8.49 -1.18 10.73
CA THR A 46 -8.40 -0.27 11.87
C THR A 46 -7.98 1.13 11.45
N LEU A 47 -7.70 1.31 10.15
CA LEU A 47 -7.29 2.60 9.63
C LEU A 47 -8.33 3.15 8.67
N THR A 48 -7.90 4.09 7.84
CA THR A 48 -8.76 4.71 6.86
C THR A 48 -7.91 5.45 5.84
N ILE A 49 -8.48 5.66 4.68
CA ILE A 49 -7.79 6.34 3.60
C ILE A 49 -7.33 7.71 4.03
N GLU A 50 -8.27 8.49 4.53
CA GLU A 50 -8.00 9.84 4.98
C GLU A 50 -6.90 9.84 6.03
N GLU A 51 -6.89 8.82 6.88
CA GLU A 51 -5.89 8.70 7.94
C GLU A 51 -4.56 8.14 7.40
N PHE A 52 -4.64 7.01 6.72
CA PHE A 52 -3.47 6.35 6.16
C PHE A 52 -2.64 7.31 5.32
N HIS A 53 -3.24 7.85 4.27
CA HIS A 53 -2.54 8.78 3.40
C HIS A 53 -2.04 9.97 4.19
N SER A 54 -2.83 10.38 5.17
CA SER A 54 -2.48 11.52 6.02
C SER A 54 -1.28 11.20 6.90
N LYS A 55 -1.27 10.03 7.50
CA LYS A 55 -0.17 9.62 8.37
C LYS A 55 1.04 9.19 7.54
N LEU A 56 0.80 8.38 6.51
CA LEU A 56 1.87 7.90 5.64
C LEU A 56 2.54 9.06 4.93
N GLN A 57 1.76 10.03 4.49
CA GLN A 57 2.30 11.19 3.79
C GLN A 57 3.26 11.93 4.71
N GLU A 58 2.95 11.93 6.00
CA GLU A 58 3.78 12.60 6.97
C GLU A 58 5.04 11.79 7.29
N ALA A 59 4.90 10.48 7.31
CA ALA A 59 6.03 9.61 7.63
C ALA A 59 6.92 9.33 6.42
N THR A 60 6.31 8.95 5.31
CA THR A 60 7.07 8.61 4.09
C THR A 60 7.53 9.86 3.33
N ASN A 61 6.74 10.92 3.39
CA ASN A 61 7.05 12.19 2.71
C ASN A 61 5.77 12.83 2.18
N PHE A 62 5.76 14.15 2.11
CA PHE A 62 4.60 14.89 1.63
C PHE A 62 4.68 15.19 0.13
N PRO A 63 5.84 15.70 -0.36
CA PRO A 63 6.02 16.05 -1.78
C PRO A 63 5.53 14.98 -2.74
N LEU A 64 5.34 13.76 -2.25
CA LEU A 64 4.90 12.69 -3.11
C LEU A 64 3.63 12.01 -2.58
N ARG A 65 3.00 12.64 -1.58
CA ARG A 65 1.77 12.10 -1.00
C ARG A 65 0.65 13.14 -0.99
N PRO A 66 0.44 13.86 -2.12
CA PRO A 66 -0.59 14.89 -2.22
C PRO A 66 -1.90 14.37 -2.85
N PHE A 67 -1.79 13.76 -4.02
CA PHE A 67 -2.95 13.22 -4.74
C PHE A 67 -2.96 11.69 -4.71
N VAL A 68 -2.14 11.10 -3.84
CA VAL A 68 -2.05 9.65 -3.72
C VAL A 68 -3.23 9.06 -2.95
N ILE A 69 -3.79 9.83 -2.01
CA ILE A 69 -4.91 9.35 -1.20
C ILE A 69 -6.03 8.70 -2.03
N PRO A 70 -6.37 9.23 -3.23
CA PRO A 70 -7.42 8.64 -4.07
C PRO A 70 -7.04 7.28 -4.61
N PHE A 71 -5.83 7.16 -5.12
CA PHE A 71 -5.37 5.90 -5.67
C PHE A 71 -5.45 4.79 -4.61
N LEU A 72 -4.99 5.08 -3.41
CA LEU A 72 -5.03 4.13 -2.31
C LEU A 72 -6.46 3.64 -2.07
N LYS A 73 -7.43 4.54 -2.25
CA LYS A 73 -8.84 4.22 -2.04
C LYS A 73 -9.34 3.18 -3.04
N ALA A 74 -8.86 3.25 -4.26
CA ALA A 74 -9.28 2.32 -5.30
C ALA A 74 -8.73 0.91 -5.06
N ASN A 75 -7.49 0.84 -4.60
CA ASN A 75 -6.82 -0.44 -4.34
C ASN A 75 -6.89 -0.86 -2.87
N LEU A 76 -7.31 0.06 -2.00
CA LEU A 76 -7.40 -0.24 -0.57
C LEU A 76 -8.24 -1.48 -0.32
N PRO A 77 -9.41 -1.60 -0.99
CA PRO A 77 -10.30 -2.73 -0.82
C PRO A 77 -9.73 -3.98 -1.48
N LEU A 78 -8.74 -3.80 -2.35
CA LEU A 78 -8.15 -4.93 -3.04
C LEU A 78 -7.12 -5.66 -2.20
N LEU A 79 -6.22 -4.91 -1.63
CA LEU A 79 -5.14 -5.48 -0.81
C LEU A 79 -5.69 -6.49 0.19
N GLN A 80 -6.85 -6.19 0.74
CA GLN A 80 -7.49 -7.07 1.69
C GLN A 80 -8.25 -8.20 0.99
N ARG A 81 -9.08 -7.82 0.02
CA ARG A 81 -9.91 -8.78 -0.70
C ARG A 81 -9.14 -9.75 -1.59
N GLU A 82 -8.39 -9.24 -2.57
CA GLU A 82 -7.65 -10.12 -3.49
C GLU A 82 -6.59 -10.93 -2.76
N LEU A 83 -5.89 -10.30 -1.82
CA LEU A 83 -4.85 -11.00 -1.06
C LEU A 83 -5.48 -12.03 -0.13
N LEU A 84 -6.66 -11.71 0.39
CA LEU A 84 -7.37 -12.61 1.31
C LEU A 84 -7.48 -14.01 0.72
N HIS A 85 -7.62 -14.10 -0.60
CA HIS A 85 -7.76 -15.39 -1.26
C HIS A 85 -6.56 -16.28 -0.99
N CYS A 86 -5.38 -15.67 -0.88
CA CYS A 86 -4.15 -16.42 -0.61
C CYS A 86 -4.00 -16.68 0.88
N ALA A 87 -4.45 -15.73 1.67
CA ALA A 87 -4.37 -15.83 3.13
C ALA A 87 -5.12 -17.07 3.62
N ARG A 88 -6.10 -17.51 2.84
CA ARG A 88 -6.90 -18.67 3.18
C ARG A 88 -6.05 -19.91 3.30
N LEU A 89 -5.15 -20.09 2.33
CA LEU A 89 -4.25 -21.23 2.30
C LEU A 89 -3.40 -21.29 3.57
N ALA A 90 -3.13 -20.13 4.15
CA ALA A 90 -2.33 -20.03 5.36
C ALA A 90 -0.86 -20.36 5.10
N LYS A 91 -0.56 -20.89 3.91
CA LYS A 91 0.81 -21.24 3.54
C LYS A 91 1.55 -20.03 2.97
N GLN A 92 1.22 -18.85 3.47
CA GLN A 92 1.85 -17.62 3.00
C GLN A 92 1.95 -16.60 4.14
N ASN A 93 3.17 -16.12 4.38
CA ASN A 93 3.40 -15.15 5.44
C ASN A 93 4.73 -14.42 5.22
N PRO A 94 4.69 -13.24 4.58
CA PRO A 94 5.89 -12.45 4.31
C PRO A 94 6.54 -11.93 5.60
N ALA A 95 5.73 -11.78 6.64
CA ALA A 95 6.23 -11.29 7.92
C ALA A 95 7.32 -12.20 8.47
N GLN A 96 7.31 -13.46 8.04
CA GLN A 96 8.31 -14.43 8.49
C GLN A 96 9.71 -13.98 8.10
N TYR A 97 9.87 -13.55 6.85
CA TYR A 97 11.16 -13.08 6.35
C TYR A 97 12.21 -14.20 6.43
N LEU A 98 12.63 -14.70 5.26
CA LEU A 98 13.61 -15.78 5.20
C LEU A 98 15.05 -15.26 5.30
N ALA A 99 15.34 -14.19 4.57
CA ALA A 99 16.67 -13.59 4.56
C ALA A 99 16.88 -12.74 5.81
N GLN A 100 15.80 -12.12 6.24
CA GLN A 100 15.82 -11.25 7.41
C GLN A 100 16.81 -10.10 7.23
N HIS A 101 16.98 -9.67 5.99
CA HIS A 101 17.90 -8.59 5.67
C HIS A 101 17.16 -7.26 5.50
N GLU A 102 17.93 -6.19 5.32
CA GLU A 102 17.35 -4.86 5.14
C GLU A 102 16.86 -4.66 3.71
N GLN A 103 17.67 -5.09 2.74
CA GLN A 103 17.31 -4.96 1.33
C GLN A 103 18.35 -5.63 0.43
N ILE B 1 10.94 -3.21 -18.95
CA ILE B 1 10.10 -2.05 -19.10
C ILE B 1 8.66 -2.36 -18.73
N GLY B 2 8.18 -1.76 -17.65
CA GLY B 2 6.82 -1.98 -17.21
C GLY B 2 6.68 -1.82 -15.72
N THR B 3 5.45 -1.62 -15.26
CA THR B 3 5.15 -1.43 -13.84
C THR B 3 6.21 -0.59 -13.13
N ASP B 4 6.74 0.40 -13.85
CA ASP B 4 7.75 1.30 -13.28
C ASP B 4 7.11 2.59 -12.81
N LYS B 5 6.34 3.23 -13.69
CA LYS B 5 5.66 4.48 -13.35
C LYS B 5 4.70 4.31 -12.18
N GLU B 6 4.52 3.07 -11.72
CA GLU B 6 3.63 2.79 -10.60
C GLU B 6 3.99 3.64 -9.38
N LEU B 7 5.29 3.89 -9.20
CA LEU B 7 5.75 4.68 -8.07
C LEU B 7 5.83 6.16 -8.43
N SER B 8 6.09 6.44 -9.70
CA SER B 8 6.21 7.81 -10.19
C SER B 8 4.83 8.43 -10.39
N ASP B 9 3.83 7.58 -10.62
CA ASP B 9 2.48 8.07 -10.84
C ASP B 9 1.99 8.87 -9.66
N LEU B 10 2.45 8.50 -8.47
CA LEU B 10 2.02 9.20 -7.26
C LEU B 10 3.22 9.75 -6.47
N LEU B 11 4.43 9.31 -6.81
CA LEU B 11 5.62 9.79 -6.12
C LEU B 11 6.62 10.40 -7.12
N ASP B 12 7.81 10.77 -6.63
CA ASP B 12 8.84 11.36 -7.49
C ASP B 12 10.00 10.38 -7.75
N PHE B 13 11.14 10.62 -7.09
CA PHE B 13 12.31 9.74 -7.26
C PHE B 13 12.01 8.33 -6.76
N SER B 14 10.88 8.17 -6.09
CA SER B 14 10.48 6.88 -5.55
C SER B 14 10.31 5.82 -6.63
N ALA B 15 10.15 6.27 -7.87
CA ALA B 15 9.97 5.36 -8.98
C ALA B 15 11.31 5.04 -9.65
N MET B 16 12.25 5.97 -9.54
CA MET B 16 13.58 5.79 -10.12
C MET B 16 14.65 6.27 -9.15
N PHE B 17 15.40 5.32 -8.60
CA PHE B 17 16.46 5.64 -7.66
C PHE B 17 17.80 5.82 -8.38
N SER B 18 17.73 6.30 -9.62
CA SER B 18 18.92 6.53 -10.43
C SER B 18 19.71 5.23 -10.61
N GLY A 1 -17.24 -1.63 -9.71
CA GLY A 1 -17.28 -3.09 -9.98
C GLY A 1 -16.01 -3.59 -10.65
N ALA A 2 -15.53 -4.75 -10.24
CA ALA A 2 -14.33 -5.33 -10.81
C ALA A 2 -14.33 -6.85 -10.69
N MET A 3 -14.57 -7.54 -11.80
CA MET A 3 -14.61 -8.99 -11.83
C MET A 3 -13.31 -9.56 -12.39
N GLY A 4 -12.44 -10.02 -11.51
CA GLY A 4 -11.17 -10.59 -11.93
C GLY A 4 -10.05 -9.57 -11.95
N SER A 5 -9.84 -8.91 -10.82
CA SER A 5 -8.79 -7.91 -10.69
C SER A 5 -8.41 -7.71 -9.24
N GLY A 6 -7.50 -8.55 -8.75
CA GLY A 6 -7.08 -8.46 -7.38
C GLY A 6 -5.57 -8.49 -7.21
N ALA A 7 -4.95 -9.41 -7.92
CA ALA A 7 -3.51 -9.57 -7.86
C ALA A 7 -2.78 -8.38 -8.51
N ARG A 8 -3.48 -7.64 -9.39
CA ARG A 8 -2.90 -6.51 -10.11
C ARG A 8 -2.47 -5.35 -9.21
N GLN A 9 -3.41 -4.79 -8.48
CA GLN A 9 -3.15 -3.63 -7.64
C GLN A 9 -2.06 -3.89 -6.59
N LEU A 10 -1.96 -5.12 -6.13
CA LEU A 10 -0.94 -5.47 -5.14
C LEU A 10 0.44 -5.07 -5.63
N SER A 11 0.56 -4.93 -6.94
CA SER A 11 1.81 -4.51 -7.54
C SER A 11 2.09 -3.06 -7.17
N LYS A 12 1.09 -2.21 -7.37
CA LYS A 12 1.22 -0.78 -7.06
C LYS A 12 1.34 -0.55 -5.56
N LEU A 13 0.51 -1.23 -4.78
CA LEU A 13 0.54 -1.05 -3.33
C LEU A 13 1.85 -1.55 -2.74
N LYS A 14 2.19 -2.80 -3.02
CA LYS A 14 3.42 -3.38 -2.52
C LYS A 14 4.64 -2.57 -2.95
N ARG A 15 4.55 -1.97 -4.13
CA ARG A 15 5.66 -1.17 -4.66
C ARG A 15 5.63 0.25 -4.11
N PHE A 16 4.49 0.91 -4.26
CA PHE A 16 4.34 2.29 -3.82
C PHE A 16 4.80 2.47 -2.38
N LEU A 17 4.42 1.54 -1.51
CA LEU A 17 4.79 1.62 -0.10
C LEU A 17 6.31 1.60 0.09
N THR A 18 7.01 0.93 -0.82
CA THR A 18 8.47 0.83 -0.74
C THR A 18 9.13 2.21 -0.64
N THR A 19 8.76 3.11 -1.53
CA THR A 19 9.32 4.45 -1.55
C THR A 19 8.82 5.26 -0.35
N LEU A 20 7.53 5.16 -0.09
CA LEU A 20 6.92 5.89 1.02
C LEU A 20 7.56 5.47 2.35
N GLN A 21 8.01 4.21 2.43
CA GLN A 21 8.64 3.71 3.63
C GLN A 21 10.04 4.25 3.78
N GLN A 22 10.80 4.20 2.69
CA GLN A 22 12.18 4.67 2.68
C GLN A 22 12.24 6.20 2.69
N PHE A 23 11.18 6.84 2.19
CA PHE A 23 11.13 8.31 2.15
C PHE A 23 11.28 8.88 3.55
N GLY A 24 10.85 8.12 4.55
CA GLY A 24 10.95 8.58 5.92
C GLY A 24 11.50 7.50 6.84
N ASN A 25 12.24 6.56 6.26
CA ASN A 25 12.84 5.47 7.03
C ASN A 25 14.02 5.97 7.86
N ASP A 26 14.06 7.29 8.10
CA ASP A 26 15.13 7.88 8.88
C ASP A 26 14.60 9.00 9.79
N ILE A 27 13.28 9.03 9.99
CA ILE A 27 12.68 10.03 10.84
C ILE A 27 12.85 9.64 12.31
N SER A 28 12.75 8.34 12.58
CA SER A 28 12.92 7.81 13.93
C SER A 28 12.84 6.28 13.91
N PRO A 29 13.31 5.61 14.98
CA PRO A 29 13.27 4.15 15.06
C PRO A 29 11.85 3.59 15.07
N GLU A 30 10.87 4.49 14.98
CA GLU A 30 9.46 4.09 14.98
C GLU A 30 8.83 4.28 13.60
N ILE A 31 9.39 5.20 12.81
CA ILE A 31 8.87 5.44 11.46
C ILE A 31 8.94 4.17 10.66
N GLY A 32 10.09 3.51 10.74
CA GLY A 32 10.25 2.25 10.05
C GLY A 32 9.11 1.33 10.42
N GLU A 33 8.60 1.51 11.63
CA GLU A 33 7.48 0.74 12.14
C GLU A 33 6.17 1.38 11.71
N ARG A 34 6.18 2.70 11.59
CA ARG A 34 4.98 3.44 11.18
C ARG A 34 4.53 3.03 9.79
N VAL A 35 5.43 3.16 8.82
CA VAL A 35 5.09 2.79 7.45
C VAL A 35 4.53 1.38 7.38
N ARG A 36 5.15 0.45 8.10
CA ARG A 36 4.69 -0.93 8.12
C ARG A 36 3.34 -1.06 8.80
N THR A 37 3.17 -0.32 9.91
CA THR A 37 1.93 -0.36 10.66
C THR A 37 0.80 0.33 9.89
N LEU A 38 1.12 1.43 9.22
CA LEU A 38 0.13 2.17 8.46
C LEU A 38 -0.55 1.29 7.41
N VAL A 39 0.26 0.60 6.60
CA VAL A 39 -0.26 -0.27 5.55
C VAL A 39 -1.08 -1.41 6.12
N LEU A 40 -0.56 -2.07 7.15
CA LEU A 40 -1.27 -3.17 7.78
C LEU A 40 -2.49 -2.67 8.53
N GLY A 41 -2.38 -1.45 9.04
CA GLY A 41 -3.49 -0.86 9.77
C GLY A 41 -4.67 -0.60 8.85
N LEU A 42 -4.39 0.08 7.77
CA LEU A 42 -5.40 0.42 6.78
C LEU A 42 -6.04 -0.83 6.20
N VAL A 43 -5.25 -1.89 6.07
CA VAL A 43 -5.77 -3.14 5.51
C VAL A 43 -6.49 -4.00 6.55
N ASN A 44 -6.07 -3.92 7.81
CA ASN A 44 -6.71 -4.70 8.85
C ASN A 44 -7.99 -4.03 9.37
N SER A 45 -8.45 -3.01 8.64
CA SER A 45 -9.68 -2.29 8.99
C SER A 45 -9.51 -1.39 10.21
N THR A 46 -8.27 -1.15 10.64
CA THR A 46 -8.03 -0.29 11.79
C THR A 46 -7.67 1.14 11.37
N LEU A 47 -7.51 1.35 10.07
CA LEU A 47 -7.16 2.67 9.55
C LEU A 47 -8.21 3.17 8.56
N THR A 48 -7.79 4.09 7.70
CA THR A 48 -8.64 4.67 6.69
C THR A 48 -7.79 5.41 5.69
N ILE A 49 -8.35 5.64 4.53
CA ILE A 49 -7.68 6.33 3.47
C ILE A 49 -7.28 7.74 3.90
N GLU A 50 -8.28 8.49 4.36
CA GLU A 50 -8.06 9.86 4.81
C GLU A 50 -7.01 9.90 5.91
N GLU A 51 -7.00 8.87 6.75
CA GLU A 51 -6.06 8.79 7.86
C GLU A 51 -4.69 8.29 7.40
N PHE A 52 -4.69 7.17 6.69
CA PHE A 52 -3.46 6.57 6.19
C PHE A 52 -2.62 7.58 5.42
N HIS A 53 -3.18 8.14 4.36
CA HIS A 53 -2.46 9.13 3.55
C HIS A 53 -2.08 10.34 4.40
N SER A 54 -2.99 10.75 5.27
CA SER A 54 -2.76 11.89 6.14
C SER A 54 -1.60 11.63 7.09
N LYS A 55 -1.69 10.52 7.81
CA LYS A 55 -0.64 10.13 8.76
C LYS A 55 0.64 9.76 8.03
N LEU A 56 0.50 9.00 6.94
CA LEU A 56 1.66 8.59 6.15
C LEU A 56 2.47 9.80 5.70
N GLN A 57 1.81 10.95 5.63
CA GLN A 57 2.48 12.17 5.22
C GLN A 57 3.68 12.44 6.10
N GLU A 58 3.60 12.01 7.35
CA GLU A 58 4.69 12.20 8.30
C GLU A 58 5.83 11.22 8.04
N ALA A 59 5.51 9.92 8.00
CA ALA A 59 6.51 8.90 7.77
C ALA A 59 7.01 8.91 6.34
N THR A 60 6.08 8.96 5.40
CA THR A 60 6.44 8.97 3.99
C THR A 60 6.81 10.36 3.51
N ASN A 61 7.27 11.20 4.44
CA ASN A 61 7.68 12.56 4.11
C ASN A 61 6.48 13.37 3.61
N PHE A 62 6.54 14.67 3.80
CA PHE A 62 5.47 15.56 3.39
C PHE A 62 5.20 15.47 1.88
N PRO A 63 6.25 15.54 1.04
CA PRO A 63 6.10 15.48 -0.42
C PRO A 63 5.41 14.20 -0.89
N LEU A 64 5.59 13.89 -2.18
CA LEU A 64 5.04 12.69 -2.82
C LEU A 64 3.70 12.26 -2.23
N ARG A 65 2.80 13.23 -2.03
CA ARG A 65 1.47 12.94 -1.50
C ARG A 65 0.37 13.66 -2.30
N PRO A 66 0.39 13.55 -3.63
CA PRO A 66 -0.60 14.20 -4.48
C PRO A 66 -1.81 13.30 -4.81
N PHE A 67 -1.55 12.22 -5.55
CA PHE A 67 -2.59 11.28 -5.95
C PHE A 67 -2.51 9.99 -5.16
N VAL A 68 -1.74 10.01 -4.07
CA VAL A 68 -1.59 8.83 -3.23
C VAL A 68 -2.91 8.42 -2.59
N ILE A 69 -3.48 9.31 -1.77
CA ILE A 69 -4.73 9.01 -1.06
C ILE A 69 -5.85 8.54 -1.99
N PRO A 70 -5.99 9.15 -3.19
CA PRO A 70 -7.05 8.78 -4.13
C PRO A 70 -6.82 7.40 -4.74
N PHE A 71 -5.62 7.18 -5.28
CA PHE A 71 -5.31 5.90 -5.89
C PHE A 71 -5.45 4.77 -4.87
N LEU A 72 -4.98 5.02 -3.65
CA LEU A 72 -5.07 4.04 -2.59
C LEU A 72 -6.52 3.68 -2.31
N LYS A 73 -7.43 4.63 -2.56
CA LYS A 73 -8.86 4.41 -2.33
C LYS A 73 -9.42 3.41 -3.33
N ALA A 74 -9.05 3.57 -4.59
CA ALA A 74 -9.51 2.70 -5.66
C ALA A 74 -8.96 1.29 -5.50
N ASN A 75 -7.71 1.19 -5.09
CA ASN A 75 -7.06 -0.08 -4.93
C ASN A 75 -7.27 -0.62 -3.51
N LEU A 76 -7.70 0.27 -2.60
CA LEU A 76 -7.94 -0.10 -1.21
C LEU A 76 -8.70 -1.43 -1.04
N PRO A 77 -9.73 -1.69 -1.86
CA PRO A 77 -10.55 -2.91 -1.73
C PRO A 77 -9.84 -4.16 -2.22
N LEU A 78 -8.84 -3.98 -3.06
CA LEU A 78 -8.11 -5.11 -3.63
C LEU A 78 -7.06 -5.67 -2.67
N LEU A 79 -6.20 -4.82 -2.12
CA LEU A 79 -5.13 -5.30 -1.24
C LEU A 79 -5.69 -6.00 -0.01
N GLN A 80 -6.77 -5.48 0.53
CA GLN A 80 -7.36 -6.06 1.71
C GLN A 80 -8.13 -7.34 1.38
N ARG A 81 -8.99 -7.25 0.36
CA ARG A 81 -9.81 -8.39 -0.05
C ARG A 81 -8.98 -9.53 -0.63
N GLU A 82 -8.18 -9.24 -1.64
CA GLU A 82 -7.37 -10.26 -2.29
C GLU A 82 -6.38 -10.90 -1.32
N LEU A 83 -5.79 -10.10 -0.45
CA LEU A 83 -4.84 -10.60 0.53
C LEU A 83 -5.58 -11.30 1.68
N LEU A 84 -6.79 -10.83 1.97
CA LEU A 84 -7.60 -11.40 3.04
C LEU A 84 -7.71 -12.92 2.93
N HIS A 85 -7.61 -13.43 1.71
CA HIS A 85 -7.71 -14.87 1.48
C HIS A 85 -6.61 -15.63 2.22
N CYS A 86 -5.47 -14.98 2.39
CA CYS A 86 -4.34 -15.59 3.11
C CYS A 86 -4.49 -15.43 4.61
N ALA A 87 -5.06 -14.32 5.00
CA ALA A 87 -5.28 -14.02 6.42
C ALA A 87 -6.21 -15.04 7.07
N ARG A 88 -6.96 -15.76 6.24
CA ARG A 88 -7.90 -16.77 6.71
C ARG A 88 -7.19 -17.79 7.60
N LEU A 89 -5.95 -18.12 7.25
CA LEU A 89 -5.17 -19.09 8.02
C LEU A 89 -4.59 -18.45 9.27
N ALA A 90 -3.94 -17.31 9.09
CA ALA A 90 -3.33 -16.59 10.21
C ALA A 90 -2.56 -15.38 9.71
N LYS A 91 -1.50 -15.64 8.95
CA LYS A 91 -0.66 -14.58 8.40
C LYS A 91 0.21 -13.94 9.49
N GLN A 92 -0.27 -13.98 10.72
CA GLN A 92 0.42 -13.43 11.88
C GLN A 92 -0.53 -13.32 13.07
N ASN A 93 0.03 -13.37 14.27
CA ASN A 93 -0.77 -13.26 15.48
C ASN A 93 -0.50 -11.94 16.20
N PRO A 94 -1.46 -11.00 16.17
CA PRO A 94 -1.31 -9.68 16.81
C PRO A 94 -0.95 -9.80 18.28
N ALA A 95 -1.24 -10.94 18.88
CA ALA A 95 -0.94 -11.18 20.29
C ALA A 95 0.56 -11.04 20.58
N GLN A 96 1.38 -11.32 19.57
CA GLN A 96 2.83 -11.23 19.72
C GLN A 96 3.31 -9.80 19.55
N TYR A 97 2.78 -9.11 18.54
CA TYR A 97 3.16 -7.73 18.27
C TYR A 97 2.83 -6.83 19.45
N LEU A 98 1.58 -6.89 19.89
CA LEU A 98 1.12 -6.08 21.02
C LEU A 98 1.79 -6.52 22.33
N ALA A 99 2.67 -7.51 22.27
CA ALA A 99 3.36 -8.00 23.45
C ALA A 99 4.57 -7.11 23.78
N GLN A 100 5.53 -7.06 22.86
CA GLN A 100 6.72 -6.25 23.06
C GLN A 100 6.43 -4.76 22.88
N HIS A 101 7.42 -3.93 23.18
CA HIS A 101 7.27 -2.48 23.06
C HIS A 101 8.61 -1.78 23.27
N GLU A 102 9.20 -1.98 24.44
CA GLU A 102 10.48 -1.36 24.78
C GLU A 102 10.36 0.16 24.81
N GLN A 103 10.99 0.77 25.80
CA GLN A 103 10.95 2.22 25.96
C GLN A 103 12.02 2.69 26.94
N ILE B 1 15.63 6.55 -1.73
CA ILE B 1 15.43 6.87 -3.15
C ILE B 1 15.18 5.62 -3.99
N GLY B 2 14.97 5.80 -5.29
CA GLY B 2 14.70 4.68 -6.17
C GLY B 2 13.23 4.57 -6.51
N THR B 3 12.70 5.60 -7.17
CA THR B 3 11.29 5.62 -7.56
C THR B 3 11.06 4.85 -8.84
N ASP B 4 9.86 4.29 -8.99
CA ASP B 4 9.51 3.52 -10.18
C ASP B 4 8.39 4.21 -10.95
N LYS B 5 7.91 3.54 -11.99
CA LYS B 5 6.83 4.09 -12.82
C LYS B 5 5.50 4.07 -12.07
N GLU B 6 5.19 2.95 -11.44
CA GLU B 6 3.95 2.80 -10.71
C GLU B 6 3.88 3.79 -9.56
N LEU B 7 5.03 4.08 -8.97
CA LEU B 7 5.09 5.01 -7.86
C LEU B 7 5.16 6.45 -8.35
N SER B 8 5.72 6.63 -9.54
CA SER B 8 5.83 7.96 -10.11
C SER B 8 4.47 8.53 -10.49
N ASP B 9 3.59 7.68 -11.00
CA ASP B 9 2.24 8.10 -11.40
C ASP B 9 1.38 8.43 -10.18
N LEU B 10 1.99 8.44 -9.00
CA LEU B 10 1.27 8.74 -7.77
C LEU B 10 2.06 9.72 -6.90
N LEU B 11 3.35 9.43 -6.70
CA LEU B 11 4.20 10.29 -5.89
C LEU B 11 4.56 11.57 -6.65
N ASP B 12 5.54 12.32 -6.14
CA ASP B 12 5.97 13.55 -6.77
C ASP B 12 6.36 13.32 -8.22
N PHE B 13 6.76 14.40 -8.90
CA PHE B 13 7.16 14.32 -10.30
C PHE B 13 7.93 15.58 -10.71
N SER B 14 7.48 16.73 -10.22
CA SER B 14 8.13 18.01 -10.54
C SER B 14 9.57 18.04 -10.01
N ALA B 15 9.77 17.46 -8.83
CA ALA B 15 11.09 17.42 -8.21
C ALA B 15 12.11 16.70 -9.11
N MET B 16 11.61 15.91 -10.05
CA MET B 16 12.46 15.16 -10.96
C MET B 16 13.20 14.05 -10.23
N PHE B 17 14.15 14.44 -9.38
CA PHE B 17 14.93 13.47 -8.62
C PHE B 17 15.64 14.14 -7.45
N SER B 18 16.19 13.32 -6.56
CA SER B 18 16.91 13.83 -5.39
C SER B 18 15.98 14.66 -4.51
N GLY A 1 -10.71 -20.26 -11.23
CA GLY A 1 -10.30 -18.82 -11.20
C GLY A 1 -8.83 -18.64 -10.94
N ALA A 2 -8.16 -17.84 -11.78
CA ALA A 2 -6.74 -17.59 -11.62
C ALA A 2 -6.44 -16.09 -11.61
N MET A 3 -6.38 -15.52 -10.41
CA MET A 3 -6.10 -14.08 -10.27
C MET A 3 -7.16 -13.25 -10.98
N GLY A 4 -8.00 -12.59 -10.18
CA GLY A 4 -9.05 -11.76 -10.75
C GLY A 4 -8.52 -10.47 -11.34
N SER A 5 -9.35 -9.42 -11.33
CA SER A 5 -8.95 -8.13 -11.87
C SER A 5 -8.52 -7.17 -10.76
N GLY A 6 -8.45 -7.66 -9.54
CA GLY A 6 -8.05 -6.83 -8.42
C GLY A 6 -6.61 -7.06 -8.02
N ALA A 7 -6.10 -8.25 -8.29
CA ALA A 7 -4.71 -8.57 -7.98
C ALA A 7 -3.76 -7.54 -8.58
N ARG A 8 -4.22 -6.86 -9.63
CA ARG A 8 -3.45 -5.84 -10.32
C ARG A 8 -3.01 -4.75 -9.35
N GLN A 9 -3.95 -4.19 -8.63
CA GLN A 9 -3.68 -3.12 -7.68
C GLN A 9 -2.53 -3.45 -6.73
N LEU A 10 -2.51 -4.67 -6.20
CA LEU A 10 -1.48 -5.08 -5.26
C LEU A 10 -0.09 -4.76 -5.77
N SER A 11 0.03 -4.61 -7.07
CA SER A 11 1.29 -4.28 -7.68
C SER A 11 1.72 -2.90 -7.24
N LYS A 12 0.76 -1.99 -7.13
CA LYS A 12 1.03 -0.62 -6.71
C LYS A 12 1.24 -0.55 -5.20
N LEU A 13 0.38 -1.21 -4.44
CA LEU A 13 0.48 -1.19 -2.98
C LEU A 13 1.83 -1.73 -2.51
N LYS A 14 2.14 -2.95 -2.93
CA LYS A 14 3.40 -3.59 -2.54
C LYS A 14 4.60 -2.79 -3.01
N ARG A 15 4.54 -2.32 -4.26
CA ARG A 15 5.64 -1.56 -4.83
C ARG A 15 5.74 -0.16 -4.24
N PHE A 16 4.63 0.57 -4.23
CA PHE A 16 4.63 1.94 -3.74
C PHE A 16 5.18 2.04 -2.32
N LEU A 17 4.66 1.21 -1.42
CA LEU A 17 5.09 1.22 -0.02
C LEU A 17 6.62 1.15 0.10
N THR A 18 7.26 0.48 -0.84
CA THR A 18 8.71 0.34 -0.81
C THR A 18 9.42 1.69 -0.72
N THR A 19 8.93 2.67 -1.48
CA THR A 19 9.51 4.00 -1.48
C THR A 19 8.93 4.85 -0.35
N LEU A 20 7.63 4.67 -0.08
CA LEU A 20 6.96 5.42 0.97
C LEU A 20 7.69 5.26 2.30
N GLN A 21 8.09 4.03 2.60
CA GLN A 21 8.81 3.74 3.83
C GLN A 21 10.22 4.31 3.80
N GLN A 22 10.81 4.33 2.62
CA GLN A 22 12.16 4.83 2.44
C GLN A 22 12.19 6.36 2.54
N PHE A 23 11.07 6.99 2.18
CA PHE A 23 10.98 8.44 2.23
C PHE A 23 11.29 8.96 3.62
N GLY A 24 10.90 8.19 4.63
CA GLY A 24 11.14 8.58 6.00
C GLY A 24 11.78 7.46 6.80
N ASN A 25 12.54 6.62 6.12
CA ASN A 25 13.21 5.50 6.78
C ASN A 25 14.39 5.98 7.63
N ASP A 26 14.31 7.22 8.12
CA ASP A 26 15.37 7.78 8.94
C ASP A 26 14.87 8.96 9.76
N ILE A 27 13.55 9.03 9.98
CA ILE A 27 12.98 10.11 10.76
C ILE A 27 13.15 9.82 12.26
N SER A 28 13.01 8.56 12.62
CA SER A 28 13.16 8.12 14.01
C SER A 28 13.03 6.61 14.11
N PRO A 29 13.48 6.01 15.22
CA PRO A 29 13.41 4.56 15.43
C PRO A 29 11.96 4.06 15.47
N GLU A 30 11.01 4.98 15.32
CA GLU A 30 9.60 4.62 15.36
C GLU A 30 8.96 4.74 13.97
N ILE A 31 9.56 5.53 13.10
CA ILE A 31 9.05 5.69 11.74
C ILE A 31 9.08 4.35 11.04
N GLY A 32 10.21 3.67 11.18
CA GLY A 32 10.32 2.35 10.59
C GLY A 32 9.16 1.49 11.03
N GLU A 33 8.66 1.79 12.22
CA GLU A 33 7.52 1.09 12.79
C GLU A 33 6.22 1.73 12.32
N ARG A 34 6.24 3.04 12.12
CA ARG A 34 5.07 3.77 11.67
C ARG A 34 4.68 3.37 10.26
N VAL A 35 5.60 3.52 9.32
CA VAL A 35 5.33 3.15 7.94
C VAL A 35 4.80 1.72 7.84
N ARG A 36 5.45 0.81 8.54
CA ARG A 36 5.05 -0.60 8.52
C ARG A 36 3.68 -0.78 9.17
N THR A 37 3.45 -0.09 10.28
CA THR A 37 2.17 -0.19 10.98
C THR A 37 1.06 0.47 10.18
N LEU A 38 1.37 1.57 9.48
CA LEU A 38 0.38 2.28 8.69
C LEU A 38 -0.25 1.32 7.67
N VAL A 39 0.60 0.58 6.95
CA VAL A 39 0.13 -0.36 5.95
C VAL A 39 -0.70 -1.47 6.59
N LEU A 40 -0.14 -2.10 7.62
CA LEU A 40 -0.84 -3.17 8.32
C LEU A 40 -2.12 -2.64 8.93
N GLY A 41 -2.11 -1.36 9.29
CA GLY A 41 -3.30 -0.76 9.87
C GLY A 41 -4.40 -0.58 8.84
N LEU A 42 -4.05 0.03 7.72
CA LEU A 42 -4.99 0.29 6.64
C LEU A 42 -5.63 -1.01 6.16
N VAL A 43 -4.89 -2.11 6.26
CA VAL A 43 -5.38 -3.41 5.84
C VAL A 43 -6.14 -4.11 6.96
N ASN A 44 -5.73 -3.85 8.20
CA ASN A 44 -6.39 -4.45 9.36
C ASN A 44 -7.72 -3.77 9.65
N SER A 45 -8.18 -2.92 8.71
CA SER A 45 -9.44 -2.22 8.88
C SER A 45 -9.36 -1.21 10.03
N THR A 46 -8.14 -0.95 10.51
CA THR A 46 -7.95 0.00 11.60
C THR A 46 -7.53 1.37 11.06
N LEU A 47 -7.27 1.45 9.75
CA LEU A 47 -6.87 2.68 9.14
C LEU A 47 -7.64 2.91 7.85
N THR A 48 -7.68 4.16 7.44
CA THR A 48 -8.35 4.58 6.25
C THR A 48 -7.39 5.29 5.34
N ILE A 49 -7.88 5.53 4.15
CA ILE A 49 -7.14 6.19 3.11
C ILE A 49 -6.76 7.60 3.54
N GLU A 50 -7.76 8.36 3.93
CA GLU A 50 -7.57 9.73 4.35
C GLU A 50 -6.59 9.80 5.51
N GLU A 51 -6.62 8.77 6.36
CA GLU A 51 -5.73 8.70 7.52
C GLU A 51 -4.35 8.20 7.11
N PHE A 52 -4.30 7.08 6.40
CA PHE A 52 -3.04 6.49 5.95
C PHE A 52 -2.18 7.53 5.24
N HIS A 53 -2.72 8.12 4.18
CA HIS A 53 -1.99 9.12 3.42
C HIS A 53 -1.65 10.32 4.29
N SER A 54 -2.60 10.70 5.13
CA SER A 54 -2.42 11.83 6.02
C SER A 54 -1.30 11.55 7.03
N LYS A 55 -1.40 10.44 7.72
CA LYS A 55 -0.41 10.05 8.71
C LYS A 55 0.92 9.72 8.04
N LEU A 56 0.85 8.96 6.94
CA LEU A 56 2.06 8.58 6.21
C LEU A 56 2.91 9.82 5.89
N GLN A 57 2.25 10.98 5.85
CA GLN A 57 2.94 12.24 5.57
C GLN A 57 4.05 12.49 6.58
N GLU A 58 3.82 12.05 7.81
CA GLU A 58 4.78 12.26 8.87
C GLU A 58 5.96 11.31 8.71
N ALA A 59 5.66 10.03 8.62
CA ALA A 59 6.71 9.03 8.47
C ALA A 59 7.43 9.19 7.14
N THR A 60 6.65 9.28 6.06
CA THR A 60 7.23 9.44 4.73
C THR A 60 7.71 10.88 4.48
N ASN A 61 7.47 11.76 5.45
CA ASN A 61 7.87 13.16 5.34
C ASN A 61 7.03 13.91 4.29
N PHE A 62 6.69 13.23 3.20
CA PHE A 62 5.91 13.82 2.14
C PHE A 62 4.52 13.16 2.06
N PRO A 63 3.44 13.97 2.14
CA PRO A 63 2.07 13.46 2.07
C PRO A 63 1.68 13.08 0.66
N LEU A 64 2.67 12.89 -0.20
CA LEU A 64 2.40 12.54 -1.56
C LEU A 64 1.64 13.67 -2.26
N ARG A 65 1.37 13.46 -3.53
CA ARG A 65 0.63 14.42 -4.34
C ARG A 65 -0.87 14.32 -4.07
N PRO A 66 -1.63 15.39 -4.35
CA PRO A 66 -3.08 15.42 -4.14
C PRO A 66 -3.83 14.31 -4.89
N PHE A 67 -3.11 13.60 -5.77
CA PHE A 67 -3.72 12.51 -6.54
C PHE A 67 -3.24 11.14 -6.07
N VAL A 68 -2.40 11.12 -5.05
CA VAL A 68 -1.90 9.87 -4.51
C VAL A 68 -2.91 9.22 -3.56
N ILE A 69 -3.45 10.00 -2.62
CA ILE A 69 -4.41 9.49 -1.66
C ILE A 69 -5.59 8.79 -2.33
N PRO A 70 -6.06 9.28 -3.50
CA PRO A 70 -7.17 8.67 -4.22
C PRO A 70 -6.80 7.33 -4.84
N PHE A 71 -5.55 7.21 -5.27
CA PHE A 71 -5.08 5.97 -5.87
C PHE A 71 -5.23 4.82 -4.89
N LEU A 72 -4.71 5.01 -3.68
CA LEU A 72 -4.80 4.00 -2.64
C LEU A 72 -6.24 3.55 -2.45
N LYS A 73 -7.18 4.48 -2.68
CA LYS A 73 -8.61 4.19 -2.54
C LYS A 73 -9.04 3.16 -3.57
N ALA A 74 -8.59 3.34 -4.81
CA ALA A 74 -8.92 2.42 -5.89
C ALA A 74 -8.30 1.05 -5.61
N ASN A 75 -7.05 1.06 -5.17
CA ASN A 75 -6.34 -0.17 -4.88
C ASN A 75 -6.59 -0.63 -3.44
N LEU A 76 -7.44 0.09 -2.72
CA LEU A 76 -7.75 -0.22 -1.32
C LEU A 76 -8.61 -1.48 -1.15
N PRO A 77 -9.61 -1.71 -2.02
CA PRO A 77 -10.54 -2.85 -1.89
C PRO A 77 -9.95 -4.21 -2.26
N LEU A 78 -9.19 -4.27 -3.33
CA LEU A 78 -8.61 -5.54 -3.76
C LEU A 78 -7.55 -6.07 -2.79
N LEU A 79 -6.71 -5.19 -2.24
CA LEU A 79 -5.67 -5.62 -1.32
C LEU A 79 -6.24 -6.35 -0.15
N GLN A 80 -7.41 -5.93 0.27
CA GLN A 80 -8.07 -6.56 1.39
C GLN A 80 -8.76 -7.84 0.96
N ARG A 81 -9.52 -7.77 -0.13
CA ARG A 81 -10.23 -8.92 -0.66
C ARG A 81 -9.28 -10.04 -1.09
N GLU A 82 -8.36 -9.72 -2.00
CA GLU A 82 -7.40 -10.71 -2.50
C GLU A 82 -6.56 -11.30 -1.37
N LEU A 83 -6.12 -10.45 -0.46
CA LEU A 83 -5.29 -10.90 0.66
C LEU A 83 -6.11 -11.75 1.62
N LEU A 84 -7.41 -11.49 1.68
CA LEU A 84 -8.29 -12.25 2.55
C LEU A 84 -8.64 -13.60 1.94
N HIS A 85 -8.98 -13.59 0.66
CA HIS A 85 -9.33 -14.83 -0.04
C HIS A 85 -8.20 -15.85 0.03
N CYS A 86 -6.96 -15.36 0.08
CA CYS A 86 -5.80 -16.24 0.15
C CYS A 86 -5.54 -16.69 1.58
N ALA A 87 -5.82 -15.79 2.51
CA ALA A 87 -5.63 -16.06 3.93
C ALA A 87 -6.60 -17.14 4.42
N ARG A 88 -7.68 -17.34 3.68
CA ARG A 88 -8.69 -18.33 4.03
C ARG A 88 -8.13 -19.75 3.94
N LEU A 89 -7.56 -20.06 2.78
CA LEU A 89 -6.98 -21.36 2.55
C LEU A 89 -5.55 -21.41 3.06
N ALA A 90 -4.83 -20.33 2.82
CA ALA A 90 -3.43 -20.22 3.24
C ALA A 90 -2.53 -21.22 2.51
N LYS A 91 -3.12 -22.03 1.64
CA LYS A 91 -2.36 -23.03 0.89
C LYS A 91 -1.76 -22.42 -0.37
N GLN A 92 -2.06 -21.15 -0.62
CA GLN A 92 -1.53 -20.46 -1.79
C GLN A 92 -1.99 -21.14 -3.08
N ASN A 93 -2.86 -20.45 -3.80
CA ASN A 93 -3.39 -20.96 -5.06
C ASN A 93 -2.27 -21.14 -6.08
N PRO A 94 -2.03 -22.38 -6.55
CA PRO A 94 -0.97 -22.67 -7.52
C PRO A 94 -1.11 -21.83 -8.80
N ALA A 95 -2.27 -21.20 -8.97
CA ALA A 95 -2.52 -20.36 -10.13
C ALA A 95 -1.49 -19.24 -10.25
N GLN A 96 -1.00 -18.79 -9.10
CA GLN A 96 0.00 -17.71 -9.06
C GLN A 96 1.40 -18.26 -9.32
N TYR A 97 1.63 -19.49 -8.89
CA TYR A 97 2.93 -20.15 -9.06
C TYR A 97 4.09 -19.21 -8.74
N LEU A 98 4.59 -19.29 -7.51
CA LEU A 98 5.70 -18.46 -7.07
C LEU A 98 7.02 -19.22 -7.20
N ALA A 99 7.02 -20.47 -6.74
CA ALA A 99 8.22 -21.30 -6.79
C ALA A 99 8.54 -21.69 -8.22
N GLN A 100 7.50 -21.97 -9.01
CA GLN A 100 7.68 -22.36 -10.40
C GLN A 100 8.25 -21.22 -11.22
N HIS A 101 9.57 -21.17 -11.33
CA HIS A 101 10.23 -20.13 -12.10
C HIS A 101 11.32 -20.71 -13.00
N GLU A 102 11.15 -20.55 -14.31
CA GLU A 102 12.10 -21.06 -15.28
C GLU A 102 12.15 -22.59 -15.25
N GLN A 103 12.79 -23.14 -14.23
CA GLN A 103 12.90 -24.59 -14.09
C GLN A 103 13.72 -24.96 -12.86
N ILE B 1 18.78 -2.25 -10.02
CA ILE B 1 18.04 -2.20 -11.27
C ILE B 1 17.17 -0.95 -11.34
N GLY B 2 16.79 -0.55 -12.55
CA GLY B 2 15.95 0.64 -12.73
C GLY B 2 14.49 0.28 -12.94
N THR B 3 13.70 0.41 -11.89
CA THR B 3 12.27 0.11 -11.96
C THR B 3 11.50 0.87 -10.89
N ASP B 4 10.60 1.74 -11.32
CA ASP B 4 9.79 2.53 -10.39
C ASP B 4 8.68 3.27 -11.14
N LYS B 5 8.15 2.63 -12.17
CA LYS B 5 7.08 3.23 -12.96
C LYS B 5 5.77 3.28 -12.17
N GLU B 6 5.46 2.19 -11.48
CA GLU B 6 4.24 2.12 -10.68
C GLU B 6 4.27 3.14 -9.54
N LEU B 7 5.47 3.44 -9.05
CA LEU B 7 5.62 4.40 -7.96
C LEU B 7 5.74 5.82 -8.47
N SER B 8 6.29 5.98 -9.66
CA SER B 8 6.47 7.29 -10.26
C SER B 8 5.12 7.92 -10.60
N ASP B 9 4.16 7.10 -11.01
CA ASP B 9 2.83 7.60 -11.37
C ASP B 9 2.05 8.04 -10.13
N LEU B 10 2.71 8.11 -8.99
CA LEU B 10 2.08 8.53 -7.75
C LEU B 10 3.04 9.36 -6.90
N LEU B 11 4.30 8.92 -6.82
CA LEU B 11 5.32 9.62 -6.05
C LEU B 11 6.22 10.46 -6.94
N ASP B 12 6.77 11.53 -6.37
CA ASP B 12 7.68 12.41 -7.12
C ASP B 12 9.02 11.72 -7.34
N PHE B 13 9.98 12.46 -7.88
CA PHE B 13 11.31 11.92 -8.14
C PHE B 13 12.28 13.03 -8.56
N SER B 14 11.82 13.90 -9.46
CA SER B 14 12.64 15.01 -9.94
C SER B 14 12.61 16.17 -8.96
N ALA B 15 11.48 16.37 -8.31
CA ALA B 15 11.32 17.45 -7.35
C ALA B 15 12.21 17.25 -6.13
N MET B 16 12.86 16.10 -6.04
CA MET B 16 13.74 15.78 -4.92
C MET B 16 15.19 15.65 -5.38
N PHE B 17 15.99 14.93 -4.62
CA PHE B 17 17.40 14.71 -4.96
C PHE B 17 18.15 16.04 -5.00
N SER B 18 17.69 17.01 -4.21
CA SER B 18 18.33 18.32 -4.15
C SER B 18 18.12 18.95 -2.78
N GLY A 1 -21.72 -0.36 -11.97
CA GLY A 1 -20.30 -0.05 -12.32
C GLY A 1 -19.33 -1.01 -11.66
N ALA A 2 -19.25 -2.23 -12.18
CA ALA A 2 -18.34 -3.24 -11.64
C ALA A 2 -17.26 -3.61 -12.64
N MET A 3 -16.03 -3.17 -12.38
CA MET A 3 -14.90 -3.45 -13.25
C MET A 3 -14.36 -4.85 -13.00
N GLY A 4 -13.38 -5.25 -13.82
CA GLY A 4 -12.79 -6.57 -13.67
C GLY A 4 -11.29 -6.51 -13.56
N SER A 5 -10.78 -5.57 -12.77
CA SER A 5 -9.35 -5.42 -12.57
C SER A 5 -9.04 -4.89 -11.18
N GLY A 6 -8.80 -5.81 -10.25
CA GLY A 6 -8.49 -5.43 -8.88
C GLY A 6 -7.12 -5.89 -8.43
N ALA A 7 -6.79 -7.15 -8.74
CA ALA A 7 -5.51 -7.71 -8.36
C ALA A 7 -4.37 -7.03 -9.13
N ARG A 8 -4.71 -6.47 -10.28
CA ARG A 8 -3.72 -5.80 -11.11
C ARG A 8 -3.05 -4.65 -10.38
N GLN A 9 -3.81 -3.95 -9.55
CA GLN A 9 -3.26 -2.82 -8.83
C GLN A 9 -2.50 -3.24 -7.58
N LEU A 10 -2.74 -4.46 -7.12
CA LEU A 10 -2.06 -4.97 -5.93
C LEU A 10 -0.54 -4.87 -6.07
N SER A 11 -0.08 -4.78 -7.29
CA SER A 11 1.34 -4.66 -7.57
C SER A 11 1.81 -3.27 -7.16
N LYS A 12 0.92 -2.29 -7.26
CA LYS A 12 1.25 -0.92 -6.91
C LYS A 12 1.47 -0.81 -5.40
N LEU A 13 0.54 -1.32 -4.62
CA LEU A 13 0.65 -1.25 -3.17
C LEU A 13 1.94 -1.87 -2.68
N LYS A 14 2.18 -3.12 -3.06
CA LYS A 14 3.38 -3.81 -2.62
C LYS A 14 4.63 -3.03 -2.98
N ARG A 15 4.72 -2.59 -4.22
CA ARG A 15 5.88 -1.84 -4.67
C ARG A 15 5.90 -0.43 -4.07
N PHE A 16 4.77 0.27 -4.14
CA PHE A 16 4.66 1.63 -3.63
C PHE A 16 5.17 1.77 -2.20
N LEU A 17 4.62 0.94 -1.32
CA LEU A 17 4.99 0.97 0.09
C LEU A 17 6.51 0.91 0.29
N THR A 18 7.21 0.29 -0.65
CA THR A 18 8.66 0.15 -0.55
C THR A 18 9.39 1.48 -0.58
N THR A 19 8.82 2.49 -1.25
CA THR A 19 9.46 3.79 -1.36
C THR A 19 9.10 4.68 -0.17
N LEU A 20 7.80 4.82 0.08
CA LEU A 20 7.32 5.66 1.16
C LEU A 20 8.02 5.34 2.48
N GLN A 21 8.31 4.07 2.71
CA GLN A 21 8.97 3.67 3.93
C GLN A 21 10.33 4.35 4.08
N GLN A 22 11.03 4.49 2.96
CA GLN A 22 12.35 5.11 2.95
C GLN A 22 12.30 6.64 3.01
N PHE A 23 11.20 7.22 2.56
CA PHE A 23 11.06 8.67 2.55
C PHE A 23 11.17 9.21 3.97
N GLY A 24 10.82 8.40 4.96
CA GLY A 24 10.90 8.82 6.34
C GLY A 24 11.60 7.81 7.21
N ASN A 25 12.45 7.00 6.61
CA ASN A 25 13.20 5.98 7.33
C ASN A 25 14.29 6.60 8.21
N ASP A 26 14.04 7.80 8.73
CA ASP A 26 15.02 8.47 9.58
C ASP A 26 14.39 9.64 10.34
N ILE A 27 13.06 9.62 10.50
CA ILE A 27 12.39 10.68 11.22
C ILE A 27 12.48 10.45 12.73
N SER A 28 12.47 9.17 13.11
CA SER A 28 12.58 8.76 14.51
C SER A 28 12.56 7.23 14.62
N PRO A 29 13.01 6.68 15.75
CA PRO A 29 13.03 5.22 15.97
C PRO A 29 11.67 4.59 15.70
N GLU A 30 10.62 5.39 15.81
CA GLU A 30 9.26 4.90 15.58
C GLU A 30 8.96 4.81 14.08
N ILE A 31 9.22 5.90 13.37
CA ILE A 31 8.96 5.97 11.93
C ILE A 31 9.26 4.67 11.23
N GLY A 32 10.41 4.07 11.54
CA GLY A 32 10.73 2.80 10.94
C GLY A 32 9.59 1.82 11.15
N GLU A 33 9.00 1.90 12.33
CA GLU A 33 7.86 1.06 12.69
C GLU A 33 6.55 1.69 12.23
N ARG A 34 6.55 3.02 12.10
CA ARG A 34 5.37 3.74 11.67
C ARG A 34 4.96 3.30 10.27
N VAL A 35 5.87 3.40 9.32
CA VAL A 35 5.55 3.00 7.95
C VAL A 35 4.97 1.60 7.89
N ARG A 36 5.63 0.65 8.55
CA ARG A 36 5.15 -0.73 8.56
C ARG A 36 3.81 -0.84 9.27
N THR A 37 3.66 -0.13 10.39
CA THR A 37 2.40 -0.17 11.15
C THR A 37 1.28 0.52 10.40
N LEU A 38 1.58 1.60 9.71
CA LEU A 38 0.56 2.31 8.95
C LEU A 38 -0.09 1.38 7.94
N VAL A 39 0.74 0.71 7.14
CA VAL A 39 0.24 -0.20 6.11
C VAL A 39 -0.53 -1.38 6.71
N LEU A 40 0.06 -2.01 7.73
CA LEU A 40 -0.58 -3.13 8.39
C LEU A 40 -1.84 -2.68 9.10
N GLY A 41 -1.87 -1.41 9.52
CA GLY A 41 -3.03 -0.89 10.20
C GLY A 41 -4.19 -0.71 9.24
N LEU A 42 -3.91 -0.08 8.10
CA LEU A 42 -4.92 0.18 7.08
C LEU A 42 -5.54 -1.12 6.58
N VAL A 43 -4.74 -2.18 6.54
CA VAL A 43 -5.21 -3.48 6.09
C VAL A 43 -5.96 -4.20 7.22
N ASN A 44 -5.50 -4.01 8.44
CA ASN A 44 -6.15 -4.64 9.59
C ASN A 44 -7.50 -3.99 9.90
N SER A 45 -7.98 -3.13 9.00
CA SER A 45 -9.26 -2.45 9.19
C SER A 45 -9.23 -1.52 10.41
N THR A 46 -8.03 -1.28 10.93
CA THR A 46 -7.86 -0.41 12.08
C THR A 46 -7.44 1.00 11.67
N LEU A 47 -7.30 1.23 10.36
CA LEU A 47 -6.92 2.54 9.85
C LEU A 47 -7.97 3.07 8.88
N THR A 48 -7.55 4.00 8.04
CA THR A 48 -8.42 4.60 7.04
C THR A 48 -7.56 5.28 5.99
N ILE A 49 -8.15 5.51 4.85
CA ILE A 49 -7.47 6.15 3.76
C ILE A 49 -7.02 7.54 4.16
N GLU A 50 -7.95 8.33 4.64
CA GLU A 50 -7.67 9.69 5.04
C GLU A 50 -6.66 9.72 6.18
N GLU A 51 -6.68 8.67 7.00
CA GLU A 51 -5.76 8.56 8.14
C GLU A 51 -4.39 8.06 7.69
N PHE A 52 -4.38 6.97 6.92
CA PHE A 52 -3.15 6.38 6.43
C PHE A 52 -2.31 7.41 5.68
N HIS A 53 -2.89 8.03 4.67
CA HIS A 53 -2.19 9.04 3.89
C HIS A 53 -1.78 10.21 4.77
N SER A 54 -2.67 10.55 5.70
CA SER A 54 -2.42 11.64 6.63
C SER A 54 -1.29 11.30 7.59
N LYS A 55 -1.28 10.07 8.05
CA LYS A 55 -0.26 9.62 8.99
C LYS A 55 1.04 9.29 8.27
N LEU A 56 0.95 8.60 7.15
CA LEU A 56 2.14 8.23 6.39
C LEU A 56 2.89 9.47 5.88
N GLN A 57 2.16 10.55 5.63
CA GLN A 57 2.79 11.77 5.15
C GLN A 57 3.78 12.34 6.16
N GLU A 58 3.49 12.18 7.44
CA GLU A 58 4.39 12.68 8.46
C GLU A 58 5.61 11.78 8.63
N ALA A 59 5.37 10.47 8.74
CA ALA A 59 6.47 9.53 8.90
C ALA A 59 7.28 9.44 7.63
N THR A 60 6.59 9.32 6.50
CA THR A 60 7.24 9.23 5.20
C THR A 60 7.81 10.59 4.78
N ASN A 61 7.16 11.68 5.23
CA ASN A 61 7.62 13.02 4.90
C ASN A 61 7.69 13.24 3.39
N PHE A 62 6.85 12.50 2.69
CA PHE A 62 6.76 12.56 1.23
C PHE A 62 5.60 13.44 0.77
N PRO A 63 5.90 14.61 0.19
CA PRO A 63 4.86 15.53 -0.31
C PRO A 63 3.91 14.82 -1.26
N LEU A 64 4.47 14.27 -2.33
CA LEU A 64 3.69 13.56 -3.32
C LEU A 64 2.59 14.44 -3.92
N ARG A 65 1.78 13.83 -4.77
CA ARG A 65 0.69 14.53 -5.44
C ARG A 65 -0.61 14.36 -4.66
N PRO A 66 -1.59 15.24 -4.86
CA PRO A 66 -2.87 15.16 -4.17
C PRO A 66 -3.72 13.96 -4.63
N PHE A 67 -3.16 13.14 -5.52
CA PHE A 67 -3.86 11.98 -6.04
C PHE A 67 -3.32 10.68 -5.43
N VAL A 68 -2.53 10.80 -4.38
CA VAL A 68 -1.98 9.63 -3.71
C VAL A 68 -3.01 9.00 -2.77
N ILE A 69 -3.62 9.83 -1.93
CA ILE A 69 -4.62 9.35 -0.96
C ILE A 69 -5.75 8.59 -1.63
N PRO A 70 -6.21 9.02 -2.81
CA PRO A 70 -7.30 8.36 -3.52
C PRO A 70 -6.88 7.07 -4.20
N PHE A 71 -5.61 6.99 -4.59
CA PHE A 71 -5.11 5.79 -5.23
C PHE A 71 -5.30 4.59 -4.31
N LEU A 72 -4.82 4.72 -3.08
CA LEU A 72 -4.94 3.64 -2.11
C LEU A 72 -6.40 3.23 -1.95
N LYS A 73 -7.31 4.19 -2.11
CA LYS A 73 -8.74 3.90 -1.97
C LYS A 73 -9.23 3.01 -3.10
N ALA A 74 -8.74 3.26 -4.30
CA ALA A 74 -9.13 2.50 -5.47
C ALA A 74 -8.61 1.08 -5.41
N ASN A 75 -7.36 0.93 -5.02
CA ASN A 75 -6.74 -0.37 -4.92
C ASN A 75 -6.96 -1.00 -3.54
N LEU A 76 -7.62 -0.27 -2.66
CA LEU A 76 -7.88 -0.77 -1.31
C LEU A 76 -8.63 -2.12 -1.34
N PRO A 77 -9.65 -2.26 -2.19
CA PRO A 77 -10.44 -3.50 -2.26
C PRO A 77 -9.60 -4.71 -2.62
N LEU A 78 -8.57 -4.53 -3.42
CA LEU A 78 -7.75 -5.67 -3.82
C LEU A 78 -6.85 -6.11 -2.68
N LEU A 79 -6.11 -5.19 -2.11
CA LEU A 79 -5.21 -5.51 -1.03
C LEU A 79 -5.92 -6.25 0.11
N GLN A 80 -7.07 -5.73 0.54
CA GLN A 80 -7.81 -6.37 1.62
C GLN A 80 -8.67 -7.52 1.12
N ARG A 81 -9.56 -7.24 0.18
CA ARG A 81 -10.49 -8.24 -0.33
C ARG A 81 -9.85 -9.20 -1.34
N GLU A 82 -9.25 -8.67 -2.41
CA GLU A 82 -8.66 -9.54 -3.44
C GLU A 82 -7.65 -10.52 -2.84
N LEU A 83 -6.80 -10.02 -1.96
CA LEU A 83 -5.79 -10.86 -1.33
C LEU A 83 -6.44 -12.04 -0.61
N LEU A 84 -7.58 -11.78 0.02
CA LEU A 84 -8.31 -12.81 0.76
C LEU A 84 -9.17 -13.64 -0.20
N HIS A 85 -9.89 -12.96 -1.07
CA HIS A 85 -10.75 -13.65 -2.01
C HIS A 85 -9.95 -14.50 -3.01
N CYS A 86 -8.78 -14.01 -3.40
CA CYS A 86 -7.94 -14.74 -4.35
C CYS A 86 -7.38 -16.02 -3.74
N ALA A 87 -7.11 -15.95 -2.45
CA ALA A 87 -6.55 -17.07 -1.72
C ALA A 87 -7.55 -18.20 -1.53
N ARG A 88 -8.84 -17.90 -1.71
CA ARG A 88 -9.88 -18.90 -1.53
C ARG A 88 -10.02 -19.82 -2.74
N LEU A 89 -10.26 -19.22 -3.91
CA LEU A 89 -10.43 -19.97 -5.14
C LEU A 89 -9.10 -20.27 -5.86
N ALA A 90 -8.25 -19.23 -6.03
CA ALA A 90 -6.96 -19.34 -6.70
C ALA A 90 -6.54 -17.98 -7.27
N LYS A 91 -7.20 -17.57 -8.36
CA LYS A 91 -6.91 -16.29 -9.01
C LYS A 91 -5.46 -16.23 -9.49
N GLN A 92 -5.23 -16.71 -10.71
CA GLN A 92 -3.89 -16.73 -11.28
C GLN A 92 -3.96 -16.79 -12.80
N ASN A 93 -3.84 -15.63 -13.45
CA ASN A 93 -3.89 -15.55 -14.90
C ASN A 93 -3.65 -14.12 -15.39
N PRO A 94 -2.38 -13.70 -15.46
CA PRO A 94 -2.01 -12.35 -15.91
C PRO A 94 -2.42 -12.10 -17.37
N ALA A 95 -2.46 -13.17 -18.16
CA ALA A 95 -2.84 -13.07 -19.56
C ALA A 95 -4.24 -12.48 -19.74
N GLN A 96 -5.00 -12.44 -18.66
CA GLN A 96 -6.35 -11.90 -18.70
C GLN A 96 -6.36 -10.47 -19.25
N TYR A 97 -5.60 -9.59 -18.61
CA TYR A 97 -5.53 -8.19 -19.03
C TYR A 97 -4.19 -7.56 -18.63
N LEU A 98 -3.45 -7.09 -19.63
CA LEU A 98 -2.15 -6.47 -19.40
C LEU A 98 -2.24 -4.93 -19.50
N ALA A 99 -2.79 -4.43 -20.60
CA ALA A 99 -2.93 -2.99 -20.80
C ALA A 99 -4.30 -2.51 -20.36
N GLN A 100 -5.33 -3.25 -20.74
CA GLN A 100 -6.70 -2.90 -20.40
C GLN A 100 -7.07 -1.54 -20.98
N HIS A 101 -8.24 -1.06 -20.61
CA HIS A 101 -8.72 0.22 -21.08
C HIS A 101 -8.82 0.24 -22.60
N GLU A 102 -9.56 1.20 -23.12
CA GLU A 102 -9.76 1.32 -24.57
C GLU A 102 -10.01 2.78 -24.96
N GLN A 103 -10.73 3.51 -24.12
CA GLN A 103 -11.05 4.91 -24.39
C GLN A 103 -10.37 5.82 -23.35
N ILE B 1 11.00 9.55 -17.73
CA ILE B 1 10.67 8.26 -17.13
C ILE B 1 11.64 7.85 -16.01
N GLY B 2 11.07 7.39 -14.90
CA GLY B 2 11.86 6.96 -13.76
C GLY B 2 12.28 5.51 -13.86
N THR B 3 12.17 4.77 -12.75
CA THR B 3 12.56 3.37 -12.72
C THR B 3 11.40 2.45 -13.08
N ASP B 4 10.29 2.64 -12.40
CA ASP B 4 9.09 1.84 -12.62
C ASP B 4 7.88 2.74 -12.77
N LYS B 5 7.12 2.51 -13.83
CA LYS B 5 5.93 3.30 -14.08
C LYS B 5 4.93 3.20 -12.94
N GLU B 6 4.80 1.99 -12.38
CA GLU B 6 3.87 1.75 -11.29
C GLU B 6 4.13 2.70 -10.11
N LEU B 7 5.39 2.79 -9.69
CA LEU B 7 5.75 3.65 -8.57
C LEU B 7 5.80 5.11 -8.97
N SER B 8 6.17 5.36 -10.22
CA SER B 8 6.25 6.72 -10.74
C SER B 8 4.87 7.25 -11.13
N ASP B 9 3.90 6.34 -11.30
CA ASP B 9 2.55 6.73 -11.70
C ASP B 9 1.89 7.62 -10.67
N LEU B 10 2.20 7.42 -9.40
CA LEU B 10 1.62 8.23 -8.35
C LEU B 10 2.67 9.06 -7.63
N LEU B 11 3.93 8.62 -7.68
CA LEU B 11 5.02 9.36 -7.04
C LEU B 11 5.68 10.33 -7.99
N ASP B 12 6.69 11.05 -7.49
CA ASP B 12 7.39 12.02 -8.31
C ASP B 12 8.15 11.32 -9.43
N PHE B 13 8.71 12.10 -10.34
CA PHE B 13 9.45 11.56 -11.48
C PHE B 13 10.51 12.55 -11.98
N SER B 14 10.47 13.79 -11.47
CA SER B 14 11.42 14.81 -11.87
C SER B 14 12.86 14.41 -11.53
N ALA B 15 13.00 13.45 -10.60
CA ALA B 15 14.31 12.98 -10.18
C ALA B 15 14.97 12.14 -11.26
N MET B 16 14.17 11.33 -11.94
CA MET B 16 14.67 10.47 -13.00
C MET B 16 15.58 9.39 -12.43
N PHE B 17 15.35 8.15 -12.84
CA PHE B 17 16.17 7.04 -12.39
C PHE B 17 17.11 6.57 -13.49
N SER B 18 17.53 7.51 -14.34
CA SER B 18 18.44 7.19 -15.43
C SER B 18 19.27 8.40 -15.81
N GLY A 1 -3.91 -14.63 -20.01
CA GLY A 1 -5.10 -13.75 -19.86
C GLY A 1 -4.96 -12.78 -18.70
N ALA A 2 -5.98 -12.73 -17.85
CA ALA A 2 -5.97 -11.84 -16.70
C ALA A 2 -6.98 -12.28 -15.64
N MET A 3 -6.71 -11.95 -14.39
CA MET A 3 -7.60 -12.32 -13.30
C MET A 3 -8.84 -11.42 -13.28
N GLY A 4 -9.70 -11.62 -12.28
CA GLY A 4 -10.90 -10.82 -12.17
C GLY A 4 -10.60 -9.38 -11.83
N SER A 5 -10.36 -9.13 -10.56
CA SER A 5 -10.06 -7.80 -10.08
C SER A 5 -9.65 -7.85 -8.62
N GLY A 6 -8.35 -7.82 -8.36
CA GLY A 6 -7.86 -7.87 -7.00
C GLY A 6 -6.36 -8.02 -6.93
N ALA A 7 -5.82 -8.82 -7.82
CA ALA A 7 -4.39 -9.06 -7.87
C ALA A 7 -3.66 -7.91 -8.57
N ARG A 8 -4.37 -7.16 -9.40
CA ARG A 8 -3.78 -6.06 -10.17
C ARG A 8 -3.24 -4.94 -9.29
N GLN A 9 -4.10 -4.34 -8.47
CA GLN A 9 -3.69 -3.24 -7.61
C GLN A 9 -2.45 -3.57 -6.79
N LEU A 10 -2.34 -4.82 -6.37
CA LEU A 10 -1.19 -5.25 -5.58
C LEU A 10 0.12 -4.84 -6.22
N SER A 11 0.07 -4.59 -7.51
CA SER A 11 1.25 -4.16 -8.23
C SER A 11 1.69 -2.78 -7.78
N LYS A 12 0.74 -1.86 -7.72
CA LYS A 12 1.04 -0.51 -7.29
C LYS A 12 1.12 -0.40 -5.78
N LEU A 13 0.21 -1.07 -5.09
CA LEU A 13 0.20 -1.04 -3.64
C LEU A 13 1.51 -1.57 -3.05
N LYS A 14 1.92 -2.76 -3.49
CA LYS A 14 3.15 -3.35 -2.98
C LYS A 14 4.37 -2.50 -3.30
N ARG A 15 4.48 -2.07 -4.55
CA ARG A 15 5.62 -1.27 -4.98
C ARG A 15 5.60 0.14 -4.39
N PHE A 16 4.45 0.82 -4.50
CA PHE A 16 4.33 2.18 -3.99
C PHE A 16 4.73 2.31 -2.52
N LEU A 17 4.17 1.45 -1.69
CA LEU A 17 4.46 1.49 -0.26
C LEU A 17 5.96 1.42 0.03
N THR A 18 6.69 0.67 -0.80
CA THR A 18 8.14 0.51 -0.60
C THR A 18 8.87 1.85 -0.66
N THR A 19 8.26 2.84 -1.32
CA THR A 19 8.89 4.15 -1.45
C THR A 19 8.57 5.04 -0.25
N LEU A 20 7.29 5.10 0.10
CA LEU A 20 6.86 5.93 1.22
C LEU A 20 7.63 5.59 2.50
N GLN A 21 8.08 4.35 2.60
CA GLN A 21 8.83 3.91 3.78
C GLN A 21 10.23 4.50 3.79
N GLN A 22 10.81 4.65 2.61
CA GLN A 22 12.16 5.17 2.48
C GLN A 22 12.21 6.69 2.65
N PHE A 23 11.10 7.35 2.33
CA PHE A 23 11.04 8.80 2.46
C PHE A 23 11.26 9.21 3.91
N GLY A 24 10.84 8.35 4.83
CA GLY A 24 10.99 8.64 6.23
C GLY A 24 11.63 7.49 6.98
N ASN A 25 12.42 6.70 6.26
CA ASN A 25 13.10 5.56 6.86
C ASN A 25 14.24 5.99 7.78
N ASP A 26 14.16 7.21 8.31
CA ASP A 26 15.21 7.72 9.19
C ASP A 26 14.73 8.96 9.94
N ILE A 27 13.42 9.08 10.13
CA ILE A 27 12.85 10.22 10.84
C ILE A 27 12.98 10.02 12.35
N SER A 28 12.82 8.77 12.79
CA SER A 28 12.92 8.42 14.20
C SER A 28 12.76 6.92 14.38
N PRO A 29 13.18 6.37 15.54
CA PRO A 29 13.08 4.94 15.81
C PRO A 29 11.64 4.44 15.83
N GLU A 30 10.68 5.34 15.59
CA GLU A 30 9.27 4.98 15.59
C GLU A 30 8.68 5.03 14.19
N ILE A 31 9.34 5.76 13.29
CA ILE A 31 8.88 5.86 11.91
C ILE A 31 8.96 4.50 11.27
N GLY A 32 10.09 3.84 11.50
CA GLY A 32 10.23 2.51 10.97
C GLY A 32 9.04 1.67 11.35
N GLU A 33 8.47 1.99 12.51
CA GLU A 33 7.30 1.31 13.02
C GLU A 33 6.04 1.94 12.42
N ARG A 34 6.08 3.25 12.21
CA ARG A 34 4.94 3.97 11.66
C ARG A 34 4.62 3.46 10.26
N VAL A 35 5.59 3.51 9.36
CA VAL A 35 5.36 3.05 8.01
C VAL A 35 4.81 1.63 8.00
N ARG A 36 5.37 0.78 8.84
CA ARG A 36 4.93 -0.61 8.92
C ARG A 36 3.52 -0.69 9.51
N THR A 37 3.27 0.10 10.55
CA THR A 37 1.96 0.10 11.20
C THR A 37 0.90 0.70 10.29
N LEU A 38 1.25 1.74 9.55
CA LEU A 38 0.31 2.39 8.66
C LEU A 38 -0.28 1.40 7.66
N VAL A 39 0.58 0.62 7.00
CA VAL A 39 0.12 -0.36 6.02
C VAL A 39 -0.65 -1.50 6.66
N LEU A 40 -0.10 -2.06 7.74
CA LEU A 40 -0.75 -3.16 8.44
C LEU A 40 -2.06 -2.70 9.08
N GLY A 41 -2.10 -1.42 9.44
CA GLY A 41 -3.29 -0.88 10.05
C GLY A 41 -4.41 -0.67 9.04
N LEU A 42 -4.06 -0.03 7.93
CA LEU A 42 -5.02 0.26 6.86
C LEU A 42 -5.63 -1.02 6.33
N VAL A 43 -4.86 -2.11 6.38
CA VAL A 43 -5.35 -3.39 5.90
C VAL A 43 -6.13 -4.12 6.99
N ASN A 44 -5.70 -3.94 8.23
CA ASN A 44 -6.36 -4.58 9.37
C ASN A 44 -7.71 -3.92 9.65
N SER A 45 -8.17 -3.06 8.74
CA SER A 45 -9.43 -2.36 8.91
C SER A 45 -9.40 -1.44 10.12
N THR A 46 -8.20 -1.20 10.65
CA THR A 46 -8.03 -0.34 11.82
C THR A 46 -7.61 1.09 11.40
N LEU A 47 -7.35 1.28 10.12
CA LEU A 47 -6.95 2.59 9.62
C LEU A 47 -7.98 3.14 8.64
N THR A 48 -7.54 4.06 7.80
CA THR A 48 -8.38 4.67 6.81
C THR A 48 -7.51 5.34 5.77
N ILE A 49 -8.07 5.50 4.60
CA ILE A 49 -7.36 6.11 3.50
C ILE A 49 -6.94 7.53 3.87
N GLU A 50 -7.90 8.33 4.30
CA GLU A 50 -7.63 9.71 4.67
C GLU A 50 -6.62 9.76 5.81
N GLU A 51 -6.63 8.73 6.64
CA GLU A 51 -5.73 8.63 7.78
C GLU A 51 -4.34 8.16 7.35
N PHE A 52 -4.31 7.06 6.60
CA PHE A 52 -3.06 6.48 6.13
C PHE A 52 -2.19 7.52 5.42
N HIS A 53 -2.72 8.11 4.37
CA HIS A 53 -2.01 9.11 3.60
C HIS A 53 -1.65 10.30 4.47
N SER A 54 -2.60 10.71 5.29
CA SER A 54 -2.42 11.85 6.18
C SER A 54 -1.33 11.56 7.21
N LYS A 55 -1.47 10.45 7.92
CA LYS A 55 -0.51 10.07 8.94
C LYS A 55 0.83 9.69 8.32
N LEU A 56 0.80 8.88 7.28
CA LEU A 56 2.03 8.48 6.61
C LEU A 56 2.84 9.70 6.19
N GLN A 57 2.14 10.81 5.96
CA GLN A 57 2.79 12.06 5.57
C GLN A 57 3.87 12.43 6.58
N GLU A 58 3.62 12.07 7.84
CA GLU A 58 4.56 12.37 8.92
C GLU A 58 5.75 11.42 8.86
N ALA A 59 5.47 10.12 8.85
CA ALA A 59 6.52 9.12 8.81
C ALA A 59 7.36 9.25 7.55
N THR A 60 6.70 9.52 6.44
CA THR A 60 7.39 9.67 5.16
C THR A 60 8.14 11.00 5.09
N ASN A 61 7.83 11.90 6.02
CA ASN A 61 8.47 13.21 6.08
C ASN A 61 8.24 14.02 4.80
N PHE A 62 9.03 13.75 3.76
CA PHE A 62 8.90 14.47 2.49
C PHE A 62 7.59 14.11 1.78
N PRO A 63 6.82 15.10 1.30
CA PRO A 63 5.56 14.88 0.62
C PRO A 63 5.75 14.63 -0.86
N LEU A 64 4.98 13.68 -1.37
CA LEU A 64 5.03 13.32 -2.77
C LEU A 64 3.80 12.51 -3.16
N ARG A 65 2.74 12.64 -2.37
CA ARG A 65 1.52 11.92 -2.65
C ARG A 65 0.28 12.78 -2.47
N PRO A 66 0.09 13.76 -3.38
CA PRO A 66 -1.06 14.66 -3.33
C PRO A 66 -2.34 13.99 -3.83
N PHE A 67 -2.26 13.31 -4.96
CA PHE A 67 -3.42 12.62 -5.54
C PHE A 67 -3.33 11.12 -5.36
N VAL A 68 -2.38 10.67 -4.54
CA VAL A 68 -2.20 9.25 -4.29
C VAL A 68 -3.22 8.73 -3.28
N ILE A 69 -3.67 9.59 -2.36
CA ILE A 69 -4.65 9.17 -1.35
C ILE A 69 -5.91 8.55 -1.96
N PRO A 70 -6.39 9.07 -3.11
CA PRO A 70 -7.60 8.55 -3.78
C PRO A 70 -7.33 7.24 -4.52
N PHE A 71 -6.11 7.08 -5.02
CA PHE A 71 -5.75 5.87 -5.74
C PHE A 71 -5.89 4.66 -4.84
N LEU A 72 -5.43 4.80 -3.61
CA LEU A 72 -5.51 3.72 -2.64
C LEU A 72 -6.97 3.30 -2.43
N LYS A 73 -7.88 4.28 -2.45
CA LYS A 73 -9.31 4.01 -2.25
C LYS A 73 -9.88 3.19 -3.38
N ALA A 74 -9.41 3.44 -4.58
CA ALA A 74 -9.89 2.74 -5.75
C ALA A 74 -9.31 1.34 -5.82
N ASN A 75 -8.03 1.23 -5.48
CA ASN A 75 -7.36 -0.05 -5.53
C ASN A 75 -7.55 -0.82 -4.22
N LEU A 76 -7.99 -0.11 -3.17
CA LEU A 76 -8.20 -0.69 -1.85
C LEU A 76 -8.94 -2.03 -1.88
N PRO A 77 -9.97 -2.19 -2.72
CA PRO A 77 -10.77 -3.42 -2.79
C PRO A 77 -9.97 -4.64 -3.24
N LEU A 78 -8.91 -4.42 -3.99
CA LEU A 78 -8.10 -5.50 -4.52
C LEU A 78 -7.14 -6.08 -3.47
N LEU A 79 -6.29 -5.24 -2.91
CA LEU A 79 -5.32 -5.68 -1.88
C LEU A 79 -6.02 -6.24 -0.66
N GLN A 80 -7.23 -5.78 -0.41
CA GLN A 80 -7.99 -6.24 0.74
C GLN A 80 -8.57 -7.61 0.46
N ARG A 81 -9.13 -7.78 -0.73
CA ARG A 81 -9.74 -9.04 -1.12
C ARG A 81 -8.71 -10.12 -1.42
N GLU A 82 -7.60 -9.73 -2.05
CA GLU A 82 -6.56 -10.68 -2.41
C GLU A 82 -6.00 -11.38 -1.17
N LEU A 83 -5.74 -10.60 -0.12
CA LEU A 83 -5.20 -11.15 1.11
C LEU A 83 -6.17 -12.14 1.75
N LEU A 84 -7.45 -11.99 1.43
CA LEU A 84 -8.48 -12.86 1.97
C LEU A 84 -8.48 -14.22 1.29
N HIS A 85 -8.37 -14.22 -0.03
CA HIS A 85 -8.37 -15.46 -0.80
C HIS A 85 -7.33 -16.43 -0.26
N CYS A 86 -6.22 -15.90 0.26
CA CYS A 86 -5.17 -16.73 0.82
C CYS A 86 -5.51 -17.17 2.23
N ALA A 87 -6.29 -16.35 2.92
CA ALA A 87 -6.71 -16.64 4.28
C ALA A 87 -7.30 -18.05 4.39
N ARG A 88 -7.75 -18.58 3.27
CA ARG A 88 -8.32 -19.92 3.22
C ARG A 88 -7.42 -20.93 3.92
N LEU A 89 -6.11 -20.82 3.69
CA LEU A 89 -5.15 -21.73 4.29
C LEU A 89 -5.37 -21.87 5.80
N ALA A 90 -6.02 -20.88 6.41
CA ALA A 90 -6.30 -20.91 7.84
C ALA A 90 -7.77 -21.22 8.12
N LYS A 91 -8.57 -21.24 7.06
CA LYS A 91 -9.99 -21.53 7.16
C LYS A 91 -10.23 -23.04 7.11
N GLN A 92 -9.51 -23.76 7.97
CA GLN A 92 -9.61 -25.20 8.03
C GLN A 92 -11.05 -25.67 8.30
N ASN A 93 -11.92 -24.74 8.64
CA ASN A 93 -13.32 -25.08 8.93
C ASN A 93 -14.27 -24.35 7.98
N PRO A 94 -14.66 -24.99 6.86
CA PRO A 94 -15.57 -24.40 5.88
C PRO A 94 -16.87 -23.92 6.49
N ALA A 95 -17.15 -24.34 7.72
CA ALA A 95 -18.36 -23.94 8.41
C ALA A 95 -18.52 -22.41 8.43
N GLN A 96 -17.41 -21.68 8.31
CA GLN A 96 -17.46 -20.22 8.33
C GLN A 96 -17.84 -19.66 6.96
N TYR A 97 -17.29 -20.26 5.91
CA TYR A 97 -17.58 -19.82 4.54
C TYR A 97 -16.96 -20.75 3.51
N LEU A 98 -17.80 -21.29 2.63
CA LEU A 98 -17.33 -22.22 1.60
C LEU A 98 -17.18 -21.52 0.24
N ALA A 99 -18.28 -21.06 -0.33
CA ALA A 99 -18.28 -20.39 -1.62
C ALA A 99 -17.88 -18.93 -1.46
N GLN A 100 -18.69 -18.19 -0.73
CA GLN A 100 -18.44 -16.77 -0.50
C GLN A 100 -18.42 -16.01 -1.81
N HIS A 101 -19.53 -15.34 -2.12
CA HIS A 101 -19.63 -14.58 -3.35
C HIS A 101 -19.66 -13.08 -3.06
N GLU A 102 -20.63 -12.66 -2.25
CA GLU A 102 -20.78 -11.25 -1.90
C GLU A 102 -20.35 -11.02 -0.45
N GLN A 103 -19.21 -10.38 -0.27
CA GLN A 103 -18.69 -10.10 1.06
C GLN A 103 -18.91 -8.63 1.43
N ILE B 1 1.65 -0.21 -20.73
CA ILE B 1 2.95 -0.46 -20.11
C ILE B 1 3.03 0.22 -18.74
N GLY B 2 3.89 -0.28 -17.87
CA GLY B 2 4.07 0.30 -16.56
C GLY B 2 5.49 0.20 -16.05
N THR B 3 5.83 -0.97 -15.50
CA THR B 3 7.17 -1.21 -14.96
C THR B 3 7.58 -0.13 -13.96
N ASP B 4 8.15 0.96 -14.45
CA ASP B 4 8.59 2.06 -13.59
C ASP B 4 7.50 3.11 -13.45
N LYS B 5 6.81 3.40 -14.55
CA LYS B 5 5.74 4.39 -14.56
C LYS B 5 4.67 4.07 -13.52
N GLU B 6 4.60 2.80 -13.12
CA GLU B 6 3.62 2.37 -12.13
C GLU B 6 3.76 3.15 -10.82
N LEU B 7 5.00 3.37 -10.40
CA LEU B 7 5.27 4.11 -9.18
C LEU B 7 5.28 5.62 -9.45
N SER B 8 5.71 5.99 -10.64
CA SER B 8 5.79 7.40 -11.01
C SER B 8 4.41 7.97 -11.34
N ASP B 9 3.45 7.10 -11.60
CA ASP B 9 2.09 7.54 -11.94
C ASP B 9 1.48 8.36 -10.80
N LEU B 10 1.82 8.02 -9.56
CA LEU B 10 1.28 8.73 -8.41
C LEU B 10 2.39 9.36 -7.56
N LEU B 11 3.64 9.07 -7.87
CA LEU B 11 4.77 9.61 -7.11
C LEU B 11 5.71 10.43 -7.99
N ASP B 12 5.41 10.49 -9.28
CA ASP B 12 6.25 11.25 -10.22
C ASP B 12 7.68 10.69 -10.23
N PHE B 13 8.65 11.46 -9.76
CA PHE B 13 10.05 11.05 -9.73
C PHE B 13 10.70 11.16 -11.12
N SER B 14 9.99 10.67 -12.14
CA SER B 14 10.50 10.73 -13.51
C SER B 14 10.21 12.09 -14.14
N ALA B 15 9.05 12.65 -13.82
CA ALA B 15 8.65 13.95 -14.37
C ALA B 15 9.32 15.11 -13.61
N MET B 16 10.25 14.79 -12.73
CA MET B 16 10.96 15.81 -11.95
C MET B 16 10.01 16.81 -11.33
N PHE B 17 8.80 16.35 -10.99
CA PHE B 17 7.80 17.21 -10.37
C PHE B 17 7.44 18.36 -11.31
N SER B 18 6.47 18.12 -12.18
CA SER B 18 6.03 19.14 -13.12
C SER B 18 7.17 19.56 -14.04
N GLY A 1 -3.45 -19.00 -5.27
CA GLY A 1 -4.44 -18.86 -6.36
C GLY A 1 -4.26 -17.58 -7.14
N ALA A 2 -4.88 -16.52 -6.65
CA ALA A 2 -4.79 -15.21 -7.29
C ALA A 2 -5.42 -15.23 -8.67
N MET A 3 -6.50 -14.47 -8.84
CA MET A 3 -7.20 -14.41 -10.10
C MET A 3 -7.95 -13.10 -10.27
N GLY A 4 -8.15 -12.70 -11.52
CA GLY A 4 -8.86 -11.47 -11.81
C GLY A 4 -7.93 -10.32 -12.08
N SER A 5 -8.51 -9.13 -12.28
CA SER A 5 -7.73 -7.94 -12.56
C SER A 5 -7.58 -7.10 -11.30
N GLY A 6 -7.54 -7.76 -10.16
CA GLY A 6 -7.42 -7.05 -8.90
C GLY A 6 -6.01 -7.11 -8.33
N ALA A 7 -5.36 -8.25 -8.50
CA ALA A 7 -3.98 -8.41 -8.00
C ALA A 7 -3.13 -7.19 -8.33
N ARG A 8 -3.51 -6.47 -9.39
CA ARG A 8 -2.79 -5.27 -9.80
C ARG A 8 -2.65 -4.31 -8.62
N GLN A 9 -3.77 -4.05 -7.95
CA GLN A 9 -3.79 -3.15 -6.80
C GLN A 9 -2.65 -3.48 -5.84
N LEU A 10 -2.49 -4.76 -5.50
CA LEU A 10 -1.42 -5.17 -4.60
C LEU A 10 -0.06 -5.07 -5.27
N SER A 11 -0.06 -5.12 -6.57
CA SER A 11 1.17 -5.01 -7.30
C SER A 11 1.65 -3.57 -7.30
N LYS A 12 0.72 -2.64 -7.52
CA LYS A 12 1.04 -1.23 -7.55
C LYS A 12 1.12 -0.62 -6.16
N LEU A 13 0.25 -1.05 -5.26
CA LEU A 13 0.23 -0.50 -3.91
C LEU A 13 1.39 -1.04 -3.06
N LYS A 14 1.59 -2.36 -3.08
CA LYS A 14 2.67 -2.96 -2.30
C LYS A 14 4.01 -2.31 -2.62
N ARG A 15 4.23 -2.06 -3.90
CA ARG A 15 5.46 -1.44 -4.35
C ARG A 15 5.48 0.04 -3.98
N PHE A 16 4.40 0.74 -4.29
CA PHE A 16 4.31 2.17 -4.01
C PHE A 16 4.37 2.47 -2.53
N LEU A 17 3.47 1.84 -1.78
CA LEU A 17 3.40 2.04 -0.35
C LEU A 17 4.75 1.79 0.31
N THR A 18 5.49 0.81 -0.21
CA THR A 18 6.80 0.46 0.35
C THR A 18 7.80 1.58 0.14
N THR A 19 7.66 2.32 -0.96
CA THR A 19 8.56 3.44 -1.25
C THR A 19 8.37 4.54 -0.22
N LEU A 20 7.12 4.81 0.12
CA LEU A 20 6.79 5.84 1.09
C LEU A 20 7.49 5.58 2.41
N GLN A 21 7.79 4.32 2.67
CA GLN A 21 8.46 3.93 3.90
C GLN A 21 9.87 4.49 3.96
N GLN A 22 10.61 4.37 2.86
CA GLN A 22 11.98 4.85 2.82
C GLN A 22 12.08 6.37 2.79
N PHE A 23 11.04 7.05 2.30
CA PHE A 23 11.07 8.51 2.23
C PHE A 23 11.35 9.10 3.59
N GLY A 24 10.72 8.54 4.62
CA GLY A 24 10.93 9.03 5.95
C GLY A 24 11.37 7.94 6.90
N ASN A 25 12.03 6.92 6.34
CA ASN A 25 12.53 5.81 7.14
C ASN A 25 13.67 6.25 8.06
N ASP A 26 13.98 7.54 8.06
CA ASP A 26 15.05 8.07 8.88
C ASP A 26 14.56 9.18 9.80
N ILE A 27 13.25 9.23 10.05
CA ILE A 27 12.68 10.23 10.93
C ILE A 27 12.89 9.83 12.38
N SER A 28 12.84 8.53 12.64
CA SER A 28 13.03 7.99 13.99
C SER A 28 12.95 6.47 13.96
N PRO A 29 13.46 5.79 15.00
CA PRO A 29 13.42 4.33 15.08
C PRO A 29 11.99 3.78 15.14
N GLU A 30 11.01 4.68 15.12
CA GLU A 30 9.61 4.27 15.19
C GLU A 30 8.89 4.49 13.86
N ILE A 31 9.46 5.35 13.02
CA ILE A 31 8.88 5.62 11.71
C ILE A 31 8.91 4.36 10.90
N GLY A 32 10.07 3.70 10.91
CA GLY A 32 10.19 2.45 10.21
C GLY A 32 9.08 1.51 10.62
N GLU A 33 8.66 1.67 11.87
CA GLU A 33 7.57 0.88 12.43
C GLU A 33 6.22 1.51 12.07
N ARG A 34 6.20 2.84 12.00
CA ARG A 34 4.97 3.56 11.68
C ARG A 34 4.55 3.30 10.25
N VAL A 35 5.43 3.60 9.29
CA VAL A 35 5.11 3.39 7.89
C VAL A 35 4.70 1.95 7.64
N ARG A 36 5.41 1.03 8.28
CA ARG A 36 5.11 -0.39 8.12
C ARG A 36 3.74 -0.72 8.70
N THR A 37 3.44 -0.16 9.87
CA THR A 37 2.16 -0.40 10.51
C THR A 37 1.03 0.28 9.75
N LEU A 38 1.34 1.41 9.10
CA LEU A 38 0.34 2.14 8.33
C LEU A 38 -0.30 1.25 7.26
N VAL A 39 0.55 0.61 6.46
CA VAL A 39 0.07 -0.26 5.38
C VAL A 39 -0.74 -1.44 5.90
N LEU A 40 -0.19 -2.16 6.89
CA LEU A 40 -0.87 -3.31 7.46
C LEU A 40 -2.07 -2.87 8.29
N GLY A 41 -2.00 -1.67 8.85
CA GLY A 41 -3.12 -1.16 9.62
C GLY A 41 -4.29 -0.83 8.73
N LEU A 42 -4.01 -0.03 7.70
CA LEU A 42 -5.02 0.38 6.74
C LEU A 42 -5.68 -0.82 6.08
N VAL A 43 -4.94 -1.91 5.96
CA VAL A 43 -5.49 -3.12 5.37
C VAL A 43 -6.24 -3.94 6.42
N ASN A 44 -5.87 -3.77 7.68
CA ASN A 44 -6.52 -4.51 8.76
C ASN A 44 -7.88 -3.90 9.11
N SER A 45 -8.36 -2.98 8.27
CA SER A 45 -9.65 -2.33 8.51
C SER A 45 -9.61 -1.47 9.77
N THR A 46 -8.41 -1.24 10.31
CA THR A 46 -8.25 -0.43 11.51
C THR A 46 -7.86 1.00 11.17
N LEU A 47 -7.63 1.26 9.89
CA LEU A 47 -7.24 2.59 9.44
C LEU A 47 -8.25 3.13 8.43
N THR A 48 -7.82 4.09 7.63
CA THR A 48 -8.66 4.70 6.64
C THR A 48 -7.79 5.43 5.64
N ILE A 49 -8.28 5.54 4.42
CA ILE A 49 -7.55 6.19 3.37
C ILE A 49 -7.13 7.59 3.79
N GLU A 50 -8.11 8.37 4.20
CA GLU A 50 -7.86 9.74 4.60
C GLU A 50 -6.87 9.80 5.75
N GLU A 51 -6.88 8.77 6.58
CA GLU A 51 -5.98 8.68 7.73
C GLU A 51 -4.59 8.21 7.32
N PHE A 52 -4.55 7.10 6.60
CA PHE A 52 -3.29 6.52 6.14
C PHE A 52 -2.41 7.54 5.43
N HIS A 53 -2.94 8.11 4.35
CA HIS A 53 -2.19 9.11 3.59
C HIS A 53 -1.86 10.31 4.44
N SER A 54 -2.80 10.68 5.29
CA SER A 54 -2.62 11.82 6.17
C SER A 54 -1.50 11.54 7.18
N LYS A 55 -1.62 10.43 7.89
CA LYS A 55 -0.63 10.05 8.88
C LYS A 55 0.70 9.68 8.23
N LEU A 56 0.64 8.85 7.18
CA LEU A 56 1.83 8.45 6.46
C LEU A 56 2.59 9.67 5.96
N GLN A 57 1.85 10.74 5.67
CA GLN A 57 2.45 11.97 5.20
C GLN A 57 3.54 12.43 6.16
N GLU A 58 3.35 12.11 7.44
CA GLU A 58 4.32 12.48 8.47
C GLU A 58 5.54 11.58 8.40
N ALA A 59 5.32 10.27 8.43
CA ALA A 59 6.40 9.31 8.37
C ALA A 59 7.18 9.44 7.07
N THR A 60 6.47 9.46 5.95
CA THR A 60 7.11 9.58 4.65
C THR A 60 7.52 11.03 4.35
N ASN A 61 7.43 11.89 5.37
CA ASN A 61 7.79 13.30 5.23
C ASN A 61 7.15 13.94 4.00
N PHE A 62 6.05 13.38 3.53
CA PHE A 62 5.34 13.92 2.38
C PHE A 62 6.26 14.10 1.17
N PRO A 63 6.65 12.99 0.53
CA PRO A 63 7.53 13.02 -0.65
C PRO A 63 6.74 13.13 -1.96
N LEU A 64 5.53 12.57 -1.97
CA LEU A 64 4.68 12.62 -3.17
C LEU A 64 3.64 13.71 -3.04
N ARG A 65 2.63 13.65 -3.89
CA ARG A 65 1.55 14.62 -3.88
C ARG A 65 0.31 14.04 -3.23
N PRO A 66 -0.55 14.91 -2.67
CA PRO A 66 -1.79 14.48 -2.01
C PRO A 66 -2.72 13.72 -2.97
N PHE A 67 -2.49 13.89 -4.26
CA PHE A 67 -3.30 13.22 -5.27
C PHE A 67 -3.15 11.71 -5.20
N VAL A 68 -2.26 11.25 -4.33
CA VAL A 68 -2.02 9.83 -4.16
C VAL A 68 -3.09 9.19 -3.29
N ILE A 69 -3.66 9.96 -2.35
CA ILE A 69 -4.66 9.45 -1.43
C ILE A 69 -5.81 8.73 -2.15
N PRO A 70 -6.23 9.20 -3.34
CA PRO A 70 -7.33 8.59 -4.09
C PRO A 70 -6.94 7.25 -4.70
N PHE A 71 -5.70 7.14 -5.17
CA PHE A 71 -5.23 5.91 -5.78
C PHE A 71 -5.29 4.75 -4.78
N LEU A 72 -4.78 4.97 -3.57
CA LEU A 72 -4.80 3.95 -2.54
C LEU A 72 -6.24 3.52 -2.25
N LYS A 73 -7.18 4.45 -2.43
CA LYS A 73 -8.61 4.15 -2.20
C LYS A 73 -9.09 3.09 -3.16
N ALA A 74 -8.58 3.14 -4.39
CA ALA A 74 -8.96 2.19 -5.42
C ALA A 74 -8.42 0.79 -5.11
N ASN A 75 -7.17 0.76 -4.67
CA ASN A 75 -6.51 -0.50 -4.34
C ASN A 75 -6.75 -0.88 -2.88
N LEU A 76 -7.26 0.08 -2.10
CA LEU A 76 -7.52 -0.12 -0.68
C LEU A 76 -8.27 -1.42 -0.39
N PRO A 77 -9.46 -1.64 -1.00
CA PRO A 77 -10.26 -2.85 -0.75
C PRO A 77 -9.58 -4.12 -1.26
N LEU A 78 -8.56 -3.96 -2.08
CA LEU A 78 -7.87 -5.12 -2.64
C LEU A 78 -6.86 -5.74 -1.69
N LEU A 79 -6.11 -4.90 -1.02
CA LEU A 79 -5.09 -5.37 -0.09
C LEU A 79 -5.66 -6.43 0.82
N GLN A 80 -6.84 -6.16 1.33
CA GLN A 80 -7.51 -7.08 2.23
C GLN A 80 -8.23 -8.19 1.48
N ARG A 81 -9.02 -7.80 0.49
CA ARG A 81 -9.82 -8.76 -0.28
C ARG A 81 -9.01 -9.69 -1.19
N GLU A 82 -8.25 -9.14 -2.13
CA GLU A 82 -7.47 -9.98 -3.06
C GLU A 82 -6.44 -10.82 -2.33
N LEU A 83 -5.74 -10.21 -1.37
CA LEU A 83 -4.73 -10.93 -0.60
C LEU A 83 -5.38 -12.01 0.26
N LEU A 84 -6.62 -11.76 0.66
CA LEU A 84 -7.38 -12.71 1.48
C LEU A 84 -7.29 -14.12 0.91
N HIS A 85 -7.25 -14.23 -0.42
CA HIS A 85 -7.19 -15.53 -1.09
C HIS A 85 -6.16 -16.47 -0.45
N CYS A 86 -5.07 -15.90 0.07
CA CYS A 86 -4.04 -16.69 0.73
C CYS A 86 -4.42 -16.94 2.19
N ALA A 87 -5.14 -15.98 2.73
CA ALA A 87 -5.60 -16.03 4.12
C ALA A 87 -6.79 -16.97 4.30
N ARG A 88 -7.43 -17.35 3.18
CA ARG A 88 -8.59 -18.24 3.20
C ARG A 88 -8.37 -19.45 4.10
N LEU A 89 -7.11 -19.82 4.32
CA LEU A 89 -6.81 -20.99 5.16
C LEU A 89 -7.58 -20.96 6.49
N ALA A 90 -8.02 -19.77 6.90
CA ALA A 90 -8.77 -19.64 8.15
C ALA A 90 -10.06 -20.45 8.07
N LYS A 91 -11.01 -19.96 7.27
CA LYS A 91 -12.31 -20.63 7.11
C LYS A 91 -12.26 -21.70 6.03
N GLN A 92 -11.19 -21.70 5.24
CA GLN A 92 -11.00 -22.66 4.16
C GLN A 92 -12.11 -22.54 3.12
N ASN A 93 -11.74 -22.75 1.85
CA ASN A 93 -12.69 -22.66 0.76
C ASN A 93 -12.01 -23.01 -0.58
N PRO A 94 -11.78 -24.31 -0.83
CA PRO A 94 -11.14 -24.76 -2.07
C PRO A 94 -11.99 -24.49 -3.30
N ALA A 95 -13.26 -24.19 -3.10
CA ALA A 95 -14.19 -23.90 -4.20
C ALA A 95 -13.68 -22.75 -5.07
N GLN A 96 -12.72 -21.99 -4.56
CA GLN A 96 -12.16 -20.87 -5.28
C GLN A 96 -11.57 -21.31 -6.62
N TYR A 97 -11.03 -22.52 -6.66
CA TYR A 97 -10.44 -23.05 -7.88
C TYR A 97 -9.22 -22.22 -8.30
N LEU A 98 -8.10 -22.90 -8.56
CA LEU A 98 -6.86 -22.25 -8.96
C LEU A 98 -6.62 -22.34 -10.47
N ALA A 99 -7.57 -22.92 -11.19
CA ALA A 99 -7.45 -23.09 -12.63
C ALA A 99 -7.59 -21.77 -13.37
N GLN A 100 -7.55 -20.66 -12.62
CA GLN A 100 -7.68 -19.35 -13.23
C GLN A 100 -6.34 -18.89 -13.78
N HIS A 101 -6.39 -18.14 -14.87
CA HIS A 101 -5.17 -17.64 -15.49
C HIS A 101 -4.78 -16.28 -14.90
N GLU A 102 -3.56 -16.21 -14.37
CA GLU A 102 -3.06 -14.98 -13.79
C GLU A 102 -1.58 -15.10 -13.45
N GLN A 103 -1.25 -16.03 -12.55
CA GLN A 103 0.13 -16.25 -12.14
C GLN A 103 0.48 -17.73 -12.18
N ILE B 1 11.46 -5.07 -16.32
CA ILE B 1 10.02 -4.94 -16.23
C ILE B 1 9.54 -5.05 -14.78
N GLY B 2 8.54 -4.24 -14.44
CA GLY B 2 8.03 -4.26 -13.07
C GLY B 2 8.46 -3.04 -12.27
N THR B 3 7.68 -2.69 -11.26
CA THR B 3 7.96 -1.54 -10.40
C THR B 3 8.43 -0.33 -11.21
N ASP B 4 8.97 0.66 -10.51
CA ASP B 4 9.47 1.87 -11.13
C ASP B 4 8.33 2.72 -11.69
N LYS B 5 7.75 2.26 -12.79
CA LYS B 5 6.66 2.99 -13.43
C LYS B 5 5.44 3.03 -12.53
N GLU B 6 5.21 1.92 -11.84
CA GLU B 6 4.07 1.82 -10.95
C GLU B 6 4.06 2.94 -9.93
N LEU B 7 5.21 3.22 -9.35
CA LEU B 7 5.31 4.27 -8.33
C LEU B 7 5.45 5.64 -8.97
N SER B 8 6.06 5.67 -10.13
CA SER B 8 6.27 6.92 -10.86
C SER B 8 4.94 7.58 -11.24
N ASP B 9 3.90 6.77 -11.40
CA ASP B 9 2.59 7.28 -11.77
C ASP B 9 1.80 7.74 -10.54
N LEU B 10 2.48 7.89 -9.42
CA LEU B 10 1.83 8.31 -8.17
C LEU B 10 2.76 9.16 -7.32
N LEU B 11 4.04 8.79 -7.28
CA LEU B 11 5.04 9.54 -6.49
C LEU B 11 5.72 10.60 -7.35
N ASP B 12 6.10 10.20 -8.56
CA ASP B 12 6.78 11.11 -9.48
C ASP B 12 5.78 11.87 -10.33
N PHE B 13 5.80 13.20 -10.21
CA PHE B 13 4.90 14.05 -10.97
C PHE B 13 5.60 15.33 -11.39
N SER B 14 6.43 15.89 -10.51
CA SER B 14 7.15 17.12 -10.79
C SER B 14 8.32 16.84 -11.73
N ALA B 15 8.95 15.69 -11.56
CA ALA B 15 10.08 15.30 -12.39
C ALA B 15 9.65 14.32 -13.47
N MET B 16 9.03 13.22 -13.05
CA MET B 16 8.56 12.20 -13.97
C MET B 16 9.74 11.41 -14.56
N PHE B 17 10.70 12.13 -15.12
CA PHE B 17 11.88 11.48 -15.72
C PHE B 17 11.48 10.62 -16.91
N SER B 18 11.93 11.01 -18.09
CA SER B 18 11.61 10.27 -19.31
C SER B 18 12.89 9.97 -20.10
N GLY A 1 -2.53 -16.11 -11.85
CA GLY A 1 -3.98 -16.12 -12.21
C GLY A 1 -4.87 -16.42 -11.01
N ALA A 2 -5.11 -15.39 -10.20
CA ALA A 2 -5.94 -15.54 -9.02
C ALA A 2 -7.03 -14.46 -8.98
N MET A 3 -8.27 -14.89 -8.74
CA MET A 3 -9.39 -13.96 -8.69
C MET A 3 -9.58 -13.22 -10.02
N GLY A 4 -10.55 -12.32 -10.06
CA GLY A 4 -10.80 -11.56 -11.28
C GLY A 4 -10.35 -10.13 -11.17
N SER A 5 -10.30 -9.62 -9.94
CA SER A 5 -9.88 -8.24 -9.69
C SER A 5 -9.50 -8.07 -8.23
N GLY A 6 -8.20 -8.00 -7.96
CA GLY A 6 -7.74 -7.82 -6.60
C GLY A 6 -6.24 -7.94 -6.48
N ALA A 7 -5.65 -8.81 -7.30
CA ALA A 7 -4.21 -9.03 -7.27
C ALA A 7 -3.46 -7.93 -8.01
N ARG A 8 -4.14 -7.26 -8.93
CA ARG A 8 -3.53 -6.20 -9.73
C ARG A 8 -2.96 -5.07 -8.89
N GLN A 9 -3.82 -4.43 -8.10
CA GLN A 9 -3.41 -3.32 -7.27
C GLN A 9 -2.18 -3.63 -6.43
N LEU A 10 -2.18 -4.80 -5.80
CA LEU A 10 -1.07 -5.23 -4.95
C LEU A 10 0.27 -4.98 -5.62
N SER A 11 0.24 -4.87 -6.93
CA SER A 11 1.45 -4.61 -7.69
C SER A 11 1.98 -3.22 -7.40
N LYS A 12 1.09 -2.22 -7.46
CA LYS A 12 1.48 -0.84 -7.22
C LYS A 12 1.63 -0.56 -5.73
N LEU A 13 0.75 -1.14 -4.93
CA LEU A 13 0.78 -0.94 -3.49
C LEU A 13 2.11 -1.34 -2.88
N LYS A 14 2.55 -2.57 -3.12
CA LYS A 14 3.81 -3.03 -2.57
C LYS A 14 4.97 -2.21 -3.10
N ARG A 15 4.78 -1.60 -4.27
CA ARG A 15 5.82 -0.80 -4.89
C ARG A 15 5.84 0.62 -4.35
N PHE A 16 4.70 1.30 -4.42
CA PHE A 16 4.61 2.67 -3.95
C PHE A 16 5.11 2.81 -2.51
N LEU A 17 4.72 1.88 -1.67
CA LEU A 17 5.10 1.91 -0.26
C LEU A 17 6.63 1.90 -0.09
N THR A 18 7.33 1.22 -1.00
CA THR A 18 8.79 1.12 -0.93
C THR A 18 9.45 2.49 -0.78
N THR A 19 9.09 3.43 -1.63
CA THR A 19 9.68 4.76 -1.58
C THR A 19 9.23 5.50 -0.34
N LEU A 20 7.96 5.31 0.03
CA LEU A 20 7.41 5.98 1.19
C LEU A 20 8.10 5.52 2.47
N GLN A 21 8.26 4.20 2.62
CA GLN A 21 8.90 3.63 3.81
C GLN A 21 10.40 3.91 3.83
N GLN A 22 11.01 3.90 2.65
CA GLN A 22 12.45 4.14 2.54
C GLN A 22 12.82 5.58 2.86
N PHE A 23 11.90 6.51 2.63
CA PHE A 23 12.18 7.91 2.92
C PHE A 23 12.18 8.16 4.42
N GLY A 24 11.11 7.74 5.10
CA GLY A 24 11.03 7.92 6.53
C GLY A 24 11.74 6.81 7.29
N ASN A 25 12.49 6.01 6.55
CA ASN A 25 13.24 4.88 7.12
C ASN A 25 14.04 5.27 8.35
N ASP A 26 14.38 6.55 8.48
CA ASP A 26 15.17 6.99 9.63
C ASP A 26 14.70 8.35 10.16
N ILE A 27 13.38 8.55 10.22
CA ILE A 27 12.86 9.81 10.74
C ILE A 27 12.88 9.76 12.26
N SER A 28 12.70 8.56 12.81
CA SER A 28 12.72 8.33 14.25
C SER A 28 12.54 6.85 14.54
N PRO A 29 12.93 6.38 15.76
CA PRO A 29 12.80 4.97 16.13
C PRO A 29 11.35 4.49 16.16
N GLU A 30 10.43 5.41 15.86
CA GLU A 30 9.01 5.10 15.85
C GLU A 30 8.46 5.11 14.43
N ILE A 31 9.19 5.73 13.52
CA ILE A 31 8.76 5.78 12.13
C ILE A 31 8.73 4.39 11.56
N GLY A 32 9.79 3.66 11.82
CA GLY A 32 9.87 2.28 11.37
C GLY A 32 8.65 1.52 11.83
N GLU A 33 8.13 1.92 12.99
CA GLU A 33 6.95 1.31 13.58
C GLU A 33 5.67 1.93 13.03
N ARG A 34 5.71 3.24 12.78
CA ARG A 34 4.53 3.92 12.26
C ARG A 34 4.30 3.62 10.78
N VAL A 35 5.32 3.81 9.95
CA VAL A 35 5.17 3.52 8.51
C VAL A 35 4.71 2.09 8.31
N ARG A 36 5.35 1.18 9.03
CA ARG A 36 5.01 -0.23 8.94
C ARG A 36 3.61 -0.48 9.45
N THR A 37 3.24 0.20 10.54
CA THR A 37 1.91 0.04 11.11
C THR A 37 0.84 0.66 10.21
N LEU A 38 1.22 1.71 9.48
CA LEU A 38 0.27 2.38 8.58
C LEU A 38 -0.27 1.40 7.54
N VAL A 39 0.62 0.69 6.87
CA VAL A 39 0.23 -0.28 5.86
C VAL A 39 -0.52 -1.47 6.45
N LEU A 40 -0.01 -2.04 7.52
CA LEU A 40 -0.67 -3.17 8.14
C LEU A 40 -2.00 -2.76 8.73
N GLY A 41 -2.06 -1.53 9.23
CA GLY A 41 -3.29 -1.03 9.80
C GLY A 41 -4.37 -0.84 8.77
N LEU A 42 -4.01 -0.20 7.66
CA LEU A 42 -4.93 0.07 6.57
C LEU A 42 -5.56 -1.23 6.06
N VAL A 43 -4.81 -2.32 6.18
CA VAL A 43 -5.27 -3.63 5.72
C VAL A 43 -5.88 -4.43 6.87
N ASN A 44 -5.33 -4.27 8.07
CA ASN A 44 -5.84 -5.00 9.25
C ASN A 44 -7.21 -4.49 9.68
N SER A 45 -7.83 -3.64 8.87
CA SER A 45 -9.15 -3.09 9.18
C SER A 45 -9.09 -2.25 10.46
N THR A 46 -8.11 -1.36 10.52
CA THR A 46 -7.94 -0.50 11.68
C THR A 46 -7.49 0.91 11.28
N LEU A 47 -7.38 1.16 9.98
CA LEU A 47 -6.96 2.46 9.49
C LEU A 47 -8.03 3.05 8.55
N THR A 48 -7.60 3.99 7.73
CA THR A 48 -8.47 4.63 6.77
C THR A 48 -7.63 5.34 5.75
N ILE A 49 -8.19 5.55 4.58
CA ILE A 49 -7.49 6.20 3.51
C ILE A 49 -7.05 7.59 3.91
N GLU A 50 -8.01 8.38 4.36
CA GLU A 50 -7.73 9.74 4.79
C GLU A 50 -6.64 9.74 5.86
N GLU A 51 -6.64 8.70 6.68
CA GLU A 51 -5.67 8.58 7.76
C GLU A 51 -4.32 8.07 7.26
N PHE A 52 -4.36 6.98 6.50
CA PHE A 52 -3.14 6.37 5.96
C PHE A 52 -2.29 7.41 5.26
N HIS A 53 -2.83 8.04 4.22
CA HIS A 53 -2.08 9.06 3.49
C HIS A 53 -1.67 10.18 4.43
N SER A 54 -2.59 10.57 5.30
CA SER A 54 -2.34 11.65 6.26
C SER A 54 -1.14 11.34 7.15
N LYS A 55 -1.12 10.12 7.71
CA LYS A 55 -0.04 9.71 8.59
C LYS A 55 1.19 9.30 7.79
N LEU A 56 0.98 8.49 6.74
CA LEU A 56 2.09 8.03 5.89
C LEU A 56 2.84 9.20 5.28
N GLN A 57 2.10 10.24 4.88
CA GLN A 57 2.73 11.40 4.26
C GLN A 57 3.75 12.03 5.21
N GLU A 58 3.48 11.94 6.51
CA GLU A 58 4.38 12.50 7.50
C GLU A 58 5.60 11.61 7.67
N ALA A 59 5.36 10.33 7.92
CA ALA A 59 6.43 9.37 8.12
C ALA A 59 7.25 9.19 6.85
N THR A 60 6.55 8.94 5.76
CA THR A 60 7.17 8.71 4.48
C THR A 60 7.74 9.99 3.91
N ASN A 61 7.22 11.12 4.33
CA ASN A 61 7.72 12.39 3.85
C ASN A 61 7.72 12.42 2.33
N PHE A 62 8.46 13.36 1.76
CA PHE A 62 8.55 13.50 0.31
C PHE A 62 7.25 14.10 -0.21
N PRO A 63 7.15 14.43 -1.51
CA PRO A 63 5.94 15.01 -2.09
C PRO A 63 4.72 14.14 -1.83
N LEU A 64 4.60 13.04 -2.59
CA LEU A 64 3.48 12.12 -2.46
C LEU A 64 2.22 12.73 -3.05
N ARG A 65 1.98 13.95 -2.66
CA ARG A 65 0.82 14.71 -3.12
C ARG A 65 -0.48 14.02 -2.75
N PRO A 66 -1.53 14.80 -2.45
CA PRO A 66 -2.85 14.26 -2.10
C PRO A 66 -3.40 13.35 -3.19
N PHE A 67 -2.85 13.46 -4.40
CA PHE A 67 -3.29 12.64 -5.52
C PHE A 67 -3.01 11.15 -5.27
N VAL A 68 -2.19 10.86 -4.26
CA VAL A 68 -1.85 9.49 -3.91
C VAL A 68 -2.94 8.83 -3.05
N ILE A 69 -3.59 9.63 -2.21
CA ILE A 69 -4.61 9.12 -1.31
C ILE A 69 -5.78 8.46 -2.04
N PRO A 70 -6.15 8.97 -3.23
CA PRO A 70 -7.27 8.41 -4.00
C PRO A 70 -6.95 7.09 -4.67
N PHE A 71 -5.75 6.98 -5.21
CA PHE A 71 -5.32 5.75 -5.86
C PHE A 71 -5.48 4.59 -4.88
N LEU A 72 -4.97 4.78 -3.67
CA LEU A 72 -5.08 3.75 -2.65
C LEU A 72 -6.55 3.36 -2.45
N LYS A 73 -7.44 4.34 -2.55
CA LYS A 73 -8.88 4.11 -2.41
C LYS A 73 -9.41 3.21 -3.52
N ALA A 74 -8.92 3.41 -4.74
CA ALA A 74 -9.35 2.62 -5.87
C ALA A 74 -8.76 1.23 -5.82
N ASN A 75 -7.52 1.14 -5.37
CA ASN A 75 -6.84 -0.14 -5.30
C ASN A 75 -7.08 -0.83 -3.97
N LEU A 76 -7.55 -0.08 -2.99
CA LEU A 76 -7.83 -0.62 -1.67
C LEU A 76 -8.68 -1.90 -1.70
N PRO A 77 -9.73 -1.94 -2.55
CA PRO A 77 -10.62 -3.12 -2.66
C PRO A 77 -9.87 -4.37 -3.09
N LEU A 78 -8.86 -4.18 -3.91
CA LEU A 78 -8.06 -5.30 -4.40
C LEU A 78 -7.16 -5.85 -3.31
N LEU A 79 -6.40 -4.97 -2.69
CA LEU A 79 -5.49 -5.37 -1.61
C LEU A 79 -6.21 -6.09 -0.48
N GLN A 80 -7.43 -5.67 -0.17
CA GLN A 80 -8.19 -6.29 0.90
C GLN A 80 -8.86 -7.58 0.42
N ARG A 81 -9.62 -7.46 -0.66
CA ARG A 81 -10.33 -8.61 -1.22
C ARG A 81 -9.38 -9.80 -1.43
N GLU A 82 -8.32 -9.58 -2.19
CA GLU A 82 -7.36 -10.64 -2.46
C GLU A 82 -6.73 -11.16 -1.17
N LEU A 83 -6.44 -10.26 -0.25
CA LEU A 83 -5.84 -10.64 1.03
C LEU A 83 -6.83 -11.41 1.90
N LEU A 84 -8.13 -11.19 1.65
CA LEU A 84 -9.17 -11.86 2.42
C LEU A 84 -9.00 -13.38 2.36
N HIS A 85 -8.71 -13.90 1.18
CA HIS A 85 -8.53 -15.35 0.99
C HIS A 85 -7.54 -15.91 2.00
N CYS A 86 -6.48 -15.17 2.29
CA CYS A 86 -5.48 -15.61 3.26
C CYS A 86 -5.92 -15.29 4.67
N ALA A 87 -6.66 -14.19 4.80
CA ALA A 87 -7.17 -13.73 6.08
C ALA A 87 -8.23 -14.69 6.63
N ARG A 88 -8.76 -15.54 5.77
CA ARG A 88 -9.79 -16.50 6.17
C ARG A 88 -9.40 -17.23 7.46
N LEU A 89 -8.09 -17.37 7.69
CA LEU A 89 -7.58 -18.06 8.88
C LEU A 89 -8.08 -17.38 10.16
N ALA A 90 -8.59 -16.17 10.03
CA ALA A 90 -9.10 -15.44 11.18
C ALA A 90 -10.53 -14.97 10.95
N LYS A 91 -10.83 -14.52 9.73
CA LYS A 91 -12.17 -14.05 9.39
C LYS A 91 -12.55 -12.84 10.24
N GLN A 92 -12.14 -11.65 9.81
CA GLN A 92 -12.43 -10.43 10.53
C GLN A 92 -12.30 -9.22 9.62
N ASN A 93 -13.43 -8.66 9.21
CA ASN A 93 -13.45 -7.50 8.34
C ASN A 93 -14.82 -6.83 8.33
N PRO A 94 -15.03 -5.83 9.22
CA PRO A 94 -16.30 -5.11 9.32
C PRO A 94 -16.71 -4.52 7.97
N ALA A 95 -15.76 -4.35 7.08
CA ALA A 95 -16.02 -3.80 5.76
C ALA A 95 -17.03 -4.66 4.99
N GLN A 96 -17.20 -5.90 5.42
CA GLN A 96 -18.14 -6.81 4.78
C GLN A 96 -19.55 -6.25 4.77
N TYR A 97 -19.90 -5.51 5.82
CA TYR A 97 -21.23 -4.91 5.93
C TYR A 97 -21.16 -3.39 5.90
N LEU A 98 -20.09 -2.86 5.33
CA LEU A 98 -19.90 -1.41 5.23
C LEU A 98 -20.24 -0.90 3.84
N ALA A 99 -20.71 -1.79 2.96
CA ALA A 99 -21.07 -1.42 1.60
C ALA A 99 -22.38 -0.63 1.54
N GLN A 100 -22.87 -0.22 2.71
CA GLN A 100 -24.11 0.54 2.79
C GLN A 100 -23.88 2.01 2.47
N HIS A 101 -24.46 2.46 1.36
CA HIS A 101 -24.31 3.85 0.93
C HIS A 101 -25.06 4.80 1.86
N GLU A 102 -25.07 6.09 1.52
CA GLU A 102 -25.75 7.09 2.35
C GLU A 102 -26.53 8.09 1.49
N GLN A 103 -25.88 8.61 0.46
CA GLN A 103 -26.51 9.57 -0.43
C GLN A 103 -25.61 9.87 -1.62
N ILE B 1 5.61 8.86 -18.10
CA ILE B 1 6.62 9.50 -18.94
C ILE B 1 7.92 9.79 -18.18
N GLY B 2 7.98 9.33 -16.95
CA GLY B 2 9.17 9.54 -16.13
C GLY B 2 9.71 8.26 -15.55
N THR B 3 10.19 8.32 -14.33
CA THR B 3 10.75 7.14 -13.67
C THR B 3 9.64 6.29 -13.03
N ASP B 4 9.36 5.15 -13.62
CA ASP B 4 8.32 4.25 -13.11
C ASP B 4 6.96 4.91 -13.13
N LYS B 5 6.16 4.62 -14.15
CA LYS B 5 4.83 5.19 -14.29
C LYS B 5 3.98 4.93 -13.04
N GLU B 6 4.02 3.70 -12.57
CA GLU B 6 3.26 3.29 -11.39
C GLU B 6 3.56 4.21 -10.19
N LEU B 7 4.84 4.30 -9.82
CA LEU B 7 5.27 5.11 -8.69
C LEU B 7 5.15 6.61 -9.00
N SER B 8 5.27 6.95 -10.28
CA SER B 8 5.17 8.35 -10.70
C SER B 8 3.71 8.80 -10.81
N ASP B 9 2.82 7.86 -11.10
CA ASP B 9 1.39 8.19 -11.22
C ASP B 9 0.80 8.63 -9.89
N LEU B 10 1.63 8.65 -8.84
CA LEU B 10 1.15 9.04 -7.52
C LEU B 10 2.22 9.83 -6.77
N LEU B 11 3.47 9.47 -6.97
CA LEU B 11 4.58 10.17 -6.34
C LEU B 11 5.26 11.09 -7.35
N ASP B 12 6.38 11.67 -6.94
CA ASP B 12 7.13 12.58 -7.80
C ASP B 12 8.16 11.82 -8.61
N PHE B 13 8.98 12.54 -9.37
CA PHE B 13 10.01 11.94 -10.18
C PHE B 13 10.97 13.01 -10.69
N SER B 14 10.42 14.13 -11.14
CA SER B 14 11.22 15.23 -11.62
C SER B 14 11.83 16.01 -10.47
N ALA B 15 11.13 16.02 -9.33
CA ALA B 15 11.61 16.73 -8.14
C ALA B 15 12.26 15.78 -7.14
N MET B 16 12.50 14.54 -7.55
CA MET B 16 13.11 13.54 -6.67
C MET B 16 14.54 13.96 -6.28
N PHE B 17 15.08 14.95 -6.98
CA PHE B 17 16.43 15.44 -6.70
C PHE B 17 16.56 15.91 -5.24
N SER B 18 17.72 16.46 -4.90
CA SER B 18 17.96 16.96 -3.55
C SER B 18 18.98 18.09 -3.58
N GLY A 1 -17.89 -0.63 -5.63
CA GLY A 1 -17.69 -0.31 -7.08
C GLY A 1 -17.49 -1.55 -7.92
N ALA A 2 -16.68 -1.43 -8.96
CA ALA A 2 -16.40 -2.56 -9.85
C ALA A 2 -15.61 -3.65 -9.13
N MET A 3 -15.40 -4.76 -9.82
CA MET A 3 -14.65 -5.88 -9.25
C MET A 3 -14.14 -6.81 -10.34
N GLY A 4 -12.92 -7.30 -10.15
CA GLY A 4 -12.32 -8.20 -11.13
C GLY A 4 -10.85 -8.44 -10.87
N SER A 5 -10.01 -7.51 -11.32
CA SER A 5 -8.57 -7.63 -11.15
C SER A 5 -8.12 -6.86 -9.90
N GLY A 6 -8.14 -7.54 -8.75
CA GLY A 6 -7.73 -6.91 -7.52
C GLY A 6 -6.29 -7.20 -7.17
N ALA A 7 -5.83 -8.40 -7.48
CA ALA A 7 -4.45 -8.78 -7.20
C ALA A 7 -3.48 -7.83 -7.90
N ARG A 8 -3.97 -7.18 -8.96
CA ARG A 8 -3.17 -6.25 -9.74
C ARG A 8 -2.67 -5.08 -8.88
N GLN A 9 -3.58 -4.48 -8.14
CA GLN A 9 -3.24 -3.33 -7.29
C GLN A 9 -2.04 -3.62 -6.41
N LEU A 10 -1.96 -4.84 -5.88
CA LEU A 10 -0.85 -5.22 -5.00
C LEU A 10 0.50 -4.91 -5.63
N SER A 11 0.50 -4.79 -6.94
CA SER A 11 1.74 -4.48 -7.65
C SER A 11 2.11 -3.03 -7.42
N LYS A 12 1.18 -2.12 -7.71
CA LYS A 12 1.41 -0.70 -7.52
C LYS A 12 1.40 -0.30 -6.05
N LEU A 13 0.56 -0.95 -5.24
CA LEU A 13 0.50 -0.59 -3.83
C LEU A 13 1.72 -1.11 -3.06
N LYS A 14 1.99 -2.41 -3.17
CA LYS A 14 3.13 -2.99 -2.47
C LYS A 14 4.42 -2.28 -2.87
N ARG A 15 4.44 -1.76 -4.09
CA ARG A 15 5.60 -1.06 -4.59
C ARG A 15 5.58 0.41 -4.16
N PHE A 16 4.48 1.09 -4.46
CA PHE A 16 4.34 2.51 -4.14
C PHE A 16 4.52 2.76 -2.64
N LEU A 17 4.15 1.80 -1.82
CA LEU A 17 4.27 1.94 -0.38
C LEU A 17 5.71 1.73 0.09
N THR A 18 6.43 0.83 -0.58
CA THR A 18 7.81 0.51 -0.21
C THR A 18 8.77 1.67 -0.50
N THR A 19 8.39 2.55 -1.41
CA THR A 19 9.24 3.69 -1.76
C THR A 19 9.03 4.83 -0.78
N LEU A 20 7.76 5.13 -0.48
CA LEU A 20 7.44 6.21 0.43
C LEU A 20 7.92 5.88 1.84
N GLN A 21 7.98 4.58 2.14
CA GLN A 21 8.42 4.12 3.45
C GLN A 21 9.81 4.67 3.78
N GLN A 22 10.69 4.68 2.80
CA GLN A 22 12.06 5.17 2.99
C GLN A 22 12.12 6.70 3.09
N PHE A 23 11.12 7.38 2.52
CA PHE A 23 11.10 8.84 2.56
C PHE A 23 11.23 9.34 4.00
N GLY A 24 10.88 8.49 4.95
CA GLY A 24 10.98 8.86 6.35
C GLY A 24 11.36 7.69 7.24
N ASN A 25 11.79 6.59 6.62
CA ASN A 25 12.20 5.40 7.36
C ASN A 25 13.39 5.70 8.27
N ASP A 26 13.97 6.89 8.11
CA ASP A 26 15.12 7.29 8.92
C ASP A 26 14.76 8.41 9.90
N ILE A 27 13.47 8.54 10.20
CA ILE A 27 13.02 9.57 11.12
C ILE A 27 13.26 9.11 12.56
N SER A 28 13.12 7.81 12.78
CA SER A 28 13.33 7.21 14.10
C SER A 28 13.14 5.70 14.04
N PRO A 29 13.58 4.96 15.07
CA PRO A 29 13.44 3.50 15.11
C PRO A 29 11.97 3.04 15.15
N GLU A 30 11.05 4.01 15.10
CA GLU A 30 9.63 3.70 15.12
C GLU A 30 8.99 3.90 13.76
N ILE A 31 9.49 4.89 13.03
CA ILE A 31 8.98 5.17 11.70
C ILE A 31 9.00 3.93 10.85
N GLY A 32 10.11 3.21 10.90
CA GLY A 32 10.21 1.96 10.17
C GLY A 32 9.07 1.05 10.57
N GLU A 33 8.65 1.20 11.82
CA GLU A 33 7.54 0.44 12.36
C GLU A 33 6.21 1.11 12.03
N ARG A 34 6.24 2.44 11.90
CA ARG A 34 5.05 3.20 11.58
C ARG A 34 4.62 2.96 10.14
N VAL A 35 5.51 3.24 9.19
CA VAL A 35 5.17 3.04 7.79
C VAL A 35 4.62 1.64 7.55
N ARG A 36 5.26 0.65 8.18
CA ARG A 36 4.83 -0.73 8.03
C ARG A 36 3.48 -0.96 8.68
N THR A 37 3.26 -0.34 9.84
CA THR A 37 1.99 -0.49 10.56
C THR A 37 0.87 0.22 9.83
N LEU A 38 1.19 1.37 9.21
CA LEU A 38 0.19 2.14 8.49
C LEU A 38 -0.45 1.30 7.38
N VAL A 39 0.38 0.65 6.57
CA VAL A 39 -0.12 -0.17 5.47
C VAL A 39 -0.95 -1.34 5.98
N LEU A 40 -0.41 -2.08 6.93
CA LEU A 40 -1.12 -3.21 7.52
C LEU A 40 -2.34 -2.74 8.29
N GLY A 41 -2.27 -1.52 8.81
CA GLY A 41 -3.39 -0.97 9.54
C GLY A 41 -4.53 -0.66 8.62
N LEU A 42 -4.22 0.06 7.54
CA LEU A 42 -5.21 0.43 6.55
C LEU A 42 -5.87 -0.79 5.93
N VAL A 43 -5.11 -1.87 5.80
CA VAL A 43 -5.65 -3.10 5.24
C VAL A 43 -6.45 -3.88 6.28
N ASN A 44 -6.05 -3.75 7.54
CA ASN A 44 -6.73 -4.45 8.64
C ASN A 44 -8.05 -3.76 8.99
N SER A 45 -8.48 -2.81 8.15
CA SER A 45 -9.72 -2.08 8.39
C SER A 45 -9.64 -1.24 9.66
N THR A 46 -8.43 -1.08 10.19
CA THR A 46 -8.23 -0.29 11.40
C THR A 46 -7.80 1.14 11.07
N LEU A 47 -7.53 1.39 9.80
CA LEU A 47 -7.11 2.71 9.34
C LEU A 47 -8.15 3.28 8.36
N THR A 48 -7.71 4.21 7.53
CA THR A 48 -8.55 4.85 6.55
C THR A 48 -7.68 5.56 5.54
N ILE A 49 -8.21 5.76 4.36
CA ILE A 49 -7.49 6.42 3.31
C ILE A 49 -7.08 7.82 3.73
N GLU A 50 -8.05 8.61 4.12
CA GLU A 50 -7.80 9.97 4.55
C GLU A 50 -6.85 10.01 5.72
N GLU A 51 -6.87 8.97 6.53
CA GLU A 51 -6.00 8.87 7.70
C GLU A 51 -4.61 8.43 7.30
N PHE A 52 -4.54 7.30 6.59
CA PHE A 52 -3.27 6.73 6.14
C PHE A 52 -2.42 7.77 5.44
N HIS A 53 -2.97 8.39 4.41
CA HIS A 53 -2.25 9.41 3.66
C HIS A 53 -1.91 10.59 4.56
N SER A 54 -2.89 11.00 5.35
CA SER A 54 -2.72 12.12 6.27
C SER A 54 -1.60 11.87 7.27
N LYS A 55 -1.68 10.73 7.96
CA LYS A 55 -0.68 10.37 8.96
C LYS A 55 0.64 9.97 8.32
N LEU A 56 0.58 9.19 7.23
CA LEU A 56 1.80 8.77 6.54
C LEU A 56 2.69 9.96 6.23
N GLN A 57 2.06 11.12 6.12
CA GLN A 57 2.78 12.34 5.82
C GLN A 57 3.88 12.60 6.84
N GLU A 58 3.65 12.16 8.06
CA GLU A 58 4.63 12.35 9.13
C GLU A 58 5.79 11.37 9.00
N ALA A 59 5.48 10.09 8.92
CA ALA A 59 6.50 9.06 8.80
C ALA A 59 7.17 9.09 7.44
N THR A 60 6.37 9.17 6.39
CA THR A 60 6.87 9.21 5.04
C THR A 60 7.34 10.60 4.66
N ASN A 61 6.90 11.60 5.39
CA ASN A 61 7.28 12.98 5.10
C ASN A 61 6.76 13.40 3.74
N PHE A 62 5.89 14.41 3.73
CA PHE A 62 5.32 14.90 2.48
C PHE A 62 4.49 13.81 1.81
N PRO A 63 3.16 13.95 1.77
CA PRO A 63 2.26 12.98 1.15
C PRO A 63 2.38 12.98 -0.36
N LEU A 64 3.60 13.20 -0.86
CA LEU A 64 3.84 13.23 -2.30
C LEU A 64 2.82 14.12 -3.01
N ARG A 65 2.55 13.84 -4.27
CA ARG A 65 1.59 14.63 -5.06
C ARG A 65 0.18 14.49 -4.50
N PRO A 66 -0.76 15.34 -4.93
CA PRO A 66 -2.14 15.30 -4.48
C PRO A 66 -2.91 14.08 -5.03
N PHE A 67 -2.20 13.23 -5.79
CA PHE A 67 -2.83 12.05 -6.37
C PHE A 67 -2.40 10.77 -5.66
N VAL A 68 -1.77 10.90 -4.51
CA VAL A 68 -1.32 9.73 -3.75
C VAL A 68 -2.47 9.02 -3.05
N ILE A 69 -3.14 9.73 -2.16
CA ILE A 69 -4.24 9.15 -1.41
C ILE A 69 -5.35 8.63 -2.32
N PRO A 70 -5.63 9.28 -3.47
CA PRO A 70 -6.67 8.82 -4.39
C PRO A 70 -6.36 7.44 -4.95
N PHE A 71 -5.10 7.24 -5.33
CA PHE A 71 -4.68 5.96 -5.86
C PHE A 71 -4.85 4.86 -4.82
N LEU A 72 -4.38 5.14 -3.61
CA LEU A 72 -4.48 4.17 -2.53
C LEU A 72 -5.94 3.73 -2.36
N LYS A 73 -6.87 4.64 -2.69
CA LYS A 73 -8.29 4.34 -2.58
C LYS A 73 -8.68 3.24 -3.57
N ALA A 74 -8.02 3.23 -4.73
CA ALA A 74 -8.29 2.21 -5.74
C ALA A 74 -7.72 0.87 -5.33
N ASN A 75 -6.50 0.90 -4.80
CA ASN A 75 -5.82 -0.30 -4.34
C ASN A 75 -6.15 -0.60 -2.88
N LEU A 76 -7.13 0.12 -2.35
CA LEU A 76 -7.52 -0.02 -0.94
C LEU A 76 -8.28 -1.32 -0.63
N PRO A 77 -9.23 -1.71 -1.49
CA PRO A 77 -10.09 -2.88 -1.25
C PRO A 77 -9.46 -4.24 -1.57
N LEU A 78 -8.57 -4.31 -2.54
CA LEU A 78 -8.00 -5.60 -2.94
C LEU A 78 -6.99 -6.20 -1.92
N LEU A 79 -6.13 -5.40 -1.29
CA LEU A 79 -5.17 -5.99 -0.32
C LEU A 79 -5.91 -6.67 0.81
N GLN A 80 -7.10 -6.20 1.10
CA GLN A 80 -7.89 -6.79 2.18
C GLN A 80 -8.52 -8.09 1.74
N ARG A 81 -9.21 -8.05 0.61
CA ARG A 81 -9.88 -9.23 0.06
C ARG A 81 -8.89 -10.32 -0.35
N GLU A 82 -7.95 -9.98 -1.23
CA GLU A 82 -6.97 -10.95 -1.72
C GLU A 82 -6.14 -11.56 -0.60
N LEU A 83 -5.67 -10.73 0.32
CA LEU A 83 -4.86 -11.22 1.43
C LEU A 83 -5.69 -12.08 2.37
N LEU A 84 -7.00 -11.85 2.37
CA LEU A 84 -7.90 -12.61 3.22
C LEU A 84 -8.18 -13.99 2.62
N HIS A 85 -8.43 -14.01 1.31
CA HIS A 85 -8.72 -15.26 0.62
C HIS A 85 -7.58 -16.25 0.78
N CYS A 86 -6.36 -15.75 0.89
CA CYS A 86 -5.18 -16.61 1.05
C CYS A 86 -5.01 -17.03 2.50
N ALA A 87 -5.34 -16.13 3.40
CA ALA A 87 -5.23 -16.39 4.83
C ALA A 87 -6.22 -17.46 5.28
N ARG A 88 -7.23 -17.72 4.45
CA ARG A 88 -8.25 -18.72 4.75
C ARG A 88 -7.66 -20.13 4.74
N LEU A 89 -7.03 -20.50 3.63
CA LEU A 89 -6.43 -21.83 3.50
C LEU A 89 -5.02 -21.88 4.08
N ALA A 90 -4.51 -20.72 4.50
CA ALA A 90 -3.18 -20.64 5.07
C ALA A 90 -3.07 -21.43 6.37
N LYS A 91 -4.22 -21.84 6.91
CA LYS A 91 -4.24 -22.59 8.15
C LYS A 91 -5.48 -23.49 8.20
N GLN A 92 -5.40 -24.63 7.53
CA GLN A 92 -6.50 -25.58 7.50
C GLN A 92 -6.55 -26.43 8.77
N ASN A 93 -5.78 -26.04 9.78
CA ASN A 93 -5.73 -26.76 11.04
C ASN A 93 -4.96 -25.97 12.09
N PRO A 94 -5.67 -25.42 13.10
CA PRO A 94 -5.04 -24.64 14.16
C PRO A 94 -3.99 -25.43 14.91
N ALA A 95 -4.12 -26.75 14.87
CA ALA A 95 -3.18 -27.64 15.55
C ALA A 95 -1.76 -27.44 15.01
N GLN A 96 -1.65 -27.08 13.74
CA GLN A 96 -0.35 -26.86 13.11
C GLN A 96 0.36 -25.65 13.72
N TYR A 97 -0.41 -24.75 14.33
CA TYR A 97 0.15 -23.56 14.93
C TYR A 97 0.44 -23.78 16.42
N LEU A 98 -0.57 -24.26 17.14
CA LEU A 98 -0.44 -24.51 18.57
C LEU A 98 -0.03 -25.95 18.86
N ALA A 99 -0.74 -26.90 18.27
CA ALA A 99 -0.44 -28.32 18.47
C ALA A 99 0.86 -28.74 17.78
N GLN A 100 1.65 -27.76 17.33
CA GLN A 100 2.90 -28.03 16.67
C GLN A 100 4.08 -27.51 17.48
N HIS A 101 4.09 -26.20 17.72
CA HIS A 101 5.15 -25.56 18.49
C HIS A 101 6.49 -25.70 17.76
N GLU A 102 7.26 -24.61 17.74
CA GLU A 102 8.55 -24.61 17.08
C GLU A 102 8.40 -24.85 15.58
N GLN A 103 9.24 -24.21 14.79
CA GLN A 103 9.21 -24.34 13.35
C GLN A 103 10.35 -25.25 12.88
N ILE B 1 16.16 -0.03 -8.06
CA ILE B 1 15.15 -0.79 -8.78
C ILE B 1 13.79 -0.10 -8.73
N GLY B 2 13.67 0.90 -7.88
CA GLY B 2 12.42 1.62 -7.75
C GLY B 2 12.15 2.52 -8.94
N THR B 3 11.60 1.93 -10.00
CA THR B 3 11.29 2.69 -11.21
C THR B 3 10.20 1.99 -12.01
N ASP B 4 9.01 2.57 -12.01
CA ASP B 4 7.88 2.00 -12.73
C ASP B 4 6.84 3.08 -13.04
N LYS B 5 6.11 2.89 -14.14
CA LYS B 5 5.09 3.84 -14.56
C LYS B 5 4.00 3.97 -13.49
N GLU B 6 3.78 2.89 -12.74
CA GLU B 6 2.77 2.90 -11.69
C GLU B 6 3.27 3.62 -10.45
N LEU B 7 4.60 3.69 -10.30
CA LEU B 7 5.18 4.35 -9.14
C LEU B 7 5.44 5.82 -9.43
N SER B 8 5.74 6.13 -10.67
CA SER B 8 6.01 7.51 -11.08
C SER B 8 4.72 8.28 -11.31
N ASP B 9 3.66 7.56 -11.64
CA ASP B 9 2.36 8.19 -11.90
C ASP B 9 1.87 8.97 -10.70
N LEU B 10 2.26 8.52 -9.52
CA LEU B 10 1.84 9.18 -8.29
C LEU B 10 3.02 9.62 -7.45
N LEU B 11 4.21 9.13 -7.77
CA LEU B 11 5.41 9.49 -7.01
C LEU B 11 6.52 9.97 -7.95
N ASP B 12 6.71 11.28 -7.98
CA ASP B 12 7.74 11.86 -8.83
C ASP B 12 8.54 12.91 -8.06
N PHE B 13 9.47 12.47 -7.23
CA PHE B 13 10.29 13.38 -6.43
C PHE B 13 11.27 14.14 -7.33
N SER B 14 11.94 13.42 -8.23
CA SER B 14 12.90 14.02 -9.14
C SER B 14 12.20 14.62 -10.35
N ALA B 15 11.26 13.87 -10.92
CA ALA B 15 10.53 14.33 -12.09
C ALA B 15 9.93 15.72 -11.88
N MET B 16 9.81 16.14 -10.62
CA MET B 16 9.26 17.45 -10.30
C MET B 16 9.94 18.04 -9.07
N PHE B 17 11.00 18.82 -9.31
CA PHE B 17 11.75 19.45 -8.22
C PHE B 17 11.78 20.97 -8.39
N SER B 18 11.80 21.68 -7.27
CA SER B 18 11.83 23.15 -7.30
C SER B 18 10.58 23.70 -7.99
N GLY A 1 -8.45 -9.57 -15.98
CA GLY A 1 -8.60 -10.60 -14.90
C GLY A 1 -9.95 -11.27 -14.93
N ALA A 2 -9.95 -12.60 -14.82
CA ALA A 2 -11.19 -13.37 -14.83
C ALA A 2 -11.55 -13.83 -13.42
N MET A 3 -11.20 -13.03 -12.42
CA MET A 3 -11.48 -13.36 -11.04
C MET A 3 -11.59 -12.10 -10.19
N GLY A 4 -12.01 -11.01 -10.82
CA GLY A 4 -12.16 -9.75 -10.12
C GLY A 4 -10.99 -8.82 -10.35
N SER A 5 -10.59 -8.10 -9.31
CA SER A 5 -9.48 -7.17 -9.42
C SER A 5 -8.81 -6.96 -8.07
N GLY A 6 -7.59 -7.44 -7.96
CA GLY A 6 -6.87 -7.29 -6.73
C GLY A 6 -5.42 -7.73 -6.84
N ALA A 7 -5.21 -8.87 -7.49
CA ALA A 7 -3.87 -9.42 -7.65
C ALA A 7 -3.04 -8.55 -8.58
N ARG A 8 -3.69 -7.96 -9.57
CA ARG A 8 -3.04 -7.09 -10.53
C ARG A 8 -2.53 -5.83 -9.85
N GLN A 9 -3.46 -5.12 -9.24
CA GLN A 9 -3.14 -3.88 -8.55
C GLN A 9 -2.19 -4.09 -7.38
N LEU A 10 -2.18 -5.29 -6.82
CA LEU A 10 -1.30 -5.59 -5.69
C LEU A 10 0.14 -5.20 -5.99
N SER A 11 0.46 -5.10 -7.26
CA SER A 11 1.79 -4.69 -7.66
C SER A 11 2.01 -3.24 -7.30
N LYS A 12 1.09 -2.38 -7.73
CA LYS A 12 1.19 -0.95 -7.45
C LYS A 12 1.23 -0.69 -5.96
N LEU A 13 0.27 -1.25 -5.23
CA LEU A 13 0.20 -1.06 -3.79
C LEU A 13 1.45 -1.58 -3.09
N LYS A 14 1.76 -2.84 -3.34
CA LYS A 14 2.92 -3.47 -2.73
C LYS A 14 4.19 -2.67 -3.02
N ARG A 15 4.31 -2.17 -4.23
CA ARG A 15 5.49 -1.41 -4.64
C ARG A 15 5.44 0.04 -4.17
N PHE A 16 4.37 0.73 -4.52
CA PHE A 16 4.21 2.13 -4.15
C PHE A 16 4.40 2.37 -2.65
N LEU A 17 4.04 1.39 -1.83
CA LEU A 17 4.18 1.54 -0.38
C LEU A 17 5.62 1.40 0.07
N THR A 18 6.40 0.62 -0.67
CA THR A 18 7.80 0.39 -0.33
C THR A 18 8.66 1.62 -0.58
N THR A 19 8.19 2.51 -1.46
CA THR A 19 8.94 3.73 -1.76
C THR A 19 8.59 4.85 -0.79
N LEU A 20 7.30 5.14 -0.66
CA LEU A 20 6.85 6.22 0.22
C LEU A 20 7.37 5.99 1.64
N GLN A 21 7.61 4.74 2.00
CA GLN A 21 8.10 4.42 3.32
C GLN A 21 9.44 5.09 3.62
N GLN A 22 10.36 4.97 2.67
CA GLN A 22 11.69 5.54 2.81
C GLN A 22 11.64 7.07 2.88
N PHE A 23 10.59 7.65 2.31
CA PHE A 23 10.42 9.10 2.32
C PHE A 23 10.57 9.66 3.74
N GLY A 24 10.35 8.80 4.72
CA GLY A 24 10.47 9.23 6.10
C GLY A 24 10.96 8.11 7.02
N ASN A 25 11.43 7.02 6.42
CA ASN A 25 11.92 5.88 7.19
C ASN A 25 13.10 6.28 8.07
N ASP A 26 13.67 7.45 7.81
CA ASP A 26 14.80 7.93 8.58
C ASP A 26 14.39 8.98 9.61
N ILE A 27 13.09 9.01 9.94
CA ILE A 27 12.58 9.96 10.91
C ILE A 27 12.87 9.48 12.34
N SER A 28 12.76 8.17 12.54
CA SER A 28 13.02 7.55 13.84
C SER A 28 12.91 6.04 13.75
N PRO A 29 13.42 5.31 14.76
CA PRO A 29 13.36 3.84 14.78
C PRO A 29 11.92 3.31 14.86
N GLU A 30 10.95 4.23 14.86
CA GLU A 30 9.55 3.86 14.92
C GLU A 30 8.83 4.15 13.60
N ILE A 31 9.39 5.05 12.80
CA ILE A 31 8.80 5.37 11.50
C ILE A 31 8.82 4.15 10.63
N GLY A 32 9.96 3.47 10.63
CA GLY A 32 10.06 2.25 9.87
C GLY A 32 8.93 1.31 10.26
N GLU A 33 8.48 1.46 11.51
CA GLU A 33 7.39 0.66 12.05
C GLU A 33 6.05 1.31 11.72
N ARG A 34 6.06 2.64 11.64
CA ARG A 34 4.85 3.39 11.34
C ARG A 34 4.39 3.15 9.91
N VAL A 35 5.25 3.42 8.96
CA VAL A 35 4.89 3.22 7.58
C VAL A 35 4.39 1.80 7.32
N ARG A 36 5.05 0.81 7.90
CA ARG A 36 4.66 -0.57 7.72
C ARG A 36 3.32 -0.85 8.40
N THR A 37 3.15 -0.30 9.59
CA THR A 37 1.92 -0.49 10.34
C THR A 37 0.75 0.25 9.69
N LEU A 38 1.05 1.38 9.06
CA LEU A 38 0.03 2.18 8.40
C LEU A 38 -0.74 1.34 7.37
N VAL A 39 0.01 0.68 6.48
CA VAL A 39 -0.60 -0.13 5.43
C VAL A 39 -1.40 -1.29 6.01
N LEU A 40 -0.79 -2.01 6.94
CA LEU A 40 -1.47 -3.13 7.59
C LEU A 40 -2.65 -2.64 8.40
N GLY A 41 -2.57 -1.41 8.90
CA GLY A 41 -3.66 -0.86 9.67
C GLY A 41 -4.84 -0.54 8.79
N LEU A 42 -4.58 0.22 7.74
CA LEU A 42 -5.61 0.60 6.80
C LEU A 42 -6.32 -0.61 6.22
N VAL A 43 -5.59 -1.72 6.08
CA VAL A 43 -6.16 -2.95 5.55
C VAL A 43 -6.89 -3.72 6.64
N ASN A 44 -6.41 -3.61 7.88
CA ASN A 44 -7.04 -4.30 9.00
C ASN A 44 -8.35 -3.61 9.43
N SER A 45 -8.82 -2.69 8.60
CA SER A 45 -10.05 -1.96 8.88
C SER A 45 -9.92 -1.11 10.14
N THR A 46 -8.68 -0.93 10.61
CA THR A 46 -8.41 -0.13 11.79
C THR A 46 -7.98 1.29 11.42
N LEU A 47 -7.77 1.53 10.13
CA LEU A 47 -7.36 2.85 9.66
C LEU A 47 -8.36 3.39 8.62
N THR A 48 -7.89 4.31 7.81
CA THR A 48 -8.70 4.92 6.77
C THR A 48 -7.79 5.60 5.77
N ILE A 49 -8.29 5.77 4.58
CA ILE A 49 -7.54 6.39 3.52
C ILE A 49 -7.13 7.81 3.90
N GLU A 50 -8.11 8.60 4.30
CA GLU A 50 -7.86 9.98 4.69
C GLU A 50 -6.89 10.03 5.87
N GLU A 51 -6.95 9.00 6.71
CA GLU A 51 -6.08 8.92 7.88
C GLU A 51 -4.68 8.43 7.50
N PHE A 52 -4.64 7.34 6.73
CA PHE A 52 -3.38 6.76 6.29
C PHE A 52 -2.52 7.79 5.56
N HIS A 53 -3.07 8.39 4.51
CA HIS A 53 -2.34 9.39 3.75
C HIS A 53 -1.98 10.57 4.64
N SER A 54 -2.89 10.89 5.54
CA SER A 54 -2.70 11.99 6.47
C SER A 54 -1.57 11.69 7.46
N LYS A 55 -1.67 10.53 8.11
CA LYS A 55 -0.68 10.10 9.09
C LYS A 55 0.64 9.76 8.41
N LEU A 56 0.55 9.00 7.32
CA LEU A 56 1.73 8.60 6.57
C LEU A 56 2.57 9.81 6.18
N GLN A 57 1.89 10.93 5.93
CA GLN A 57 2.58 12.16 5.57
C GLN A 57 3.60 12.53 6.63
N GLU A 58 3.30 12.15 7.88
CA GLU A 58 4.19 12.44 9.00
C GLU A 58 5.40 11.50 9.00
N ALA A 59 5.14 10.20 8.96
CA ALA A 59 6.22 9.21 8.97
C ALA A 59 7.04 9.26 7.68
N THR A 60 6.35 9.28 6.55
CA THR A 60 7.00 9.33 5.23
C THR A 60 7.31 10.76 4.84
N ASN A 61 7.47 11.62 5.82
CA ASN A 61 7.77 13.03 5.60
C ASN A 61 8.77 13.22 4.47
N PHE A 62 8.25 13.50 3.27
CA PHE A 62 9.09 13.72 2.09
C PHE A 62 8.21 14.12 0.90
N PRO A 63 8.80 14.38 -0.29
CA PRO A 63 8.04 14.77 -1.49
C PRO A 63 6.85 13.86 -1.77
N LEU A 64 5.70 14.22 -1.24
CA LEU A 64 4.49 13.43 -1.45
C LEU A 64 3.32 14.34 -1.83
N ARG A 65 2.66 14.02 -2.95
CA ARG A 65 1.54 14.80 -3.44
C ARG A 65 0.21 14.26 -2.90
N PRO A 66 -0.79 15.13 -2.70
CA PRO A 66 -2.10 14.71 -2.18
C PRO A 66 -2.78 13.71 -3.09
N PHE A 67 -2.40 13.72 -4.38
CA PHE A 67 -2.98 12.80 -5.35
C PHE A 67 -2.69 11.35 -5.02
N VAL A 68 -1.86 11.10 -4.00
CA VAL A 68 -1.53 9.76 -3.60
C VAL A 68 -2.63 9.15 -2.73
N ILE A 69 -3.33 9.98 -1.96
CA ILE A 69 -4.38 9.50 -1.06
C ILE A 69 -5.42 8.64 -1.79
N PRO A 70 -5.74 8.97 -3.06
CA PRO A 70 -6.73 8.20 -3.84
C PRO A 70 -6.18 6.86 -4.30
N PHE A 71 -4.87 6.77 -4.40
CA PHE A 71 -4.22 5.53 -4.82
C PHE A 71 -4.59 4.38 -3.89
N LEU A 72 -4.39 4.57 -2.60
CA LEU A 72 -4.70 3.53 -1.62
C LEU A 72 -6.14 3.07 -1.78
N LYS A 73 -7.02 3.99 -2.17
CA LYS A 73 -8.44 3.66 -2.37
C LYS A 73 -8.58 2.66 -3.51
N ALA A 74 -7.73 2.81 -4.51
CA ALA A 74 -7.73 1.93 -5.67
C ALA A 74 -7.20 0.57 -5.30
N ASN A 75 -6.08 0.57 -4.58
CA ASN A 75 -5.48 -0.67 -4.16
C ASN A 75 -6.08 -1.17 -2.85
N LEU A 76 -7.12 -0.49 -2.38
CA LEU A 76 -7.76 -0.85 -1.12
C LEU A 76 -8.49 -2.20 -1.17
N PRO A 77 -9.26 -2.46 -2.23
CA PRO A 77 -10.04 -3.70 -2.34
C PRO A 77 -9.16 -4.94 -2.49
N LEU A 78 -7.96 -4.72 -3.00
CA LEU A 78 -7.02 -5.80 -3.22
C LEU A 78 -6.28 -6.17 -1.94
N LEU A 79 -5.77 -5.16 -1.24
CA LEU A 79 -5.03 -5.38 -0.01
C LEU A 79 -5.86 -6.15 1.02
N GLN A 80 -7.12 -5.78 1.16
CA GLN A 80 -8.01 -6.42 2.11
C GLN A 80 -8.60 -7.71 1.56
N ARG A 81 -9.30 -7.59 0.43
CA ARG A 81 -9.97 -8.73 -0.20
C ARG A 81 -9.00 -9.74 -0.79
N GLU A 82 -8.11 -9.30 -1.69
CA GLU A 82 -7.16 -10.20 -2.33
C GLU A 82 -6.25 -10.89 -1.32
N LEU A 83 -5.70 -10.12 -0.39
CA LEU A 83 -4.82 -10.69 0.62
C LEU A 83 -5.57 -11.68 1.50
N LEU A 84 -6.83 -11.37 1.79
CA LEU A 84 -7.66 -12.24 2.62
C LEU A 84 -7.89 -13.59 1.95
N HIS A 85 -8.07 -13.56 0.64
CA HIS A 85 -8.31 -14.78 -0.13
C HIS A 85 -7.15 -15.76 0.01
N CYS A 86 -5.94 -15.21 0.12
CA CYS A 86 -4.74 -16.04 0.25
C CYS A 86 -4.57 -16.53 1.68
N ALA A 87 -4.95 -15.67 2.61
CA ALA A 87 -4.87 -15.98 4.04
C ALA A 87 -5.92 -17.01 4.45
N ARG A 88 -6.94 -17.18 3.62
CA ARG A 88 -8.00 -18.13 3.90
C ARG A 88 -7.55 -19.56 3.62
N LEU A 89 -7.12 -19.79 2.39
CA LEU A 89 -6.64 -21.11 1.97
C LEU A 89 -5.17 -21.33 2.33
N ALA A 90 -4.42 -20.24 2.48
CA ALA A 90 -3.01 -20.34 2.81
C ALA A 90 -2.20 -20.89 1.65
N LYS A 91 -1.56 -19.98 0.94
CA LYS A 91 -0.72 -20.35 -0.20
C LYS A 91 0.71 -20.69 0.24
N GLN A 92 0.88 -20.96 1.53
CA GLN A 92 2.18 -21.30 2.07
C GLN A 92 2.04 -22.36 3.16
N ASN A 93 3.04 -22.47 4.04
CA ASN A 93 3.01 -23.44 5.12
C ASN A 93 1.92 -23.11 6.14
N PRO A 94 0.81 -23.86 6.13
CA PRO A 94 -0.30 -23.63 7.07
C PRO A 94 0.13 -23.85 8.52
N ALA A 95 0.98 -24.85 8.73
CA ALA A 95 1.46 -25.17 10.07
C ALA A 95 2.13 -23.94 10.73
N GLN A 96 2.55 -22.98 9.91
CA GLN A 96 3.20 -21.79 10.43
C GLN A 96 2.19 -20.86 11.11
N TYR A 97 1.18 -20.44 10.36
CA TYR A 97 0.16 -19.55 10.89
C TYR A 97 -0.92 -19.25 9.86
N LEU A 98 -0.53 -19.27 8.58
CA LEU A 98 -1.45 -19.00 7.49
C LEU A 98 -2.55 -20.06 7.43
N ALA A 99 -2.48 -21.08 8.28
CA ALA A 99 -3.48 -22.14 8.29
C ALA A 99 -4.88 -21.60 8.50
N GLN A 100 -5.10 -20.96 9.64
CA GLN A 100 -6.40 -20.39 9.95
C GLN A 100 -7.47 -21.47 9.99
N HIS A 101 -8.71 -21.07 10.27
CA HIS A 101 -9.82 -22.00 10.34
C HIS A 101 -11.15 -21.29 10.11
N GLU A 102 -11.64 -21.34 8.89
CA GLU A 102 -12.90 -20.71 8.53
C GLU A 102 -13.36 -21.14 7.14
N GLN A 103 -14.67 -21.33 6.99
CA GLN A 103 -15.27 -21.74 5.74
C GLN A 103 -15.41 -20.56 4.77
N ILE B 1 -1.85 -1.84 -15.98
CA ILE B 1 -0.81 -2.79 -15.59
C ILE B 1 0.52 -2.55 -16.27
N GLY B 2 1.59 -2.55 -15.47
CA GLY B 2 2.93 -2.34 -15.99
C GLY B 2 3.94 -2.13 -14.89
N THR B 3 4.86 -1.19 -15.11
CA THR B 3 5.91 -0.89 -14.13
C THR B 3 6.50 0.50 -14.41
N ASP B 4 7.41 0.92 -13.53
CA ASP B 4 8.07 2.23 -13.67
C ASP B 4 7.06 3.37 -13.48
N LYS B 5 6.28 3.63 -14.53
CA LYS B 5 5.28 4.69 -14.48
C LYS B 5 4.24 4.40 -13.39
N GLU B 6 4.10 3.12 -13.04
CA GLU B 6 3.13 2.73 -12.02
C GLU B 6 3.43 3.42 -10.69
N LEU B 7 4.70 3.67 -10.43
CA LEU B 7 5.11 4.32 -9.20
C LEU B 7 5.22 5.83 -9.38
N SER B 8 5.56 6.25 -10.58
CA SER B 8 5.70 7.66 -10.87
C SER B 8 4.33 8.32 -11.10
N ASP B 9 3.36 7.50 -11.52
CA ASP B 9 2.01 8.01 -11.81
C ASP B 9 1.39 8.67 -10.58
N LEU B 10 1.72 8.15 -9.40
CA LEU B 10 1.18 8.69 -8.17
C LEU B 10 2.25 9.37 -7.34
N LEU B 11 3.51 8.98 -7.54
CA LEU B 11 4.61 9.56 -6.79
C LEU B 11 5.42 10.51 -7.67
N ASP B 12 6.14 11.43 -7.04
CA ASP B 12 6.94 12.40 -7.77
C ASP B 12 6.06 13.27 -8.66
N PHE B 13 6.43 14.55 -8.78
CA PHE B 13 5.68 15.49 -9.61
C PHE B 13 6.63 16.44 -10.36
N SER B 14 7.80 16.66 -9.77
CA SER B 14 8.80 17.54 -10.38
C SER B 14 9.25 17.00 -11.73
N ALA B 15 9.13 15.69 -11.92
CA ALA B 15 9.52 15.06 -13.16
C ALA B 15 8.76 15.64 -14.35
N MET B 16 7.55 16.14 -14.08
CA MET B 16 6.70 16.72 -15.12
C MET B 16 6.32 18.15 -14.78
N PHE B 17 5.85 18.35 -13.55
CA PHE B 17 5.43 19.68 -13.10
C PHE B 17 4.34 20.25 -14.00
N SER B 18 3.92 21.47 -13.70
CA SER B 18 2.89 22.14 -14.47
C SER B 18 3.39 23.48 -15.01
N GLY A 1 -14.24 -8.46 -16.25
CA GLY A 1 -14.76 -9.68 -16.94
C GLY A 1 -13.87 -10.88 -16.71
N ALA A 2 -14.45 -11.94 -16.12
CA ALA A 2 -13.71 -13.16 -15.85
C ALA A 2 -12.54 -12.89 -14.90
N MET A 3 -11.98 -13.96 -14.33
CA MET A 3 -10.86 -13.84 -13.41
C MET A 3 -11.25 -12.99 -12.21
N GLY A 4 -10.34 -12.89 -11.25
CA GLY A 4 -10.60 -12.11 -10.07
C GLY A 4 -10.04 -10.70 -10.16
N SER A 5 -10.43 -9.85 -9.22
CA SER A 5 -9.95 -8.48 -9.20
C SER A 5 -9.55 -8.09 -7.79
N GLY A 6 -8.27 -8.25 -7.47
CA GLY A 6 -7.79 -7.92 -6.15
C GLY A 6 -6.29 -8.04 -6.02
N ALA A 7 -5.72 -8.97 -6.77
CA ALA A 7 -4.29 -9.21 -6.74
C ALA A 7 -3.51 -8.17 -7.55
N ARG A 8 -4.19 -7.52 -8.50
CA ARG A 8 -3.55 -6.53 -9.36
C ARG A 8 -2.99 -5.33 -8.60
N GLN A 9 -3.85 -4.63 -7.88
CA GLN A 9 -3.43 -3.44 -7.14
C GLN A 9 -2.19 -3.70 -6.29
N LEU A 10 -2.16 -4.84 -5.62
CA LEU A 10 -1.01 -5.17 -4.78
C LEU A 10 0.30 -4.92 -5.49
N SER A 11 0.25 -4.93 -6.81
CA SER A 11 1.43 -4.69 -7.60
C SER A 11 1.95 -3.27 -7.36
N LYS A 12 1.04 -2.29 -7.38
CA LYS A 12 1.41 -0.90 -7.16
C LYS A 12 1.54 -0.58 -5.68
N LEU A 13 0.63 -1.10 -4.88
CA LEU A 13 0.66 -0.87 -3.44
C LEU A 13 1.96 -1.39 -2.84
N LYS A 14 2.30 -2.63 -3.14
CA LYS A 14 3.53 -3.23 -2.62
C LYS A 14 4.75 -2.46 -3.11
N ARG A 15 4.63 -1.82 -4.27
CA ARG A 15 5.74 -1.07 -4.85
C ARG A 15 5.81 0.34 -4.28
N PHE A 16 4.70 1.07 -4.37
CA PHE A 16 4.63 2.45 -3.88
C PHE A 16 5.10 2.56 -2.44
N LEU A 17 4.67 1.62 -1.62
CA LEU A 17 5.03 1.63 -0.20
C LEU A 17 6.54 1.57 0.00
N THR A 18 7.23 0.89 -0.92
CA THR A 18 8.67 0.77 -0.83
C THR A 18 9.35 2.12 -0.69
N THR A 19 8.82 3.12 -1.40
CA THR A 19 9.39 4.47 -1.35
C THR A 19 8.92 5.22 -0.12
N LEU A 20 7.65 5.06 0.20
CA LEU A 20 7.09 5.74 1.35
C LEU A 20 7.79 5.30 2.63
N GLN A 21 8.23 4.04 2.66
CA GLN A 21 8.91 3.50 3.82
C GLN A 21 10.34 4.02 3.93
N GLN A 22 11.01 4.07 2.78
CA GLN A 22 12.40 4.53 2.74
C GLN A 22 12.49 6.04 2.84
N PHE A 23 11.44 6.74 2.42
CA PHE A 23 11.42 8.18 2.46
C PHE A 23 11.66 8.69 3.88
N GLY A 24 10.87 8.17 4.81
CA GLY A 24 11.01 8.55 6.19
C GLY A 24 11.70 7.51 7.03
N ASN A 25 12.58 6.74 6.39
CA ASN A 25 13.32 5.68 7.06
C ASN A 25 14.43 6.25 7.94
N ASP A 26 14.25 7.48 8.42
CA ASP A 26 15.25 8.12 9.26
C ASP A 26 14.65 9.26 10.09
N ILE A 27 13.32 9.24 10.26
CA ILE A 27 12.66 10.27 11.04
C ILE A 27 12.78 9.96 12.54
N SER A 28 12.72 8.67 12.87
CA SER A 28 12.83 8.23 14.26
C SER A 28 12.79 6.70 14.32
N PRO A 29 13.21 6.10 15.46
CA PRO A 29 13.20 4.65 15.62
C PRO A 29 11.80 4.05 15.61
N GLU A 30 10.79 4.91 15.42
CA GLU A 30 9.41 4.48 15.40
C GLU A 30 8.79 4.60 14.00
N ILE A 31 9.42 5.42 13.16
CA ILE A 31 8.94 5.59 11.79
C ILE A 31 9.09 4.30 11.05
N GLY A 32 10.25 3.69 11.20
CA GLY A 32 10.47 2.40 10.59
C GLY A 32 9.34 1.46 10.93
N GLU A 33 8.76 1.68 12.11
CA GLU A 33 7.63 0.90 12.58
C GLU A 33 6.33 1.51 12.05
N ARG A 34 6.32 2.83 11.92
CA ARG A 34 5.15 3.53 11.42
C ARG A 34 4.77 3.05 10.03
N VAL A 35 5.71 3.12 9.10
CA VAL A 35 5.43 2.69 7.75
C VAL A 35 4.88 1.27 7.72
N ARG A 36 5.47 0.40 8.53
CA ARG A 36 5.03 -0.98 8.60
C ARG A 36 3.64 -1.09 9.21
N THR A 37 3.40 -0.35 10.28
CA THR A 37 2.10 -0.37 10.95
C THR A 37 1.02 0.28 10.09
N LEU A 38 1.38 1.36 9.39
CA LEU A 38 0.43 2.06 8.53
C LEU A 38 -0.17 1.10 7.51
N VAL A 39 0.68 0.38 6.80
CA VAL A 39 0.22 -0.56 5.78
C VAL A 39 -0.60 -1.69 6.40
N LEU A 40 -0.09 -2.25 7.49
CA LEU A 40 -0.77 -3.34 8.17
C LEU A 40 -2.09 -2.86 8.76
N GLY A 41 -2.10 -1.60 9.19
CA GLY A 41 -3.31 -1.04 9.77
C GLY A 41 -4.39 -0.86 8.73
N LEU A 42 -4.03 -0.26 7.61
CA LEU A 42 -4.95 0.00 6.51
C LEU A 42 -5.54 -1.29 5.98
N VAL A 43 -4.73 -2.34 5.94
CA VAL A 43 -5.16 -3.63 5.45
C VAL A 43 -5.99 -4.37 6.51
N ASN A 44 -5.60 -4.22 7.78
CA ASN A 44 -6.31 -4.87 8.88
C ASN A 44 -7.66 -4.19 9.14
N SER A 45 -8.07 -3.29 8.25
CA SER A 45 -9.34 -2.60 8.40
C SER A 45 -9.34 -1.72 9.66
N THR A 46 -8.16 -1.49 10.21
CA THR A 46 -8.03 -0.67 11.41
C THR A 46 -7.61 0.76 11.08
N LEU A 47 -7.34 1.02 9.80
CA LEU A 47 -6.93 2.35 9.35
C LEU A 47 -7.98 2.93 8.40
N THR A 48 -7.54 3.88 7.61
CA THR A 48 -8.39 4.54 6.64
C THR A 48 -7.54 5.24 5.62
N ILE A 49 -8.11 5.45 4.46
CA ILE A 49 -7.40 6.10 3.39
C ILE A 49 -6.97 7.49 3.80
N GLU A 50 -7.93 8.28 4.25
CA GLU A 50 -7.67 9.65 4.68
C GLU A 50 -6.60 9.68 5.77
N GLU A 51 -6.61 8.66 6.61
CA GLU A 51 -5.65 8.55 7.70
C GLU A 51 -4.30 8.03 7.23
N PHE A 52 -4.34 6.91 6.51
CA PHE A 52 -3.12 6.29 5.99
C PHE A 52 -2.24 7.29 5.25
N HIS A 53 -2.78 7.87 4.19
CA HIS A 53 -2.03 8.83 3.39
C HIS A 53 -1.64 10.04 4.23
N SER A 54 -2.55 10.47 5.08
CA SER A 54 -2.31 11.60 5.96
C SER A 54 -1.18 11.32 6.94
N LYS A 55 -1.20 10.13 7.53
CA LYS A 55 -0.19 9.73 8.50
C LYS A 55 1.10 9.30 7.81
N LEU A 56 0.97 8.48 6.78
CA LEU A 56 2.13 8.00 6.04
C LEU A 56 2.93 9.16 5.49
N GLN A 57 2.25 10.12 4.89
CA GLN A 57 2.92 11.28 4.33
C GLN A 57 3.85 11.92 5.36
N GLU A 58 3.46 11.81 6.62
CA GLU A 58 4.26 12.36 7.71
C GLU A 58 5.48 11.48 7.97
N ALA A 59 5.26 10.19 8.15
CA ALA A 59 6.34 9.26 8.39
C ALA A 59 7.27 9.18 7.19
N THR A 60 6.69 9.14 6.00
CA THR A 60 7.48 9.07 4.76
C THR A 60 8.12 10.42 4.43
N ASN A 61 8.36 11.24 5.46
CA ASN A 61 8.98 12.54 5.26
C ASN A 61 8.19 13.38 4.27
N PHE A 62 7.27 14.19 4.79
CA PHE A 62 6.45 15.07 3.96
C PHE A 62 5.59 14.28 2.97
N PRO A 63 4.41 14.80 2.64
CA PRO A 63 3.48 14.15 1.71
C PRO A 63 3.90 14.30 0.26
N LEU A 64 3.15 13.64 -0.61
CA LEU A 64 3.39 13.68 -2.02
C LEU A 64 2.22 14.37 -2.73
N ARG A 65 2.02 14.05 -3.99
CA ARG A 65 0.93 14.65 -4.76
C ARG A 65 -0.42 14.38 -4.11
N PRO A 66 -1.46 15.15 -4.50
CA PRO A 66 -2.81 14.99 -3.96
C PRO A 66 -3.54 13.78 -4.54
N PHE A 67 -3.19 13.43 -5.78
CA PHE A 67 -3.82 12.29 -6.45
C PHE A 67 -3.29 10.96 -5.93
N VAL A 68 -2.51 11.00 -4.85
CA VAL A 68 -1.96 9.79 -4.25
C VAL A 68 -3.01 9.10 -3.36
N ILE A 69 -3.59 9.86 -2.42
CA ILE A 69 -4.59 9.30 -1.51
C ILE A 69 -5.77 8.65 -2.24
N PRO A 70 -6.20 9.21 -3.39
CA PRO A 70 -7.32 8.66 -4.16
C PRO A 70 -6.99 7.32 -4.84
N PHE A 71 -5.75 7.17 -5.27
CA PHE A 71 -5.32 5.93 -5.93
C PHE A 71 -5.51 4.73 -5.01
N LEU A 72 -4.98 4.84 -3.79
CA LEU A 72 -5.10 3.77 -2.82
C LEU A 72 -6.57 3.41 -2.60
N LYS A 73 -7.45 4.41 -2.68
CA LYS A 73 -8.89 4.20 -2.49
C LYS A 73 -9.46 3.36 -3.62
N ALA A 74 -8.95 3.56 -4.82
CA ALA A 74 -9.42 2.81 -5.98
C ALA A 74 -8.85 1.41 -5.99
N ASN A 75 -7.59 1.31 -5.58
CA ASN A 75 -6.90 0.04 -5.57
C ASN A 75 -7.11 -0.71 -4.25
N LEU A 76 -7.64 -0.01 -3.25
CA LEU A 76 -7.88 -0.61 -1.93
C LEU A 76 -8.74 -1.86 -2.01
N PRO A 77 -9.82 -1.83 -2.82
CA PRO A 77 -10.73 -2.98 -2.95
C PRO A 77 -10.00 -4.25 -3.34
N LEU A 78 -8.92 -4.09 -4.08
CA LEU A 78 -8.13 -5.22 -4.52
C LEU A 78 -7.24 -5.71 -3.39
N LEU A 79 -6.52 -4.79 -2.76
CA LEU A 79 -5.64 -5.14 -1.66
C LEU A 79 -6.39 -5.79 -0.51
N GLN A 80 -7.49 -5.17 -0.12
CA GLN A 80 -8.28 -5.68 1.00
C GLN A 80 -8.96 -7.00 0.66
N ARG A 81 -9.61 -7.06 -0.49
CA ARG A 81 -10.29 -8.28 -0.91
C ARG A 81 -9.32 -9.45 -1.03
N GLU A 82 -8.19 -9.23 -1.69
CA GLU A 82 -7.20 -10.28 -1.88
C GLU A 82 -6.64 -10.75 -0.53
N LEU A 83 -6.38 -9.81 0.38
CA LEU A 83 -5.84 -10.13 1.68
C LEU A 83 -6.89 -10.80 2.57
N LEU A 84 -8.16 -10.58 2.25
CA LEU A 84 -9.27 -11.14 3.02
C LEU A 84 -9.13 -12.66 3.16
N HIS A 85 -8.53 -13.30 2.16
CA HIS A 85 -8.35 -14.76 2.18
C HIS A 85 -7.62 -15.21 3.45
N CYS A 86 -6.79 -14.34 4.00
CA CYS A 86 -6.04 -14.63 5.22
C CYS A 86 -6.89 -14.35 6.45
N ALA A 87 -7.83 -13.43 6.29
CA ALA A 87 -8.72 -13.04 7.38
C ALA A 87 -9.57 -14.21 7.83
N ARG A 88 -9.69 -15.23 6.98
CA ARG A 88 -10.47 -16.42 7.29
C ARG A 88 -10.03 -17.02 8.63
N LEU A 89 -8.72 -17.06 8.85
CA LEU A 89 -8.17 -17.62 10.08
C LEU A 89 -8.49 -16.72 11.28
N ALA A 90 -8.53 -15.42 11.03
CA ALA A 90 -8.81 -14.45 12.08
C ALA A 90 -10.30 -14.42 12.42
N LYS A 91 -11.11 -13.93 11.49
CA LYS A 91 -12.55 -13.85 11.69
C LYS A 91 -13.29 -13.79 10.36
N GLN A 92 -13.19 -12.66 9.71
CA GLN A 92 -13.84 -12.44 8.42
C GLN A 92 -15.36 -12.53 8.55
N ASN A 93 -16.06 -11.55 7.98
CA ASN A 93 -17.52 -11.52 8.03
C ASN A 93 -18.07 -10.39 7.13
N PRO A 94 -18.65 -10.75 5.98
CA PRO A 94 -19.21 -9.76 5.04
C PRO A 94 -20.48 -9.12 5.58
N ALA A 95 -21.19 -9.83 6.45
CA ALA A 95 -22.43 -9.33 7.03
C ALA A 95 -22.19 -8.02 7.78
N GLN A 96 -20.93 -7.72 8.08
CA GLN A 96 -20.58 -6.49 8.78
C GLN A 96 -21.08 -5.26 8.03
N TYR A 97 -21.19 -5.37 6.71
CA TYR A 97 -21.66 -4.27 5.89
C TYR A 97 -20.68 -3.09 5.95
N LEU A 98 -20.51 -2.42 4.81
CA LEU A 98 -19.60 -1.28 4.74
C LEU A 98 -20.37 0.06 4.84
N ALA A 99 -21.67 -0.01 5.05
CA ALA A 99 -22.50 1.19 5.15
C ALA A 99 -22.24 1.94 6.46
N GLN A 100 -21.17 1.55 7.18
CA GLN A 100 -20.83 2.19 8.43
C GLN A 100 -20.18 3.55 8.19
N HIS A 101 -19.47 3.68 7.08
CA HIS A 101 -18.80 4.92 6.73
C HIS A 101 -17.78 5.31 7.80
N GLU A 102 -17.23 6.52 7.68
CA GLU A 102 -16.25 7.01 8.63
C GLU A 102 -15.97 8.50 8.42
N GLN A 103 -15.76 9.22 9.51
CA GLN A 103 -15.49 10.64 9.45
C GLN A 103 -14.22 10.98 10.23
N ILE B 1 15.23 6.32 -6.05
CA ILE B 1 14.76 4.96 -6.25
C ILE B 1 13.24 4.94 -6.49
N GLY B 2 12.77 3.86 -7.08
CA GLY B 2 11.36 3.73 -7.37
C GLY B 2 11.13 2.86 -8.58
N THR B 3 9.88 2.47 -8.79
CA THR B 3 9.54 1.62 -9.92
C THR B 3 9.51 2.44 -11.21
N ASP B 4 9.73 3.75 -11.08
CA ASP B 4 9.75 4.66 -12.23
C ASP B 4 8.35 4.83 -12.85
N LYS B 5 7.70 3.72 -13.20
CA LYS B 5 6.38 3.79 -13.79
C LYS B 5 5.28 3.88 -12.73
N GLU B 6 5.12 2.82 -11.95
CA GLU B 6 4.08 2.78 -10.92
C GLU B 6 4.32 3.81 -9.83
N LEU B 7 5.56 3.94 -9.38
CA LEU B 7 5.91 4.88 -8.32
C LEU B 7 5.75 6.33 -8.77
N SER B 8 5.96 6.57 -10.06
CA SER B 8 5.83 7.92 -10.61
C SER B 8 4.38 8.30 -10.83
N ASP B 9 3.58 7.34 -11.28
CA ASP B 9 2.16 7.59 -11.55
C ASP B 9 1.41 7.95 -10.28
N LEU B 10 2.09 7.94 -9.13
CA LEU B 10 1.46 8.27 -7.87
C LEU B 10 2.35 9.20 -7.04
N LEU B 11 3.66 8.96 -7.08
CA LEU B 11 4.60 9.77 -6.33
C LEU B 11 5.22 10.84 -7.22
N ASP B 12 5.31 10.55 -8.51
CA ASP B 12 5.88 11.48 -9.47
C ASP B 12 7.35 11.75 -9.15
N PHE B 13 8.23 11.22 -9.99
CA PHE B 13 9.66 11.39 -9.83
C PHE B 13 10.13 12.62 -10.59
N SER B 14 9.48 12.89 -11.71
CA SER B 14 9.81 14.04 -12.55
C SER B 14 9.27 15.33 -11.94
N ALA B 15 8.36 15.19 -10.97
CA ALA B 15 7.78 16.35 -10.30
C ALA B 15 8.83 17.11 -9.48
N MET B 16 10.10 16.72 -9.62
CA MET B 16 11.17 17.36 -8.88
C MET B 16 11.24 18.85 -9.17
N PHE B 17 11.24 19.21 -10.45
CA PHE B 17 11.30 20.60 -10.86
C PHE B 17 9.92 21.12 -11.20
N SER B 18 8.91 20.62 -10.49
CA SER B 18 7.53 21.02 -10.71
C SER B 18 6.87 21.41 -9.40
N GLY A 1 -2.33 -16.46 -13.13
CA GLY A 1 -3.12 -16.28 -11.88
C GLY A 1 -3.91 -14.99 -11.89
N ALA A 2 -4.12 -14.42 -10.70
CA ALA A 2 -4.87 -13.17 -10.57
C ALA A 2 -6.32 -13.35 -11.03
N MET A 3 -7.25 -12.94 -10.18
CA MET A 3 -8.67 -13.04 -10.48
C MET A 3 -9.34 -11.68 -10.44
N GLY A 4 -10.09 -11.37 -11.50
CA GLY A 4 -10.78 -10.09 -11.56
C GLY A 4 -9.88 -8.97 -12.06
N SER A 5 -10.17 -7.75 -11.65
CA SER A 5 -9.39 -6.59 -12.06
C SER A 5 -8.87 -5.82 -10.85
N GLY A 6 -8.74 -6.52 -9.72
CA GLY A 6 -8.26 -5.90 -8.51
C GLY A 6 -6.84 -6.32 -8.15
N ALA A 7 -6.51 -7.56 -8.46
CA ALA A 7 -5.17 -8.07 -8.18
C ALA A 7 -4.08 -7.09 -8.63
N ARG A 8 -4.38 -6.33 -9.67
CA ARG A 8 -3.45 -5.35 -10.21
C ARG A 8 -3.00 -4.36 -9.14
N GLN A 9 -3.93 -3.93 -8.30
CA GLN A 9 -3.63 -2.95 -7.28
C GLN A 9 -2.37 -3.30 -6.47
N LEU A 10 -2.27 -4.54 -6.01
CA LEU A 10 -1.12 -4.94 -5.21
C LEU A 10 0.18 -4.67 -5.97
N SER A 11 0.09 -4.60 -7.28
CA SER A 11 1.27 -4.32 -8.09
C SER A 11 1.78 -2.93 -7.78
N LYS A 12 0.86 -1.98 -7.76
CA LYS A 12 1.21 -0.60 -7.47
C LYS A 12 1.34 -0.37 -5.97
N LEU A 13 0.54 -1.08 -5.19
CA LEU A 13 0.57 -0.95 -3.73
C LEU A 13 1.86 -1.51 -3.15
N LYS A 14 2.16 -2.76 -3.46
CA LYS A 14 3.35 -3.41 -2.95
C LYS A 14 4.60 -2.67 -3.43
N ARG A 15 4.52 -2.10 -4.62
CA ARG A 15 5.65 -1.37 -5.19
C ARG A 15 5.76 0.04 -4.60
N PHE A 16 4.68 0.83 -4.70
CA PHE A 16 4.67 2.20 -4.20
C PHE A 16 5.15 2.30 -2.76
N LEU A 17 4.62 1.45 -1.91
CA LEU A 17 4.97 1.47 -0.50
C LEU A 17 6.48 1.36 -0.29
N THR A 18 7.13 0.55 -1.10
CA THR A 18 8.58 0.35 -0.98
C THR A 18 9.36 1.67 -1.01
N THR A 19 8.89 2.65 -1.77
CA THR A 19 9.61 3.91 -1.86
C THR A 19 9.21 4.89 -0.76
N LEU A 20 7.91 5.07 -0.53
CA LEU A 20 7.45 5.98 0.51
C LEU A 20 7.86 5.51 1.88
N GLN A 21 7.83 4.20 2.08
CA GLN A 21 8.19 3.62 3.36
C GLN A 21 9.63 4.01 3.74
N GLN A 22 10.51 4.02 2.76
CA GLN A 22 11.91 4.36 2.99
C GLN A 22 12.12 5.87 3.11
N PHE A 23 11.24 6.66 2.49
CA PHE A 23 11.38 8.12 2.55
C PHE A 23 11.48 8.61 3.98
N GLY A 24 10.70 8.02 4.87
CA GLY A 24 10.73 8.41 6.26
C GLY A 24 11.35 7.37 7.15
N ASN A 25 12.11 6.46 6.56
CA ASN A 25 12.77 5.41 7.33
C ASN A 25 13.94 5.95 8.15
N ASP A 26 13.88 7.23 8.50
CA ASP A 26 14.94 7.86 9.27
C ASP A 26 14.43 9.09 10.02
N ILE A 27 13.12 9.19 10.22
CA ILE A 27 12.55 10.33 10.93
C ILE A 27 12.69 10.12 12.43
N SER A 28 12.58 8.86 12.85
CA SER A 28 12.72 8.48 14.26
C SER A 28 12.59 6.96 14.42
N PRO A 29 13.02 6.41 15.56
CA PRO A 29 12.94 4.96 15.82
C PRO A 29 11.51 4.42 15.76
N GLU A 30 10.54 5.32 15.69
CA GLU A 30 9.13 4.93 15.64
C GLU A 30 8.62 4.86 14.22
N ILE A 31 9.08 5.79 13.41
CA ILE A 31 8.67 5.85 12.01
C ILE A 31 8.81 4.48 11.37
N GLY A 32 9.96 3.87 11.60
CA GLY A 32 10.18 2.53 11.07
C GLY A 32 9.03 1.63 11.46
N GLU A 33 8.48 1.88 12.65
CA GLU A 33 7.36 1.13 13.16
C GLU A 33 6.04 1.73 12.67
N ARG A 34 6.03 3.05 12.49
CA ARG A 34 4.84 3.74 12.01
C ARG A 34 4.54 3.35 10.58
N VAL A 35 5.50 3.55 9.68
CA VAL A 35 5.30 3.21 8.29
C VAL A 35 4.78 1.78 8.14
N ARG A 36 5.38 0.86 8.89
CA ARG A 36 4.97 -0.54 8.84
C ARG A 36 3.58 -0.72 9.45
N THR A 37 3.31 0.00 10.54
CA THR A 37 2.00 -0.11 11.19
C THR A 37 0.90 0.50 10.34
N LEU A 38 1.24 1.54 9.59
CA LEU A 38 0.27 2.20 8.74
C LEU A 38 -0.31 1.22 7.71
N VAL A 39 0.57 0.53 6.99
CA VAL A 39 0.14 -0.42 5.96
C VAL A 39 -0.63 -1.59 6.56
N LEU A 40 -0.14 -2.15 7.66
CA LEU A 40 -0.81 -3.27 8.30
C LEU A 40 -2.12 -2.81 8.93
N GLY A 41 -2.16 -1.54 9.34
CA GLY A 41 -3.36 -1.00 9.94
C GLY A 41 -4.46 -0.85 8.91
N LEU A 42 -4.11 -0.28 7.77
CA LEU A 42 -5.05 -0.06 6.68
C LEU A 42 -5.68 -1.37 6.24
N VAL A 43 -4.93 -2.46 6.40
CA VAL A 43 -5.42 -3.78 6.02
C VAL A 43 -6.09 -4.49 7.20
N ASN A 44 -5.59 -4.23 8.41
CA ASN A 44 -6.14 -4.85 9.61
C ASN A 44 -7.53 -4.32 9.96
N SER A 45 -8.12 -3.52 9.06
CA SER A 45 -9.44 -2.95 9.29
C SER A 45 -9.43 -2.03 10.51
N THR A 46 -8.43 -1.16 10.57
CA THR A 46 -8.31 -0.23 11.68
C THR A 46 -7.80 1.14 11.21
N LEU A 47 -7.69 1.33 9.90
CA LEU A 47 -7.22 2.59 9.35
C LEU A 47 -8.24 3.15 8.36
N THR A 48 -7.79 4.05 7.51
CA THR A 48 -8.63 4.67 6.50
C THR A 48 -7.76 5.36 5.48
N ILE A 49 -8.32 5.57 4.32
CA ILE A 49 -7.62 6.22 3.23
C ILE A 49 -7.15 7.59 3.66
N GLU A 50 -8.09 8.39 4.13
CA GLU A 50 -7.80 9.75 4.58
C GLU A 50 -6.75 9.74 5.69
N GLU A 51 -6.79 8.70 6.52
CA GLU A 51 -5.86 8.56 7.63
C GLU A 51 -4.49 8.04 7.17
N PHE A 52 -4.51 6.89 6.50
CA PHE A 52 -3.29 6.25 6.00
C PHE A 52 -2.46 7.23 5.19
N HIS A 53 -3.05 7.76 4.13
CA HIS A 53 -2.35 8.70 3.27
C HIS A 53 -1.86 9.89 4.08
N SER A 54 -2.72 10.36 4.98
CA SER A 54 -2.40 11.49 5.83
C SER A 54 -1.22 11.17 6.75
N LYS A 55 -1.32 10.06 7.49
CA LYS A 55 -0.28 9.65 8.42
C LYS A 55 0.98 9.23 7.66
N LEU A 56 0.82 8.39 6.64
CA LEU A 56 1.95 7.92 5.85
C LEU A 56 2.69 9.09 5.23
N GLN A 57 1.93 10.13 4.87
CA GLN A 57 2.53 11.32 4.27
C GLN A 57 3.50 11.97 5.24
N GLU A 58 3.19 11.88 6.53
CA GLU A 58 4.03 12.44 7.57
C GLU A 58 5.26 11.57 7.79
N ALA A 59 5.04 10.29 8.03
CA ALA A 59 6.13 9.37 8.26
C ALA A 59 7.05 9.31 7.05
N THR A 60 6.46 9.15 5.87
CA THR A 60 7.23 9.07 4.62
C THR A 60 7.75 10.45 4.21
N ASN A 61 7.31 11.50 4.90
CA ASN A 61 7.76 12.86 4.62
C ASN A 61 7.82 13.13 3.10
N PHE A 62 8.56 14.16 2.70
CA PHE A 62 8.70 14.52 1.30
C PHE A 62 7.39 15.14 0.77
N PRO A 63 7.34 15.60 -0.49
CA PRO A 63 6.13 16.21 -1.06
C PRO A 63 4.90 15.33 -0.90
N LEU A 64 4.85 14.24 -1.67
CA LEU A 64 3.72 13.34 -1.61
C LEU A 64 2.44 14.06 -1.99
N ARG A 65 2.20 14.19 -3.29
CA ARG A 65 1.02 14.87 -3.80
C ARG A 65 -0.25 14.16 -3.34
N PRO A 66 -1.36 14.91 -3.18
CA PRO A 66 -2.64 14.33 -2.74
C PRO A 66 -3.15 13.24 -3.67
N PHE A 67 -2.61 13.19 -4.89
CA PHE A 67 -3.03 12.18 -5.87
C PHE A 67 -2.70 10.76 -5.40
N VAL A 68 -1.96 10.65 -4.31
CA VAL A 68 -1.61 9.35 -3.77
C VAL A 68 -2.76 8.76 -2.97
N ILE A 69 -3.47 9.60 -2.23
CA ILE A 69 -4.59 9.16 -1.40
C ILE A 69 -5.67 8.43 -2.23
N PRO A 70 -5.94 8.89 -3.46
CA PRO A 70 -6.95 8.28 -4.34
C PRO A 70 -6.48 6.94 -4.88
N PHE A 71 -5.21 6.88 -5.21
CA PHE A 71 -4.62 5.66 -5.73
C PHE A 71 -4.74 4.54 -4.70
N LEU A 72 -4.35 4.84 -3.48
CA LEU A 72 -4.43 3.87 -2.40
C LEU A 72 -5.87 3.37 -2.24
N LYS A 73 -6.82 4.28 -2.49
CA LYS A 73 -8.24 3.93 -2.40
C LYS A 73 -8.58 2.82 -3.39
N ALA A 74 -7.79 2.73 -4.46
CA ALA A 74 -8.01 1.71 -5.48
C ALA A 74 -7.40 0.39 -5.06
N ASN A 75 -6.28 0.45 -4.36
CA ASN A 75 -5.59 -0.76 -3.93
C ASN A 75 -6.02 -1.20 -2.55
N LEU A 76 -6.83 -0.40 -1.88
CA LEU A 76 -7.28 -0.75 -0.55
C LEU A 76 -8.27 -1.93 -0.59
N PRO A 77 -9.20 -1.95 -1.57
CA PRO A 77 -10.22 -3.00 -1.68
C PRO A 77 -9.66 -4.42 -1.83
N LEU A 78 -8.64 -4.58 -2.67
CA LEU A 78 -8.09 -5.92 -2.91
C LEU A 78 -7.19 -6.40 -1.75
N LEU A 79 -6.42 -5.51 -1.14
CA LEU A 79 -5.54 -5.94 -0.04
C LEU A 79 -6.35 -6.66 1.02
N GLN A 80 -7.58 -6.20 1.25
CA GLN A 80 -8.45 -6.83 2.24
C GLN A 80 -9.13 -8.06 1.64
N ARG A 81 -9.83 -7.84 0.53
CA ARG A 81 -10.58 -8.90 -0.12
C ARG A 81 -9.74 -9.91 -0.92
N GLU A 82 -8.95 -9.44 -1.88
CA GLU A 82 -8.15 -10.33 -2.71
C GLU A 82 -7.20 -11.20 -1.87
N LEU A 83 -6.60 -10.61 -0.84
CA LEU A 83 -5.67 -11.34 0.01
C LEU A 83 -6.39 -12.33 0.89
N LEU A 84 -7.56 -11.93 1.39
CA LEU A 84 -8.35 -12.80 2.26
C LEU A 84 -9.05 -13.88 1.45
N HIS A 85 -9.69 -13.48 0.36
CA HIS A 85 -10.42 -14.42 -0.48
C HIS A 85 -9.47 -15.38 -1.20
N CYS A 86 -8.22 -14.98 -1.37
CA CYS A 86 -7.25 -15.84 -2.05
C CYS A 86 -6.70 -16.91 -1.10
N ALA A 87 -6.64 -16.58 0.17
CA ALA A 87 -6.12 -17.51 1.16
C ALA A 87 -7.15 -18.56 1.55
N ARG A 88 -8.28 -18.11 2.07
CA ARG A 88 -9.35 -19.00 2.50
C ARG A 88 -9.90 -19.85 1.37
N LEU A 89 -10.33 -19.18 0.31
CA LEU A 89 -10.89 -19.87 -0.85
C LEU A 89 -9.82 -20.30 -1.84
N ALA A 90 -8.99 -19.34 -2.22
CA ALA A 90 -7.91 -19.57 -3.17
C ALA A 90 -8.45 -19.81 -4.59
N LYS A 91 -9.51 -20.61 -4.69
CA LYS A 91 -10.11 -20.91 -5.98
C LYS A 91 -11.17 -19.86 -6.35
N GLN A 92 -12.43 -20.20 -6.15
CA GLN A 92 -13.55 -19.32 -6.44
C GLN A 92 -14.76 -19.73 -5.61
N ASN A 93 -15.41 -18.75 -5.00
CA ASN A 93 -16.57 -19.00 -4.17
C ASN A 93 -17.66 -17.98 -4.44
N PRO A 94 -18.90 -18.44 -4.70
CA PRO A 94 -20.02 -17.54 -4.97
C PRO A 94 -20.21 -16.50 -3.87
N ALA A 95 -19.70 -16.79 -2.68
CA ALA A 95 -19.82 -15.87 -1.55
C ALA A 95 -19.20 -14.51 -1.88
N GLN A 96 -18.26 -14.50 -2.83
CA GLN A 96 -17.60 -13.27 -3.23
C GLN A 96 -18.61 -12.26 -3.78
N TYR A 97 -19.71 -12.77 -4.32
CA TYR A 97 -20.76 -11.93 -4.88
C TYR A 97 -21.81 -11.58 -3.82
N LEU A 98 -21.37 -11.46 -2.57
CA LEU A 98 -22.26 -11.12 -1.47
C LEU A 98 -22.74 -9.67 -1.56
N ALA A 99 -22.20 -8.93 -2.53
CA ALA A 99 -22.58 -7.53 -2.72
C ALA A 99 -24.07 -7.40 -3.04
N GLN A 100 -24.63 -8.43 -3.67
CA GLN A 100 -26.04 -8.42 -4.04
C GLN A 100 -26.37 -7.28 -4.99
N HIS A 101 -27.44 -7.44 -5.76
CA HIS A 101 -27.86 -6.42 -6.72
C HIS A 101 -28.65 -5.32 -6.01
N GLU A 102 -29.04 -4.31 -6.77
CA GLU A 102 -29.81 -3.20 -6.22
C GLU A 102 -30.87 -2.74 -7.22
N GLN A 103 -32.14 -2.79 -6.81
CA GLN A 103 -33.25 -2.37 -7.67
C GLN A 103 -33.26 -0.87 -7.86
N ILE B 1 0.13 2.75 -21.48
CA ILE B 1 1.22 1.88 -21.04
C ILE B 1 2.41 2.67 -20.51
N GLY B 2 2.85 2.30 -19.31
CA GLY B 2 3.98 2.96 -18.70
C GLY B 2 4.83 2.00 -17.88
N THR B 3 4.17 1.15 -17.10
CA THR B 3 4.87 0.16 -16.27
C THR B 3 5.70 0.83 -15.17
N ASP B 4 6.83 1.40 -15.55
CA ASP B 4 7.72 2.05 -14.59
C ASP B 4 7.02 3.24 -13.93
N LYS B 5 6.23 3.97 -14.72
CA LYS B 5 5.51 5.13 -14.20
C LYS B 5 4.43 4.72 -13.21
N GLU B 6 4.26 3.42 -13.00
CA GLU B 6 3.26 2.90 -12.07
C GLU B 6 3.37 3.60 -10.72
N LEU B 7 4.60 3.83 -10.28
CA LEU B 7 4.86 4.48 -9.00
C LEU B 7 5.11 5.98 -9.18
N SER B 8 5.67 6.33 -10.31
CA SER B 8 5.98 7.73 -10.61
C SER B 8 4.73 8.58 -10.72
N ASP B 9 3.67 8.01 -11.29
CA ASP B 9 2.41 8.74 -11.46
C ASP B 9 1.66 8.89 -10.14
N LEU B 10 2.36 8.70 -9.02
CA LEU B 10 1.75 8.83 -7.71
C LEU B 10 2.65 9.65 -6.78
N LEU B 11 3.94 9.34 -6.78
CA LEU B 11 4.90 10.02 -5.92
C LEU B 11 5.54 11.22 -6.61
N ASP B 12 6.58 10.96 -7.41
CA ASP B 12 7.28 12.03 -8.11
C ASP B 12 6.42 12.62 -9.21
N PHE B 13 6.30 13.94 -9.20
CA PHE B 13 5.50 14.64 -10.20
C PHE B 13 6.30 15.75 -10.85
N SER B 14 7.05 16.48 -10.05
CA SER B 14 7.87 17.58 -10.55
C SER B 14 9.19 17.06 -11.10
N ALA B 15 9.67 15.94 -10.56
CA ALA B 15 10.92 15.34 -11.01
C ALA B 15 10.74 14.65 -12.35
N MET B 16 9.52 14.21 -12.64
CA MET B 16 9.22 13.53 -13.89
C MET B 16 8.69 14.51 -14.93
N PHE B 17 7.88 14.02 -15.86
CA PHE B 17 7.30 14.86 -16.91
C PHE B 17 5.79 14.64 -17.01
N SER B 18 5.05 15.73 -17.18
CA SER B 18 3.60 15.65 -17.29
C SER B 18 3.11 16.41 -18.53
N GLY A 1 -19.13 -13.00 -17.20
CA GLY A 1 -17.88 -12.94 -17.99
C GLY A 1 -16.92 -11.87 -17.46
N ALA A 2 -16.32 -11.12 -18.38
CA ALA A 2 -15.39 -10.06 -18.01
C ALA A 2 -14.18 -10.63 -17.26
N MET A 3 -13.23 -9.77 -16.95
CA MET A 3 -12.02 -10.19 -16.23
C MET A 3 -12.14 -9.87 -14.74
N GLY A 4 -11.23 -10.42 -13.95
CA GLY A 4 -11.25 -10.17 -12.53
C GLY A 4 -10.59 -8.86 -12.16
N SER A 5 -10.41 -8.65 -10.86
CA SER A 5 -9.78 -7.43 -10.37
C SER A 5 -9.37 -7.61 -8.92
N GLY A 6 -8.13 -7.30 -8.60
CA GLY A 6 -7.65 -7.45 -7.25
C GLY A 6 -6.16 -7.67 -7.18
N ALA A 7 -5.69 -8.67 -7.89
CA ALA A 7 -4.27 -8.99 -7.91
C ALA A 7 -3.43 -7.88 -8.53
N ARG A 8 -4.04 -7.09 -9.42
CA ARG A 8 -3.33 -6.00 -10.09
C ARG A 8 -2.83 -4.95 -9.10
N GLN A 9 -3.74 -4.44 -8.29
CA GLN A 9 -3.41 -3.42 -7.30
C GLN A 9 -2.16 -3.77 -6.51
N LEU A 10 -2.13 -4.98 -5.93
CA LEU A 10 -0.99 -5.42 -5.13
C LEU A 10 0.33 -5.08 -5.79
N SER A 11 0.30 -4.92 -7.09
CA SER A 11 1.48 -4.55 -7.82
C SER A 11 1.87 -3.13 -7.46
N LYS A 12 0.90 -2.20 -7.53
CA LYS A 12 1.15 -0.81 -7.20
C LYS A 12 1.30 -0.63 -5.69
N LEU A 13 0.43 -1.26 -4.91
CA LEU A 13 0.48 -1.13 -3.46
C LEU A 13 1.76 -1.71 -2.89
N LYS A 14 2.04 -2.98 -3.18
CA LYS A 14 3.25 -3.61 -2.66
C LYS A 14 4.48 -2.82 -3.07
N ARG A 15 4.47 -2.33 -4.30
CA ARG A 15 5.57 -1.55 -4.82
C ARG A 15 5.60 -0.14 -4.21
N PHE A 16 4.46 0.54 -4.24
CA PHE A 16 4.36 1.89 -3.69
C PHE A 16 4.89 1.98 -2.28
N LEU A 17 4.29 1.22 -1.39
CA LEU A 17 4.67 1.24 0.01
C LEU A 17 6.19 1.10 0.23
N THR A 18 6.86 0.41 -0.68
CA THR A 18 8.31 0.21 -0.57
C THR A 18 9.07 1.53 -0.40
N THR A 19 8.80 2.49 -1.28
CA THR A 19 9.49 3.78 -1.20
C THR A 19 8.97 4.60 -0.03
N LEU A 20 7.67 4.48 0.22
CA LEU A 20 7.03 5.22 1.31
C LEU A 20 7.72 4.95 2.64
N GLN A 21 8.11 3.70 2.86
CA GLN A 21 8.76 3.33 4.10
C GLN A 21 10.15 3.96 4.19
N GLN A 22 10.83 4.02 3.06
CA GLN A 22 12.16 4.58 2.99
C GLN A 22 12.13 6.11 2.96
N PHE A 23 11.03 6.67 2.48
CA PHE A 23 10.88 8.11 2.39
C PHE A 23 11.14 8.76 3.75
N GLY A 24 10.62 8.13 4.80
CA GLY A 24 10.79 8.67 6.14
C GLY A 24 11.51 7.70 7.05
N ASN A 25 12.35 6.85 6.46
CA ASN A 25 13.11 5.87 7.23
C ASN A 25 14.27 6.53 7.98
N ASP A 26 14.07 7.77 8.43
CA ASP A 26 15.11 8.49 9.15
C ASP A 26 14.53 9.55 10.08
N ILE A 27 13.21 9.51 10.30
CA ILE A 27 12.57 10.47 11.18
C ILE A 27 12.75 10.06 12.64
N SER A 28 12.70 8.74 12.89
CA SER A 28 12.86 8.20 14.24
C SER A 28 12.80 6.67 14.22
N PRO A 29 13.29 6.01 15.28
CA PRO A 29 13.28 4.54 15.36
C PRO A 29 11.86 3.97 15.36
N GLU A 30 10.86 4.84 15.29
CA GLU A 30 9.46 4.43 15.28
C GLU A 30 8.83 4.63 13.90
N ILE A 31 9.44 5.48 13.10
CA ILE A 31 8.94 5.73 11.74
C ILE A 31 9.05 4.47 10.94
N GLY A 32 10.21 3.84 11.03
CA GLY A 32 10.41 2.58 10.35
C GLY A 32 9.27 1.63 10.68
N GLU A 33 8.73 1.79 11.88
CA GLU A 33 7.60 1.00 12.35
C GLU A 33 6.29 1.62 11.88
N ARG A 34 6.28 2.95 11.79
CA ARG A 34 5.10 3.68 11.36
C ARG A 34 4.66 3.21 9.98
N VAL A 35 5.56 3.26 9.02
CA VAL A 35 5.23 2.83 7.67
C VAL A 35 4.67 1.41 7.66
N ARG A 36 5.27 0.56 8.48
CA ARG A 36 4.81 -0.82 8.57
C ARG A 36 3.42 -0.88 9.21
N THR A 37 3.22 -0.07 10.25
CA THR A 37 1.93 -0.03 10.94
C THR A 37 0.86 0.61 10.07
N LEU A 38 1.24 1.62 9.30
CA LEU A 38 0.30 2.30 8.42
C LEU A 38 -0.32 1.31 7.44
N VAL A 39 0.53 0.53 6.78
CA VAL A 39 0.05 -0.46 5.80
C VAL A 39 -0.78 -1.53 6.47
N LEU A 40 -0.23 -2.14 7.52
CA LEU A 40 -0.94 -3.19 8.23
C LEU A 40 -2.25 -2.67 8.81
N GLY A 41 -2.25 -1.39 9.15
CA GLY A 41 -3.44 -0.79 9.71
C GLY A 41 -4.49 -0.57 8.65
N LEU A 42 -4.09 0.11 7.56
CA LEU A 42 -4.97 0.40 6.46
C LEU A 42 -5.59 -0.88 5.90
N VAL A 43 -4.86 -1.98 6.01
CA VAL A 43 -5.33 -3.27 5.52
C VAL A 43 -6.19 -3.98 6.56
N ASN A 44 -5.80 -3.84 7.83
CA ASN A 44 -6.54 -4.46 8.92
C ASN A 44 -7.86 -3.72 9.19
N SER A 45 -8.23 -2.80 8.30
CA SER A 45 -9.45 -2.04 8.46
C SER A 45 -9.40 -1.18 9.72
N THR A 46 -8.21 -0.98 10.27
CA THR A 46 -8.03 -0.18 11.47
C THR A 46 -7.58 1.24 11.13
N LEU A 47 -7.33 1.50 9.85
CA LEU A 47 -6.89 2.81 9.40
C LEU A 47 -7.93 3.43 8.48
N THR A 48 -7.49 4.41 7.68
CA THR A 48 -8.34 5.10 6.75
C THR A 48 -7.49 5.78 5.70
N ILE A 49 -8.08 6.03 4.56
CA ILE A 49 -7.40 6.67 3.46
C ILE A 49 -6.91 8.05 3.86
N GLU A 50 -7.83 8.86 4.36
CA GLU A 50 -7.51 10.22 4.78
C GLU A 50 -6.45 10.22 5.87
N GLU A 51 -6.48 9.21 6.72
CA GLU A 51 -5.53 9.08 7.81
C GLU A 51 -4.19 8.50 7.33
N PHE A 52 -4.28 7.37 6.64
CA PHE A 52 -3.11 6.69 6.10
C PHE A 52 -2.23 7.64 5.29
N HIS A 53 -2.81 8.19 4.23
CA HIS A 53 -2.06 9.10 3.37
C HIS A 53 -1.57 10.30 4.15
N SER A 54 -2.41 10.77 5.06
CA SER A 54 -2.07 11.92 5.89
C SER A 54 -0.92 11.59 6.84
N LYS A 55 -0.99 10.43 7.46
CA LYS A 55 0.04 10.00 8.41
C LYS A 55 1.29 9.54 7.68
N LEU A 56 1.11 8.72 6.65
CA LEU A 56 2.23 8.22 5.88
C LEU A 56 3.08 9.38 5.37
N GLN A 57 2.43 10.33 4.72
CA GLN A 57 3.13 11.49 4.19
C GLN A 57 4.01 12.12 5.28
N GLU A 58 3.55 12.02 6.53
CA GLU A 58 4.29 12.56 7.66
C GLU A 58 5.48 11.67 8.03
N ALA A 59 5.22 10.37 8.23
CA ALA A 59 6.27 9.43 8.59
C ALA A 59 7.26 9.23 7.46
N THR A 60 6.75 9.27 6.23
CA THR A 60 7.61 9.11 5.05
C THR A 60 8.39 10.39 4.75
N ASN A 61 8.64 11.19 5.79
CA ASN A 61 9.38 12.44 5.63
C ASN A 61 8.63 13.43 4.75
N PHE A 62 8.70 13.23 3.44
CA PHE A 62 8.03 14.11 2.50
C PHE A 62 6.65 13.58 2.14
N PRO A 63 5.62 14.44 2.14
CA PRO A 63 4.27 14.04 1.81
C PRO A 63 4.09 13.64 0.36
N LEU A 64 2.86 13.34 -0.01
CA LEU A 64 2.53 12.93 -1.38
C LEU A 64 1.55 13.90 -2.00
N ARG A 65 1.25 13.70 -3.28
CA ARG A 65 0.33 14.56 -3.99
C ARG A 65 -1.12 14.20 -3.68
N PRO A 66 -2.03 15.19 -3.75
CA PRO A 66 -3.45 14.95 -3.48
C PRO A 66 -4.02 13.83 -4.33
N PHE A 67 -3.40 13.58 -5.48
CA PHE A 67 -3.86 12.52 -6.38
C PHE A 67 -3.40 11.15 -5.89
N VAL A 68 -2.57 11.13 -4.86
CA VAL A 68 -2.09 9.89 -4.29
C VAL A 68 -3.12 9.27 -3.35
N ILE A 69 -3.67 10.09 -2.45
CA ILE A 69 -4.66 9.63 -1.48
C ILE A 69 -5.85 8.92 -2.14
N PRO A 70 -6.29 9.38 -3.33
CA PRO A 70 -7.42 8.78 -4.04
C PRO A 70 -7.10 7.44 -4.69
N PHE A 71 -5.82 7.20 -4.96
CA PHE A 71 -5.41 5.95 -5.58
C PHE A 71 -5.59 4.78 -4.61
N LEU A 72 -5.20 5.00 -3.36
CA LEU A 72 -5.32 3.96 -2.34
C LEU A 72 -6.77 3.53 -2.15
N LYS A 73 -7.69 4.49 -2.08
CA LYS A 73 -9.12 4.16 -1.90
C LYS A 73 -9.64 3.33 -3.07
N ALA A 74 -9.19 3.64 -4.26
CA ALA A 74 -9.60 2.92 -5.45
C ALA A 74 -8.95 1.57 -5.54
N ASN A 75 -7.68 1.51 -5.14
CA ASN A 75 -6.92 0.29 -5.21
C ASN A 75 -7.08 -0.55 -3.95
N LEU A 76 -7.47 0.10 -2.85
CA LEU A 76 -7.66 -0.57 -1.56
C LEU A 76 -8.46 -1.88 -1.66
N PRO A 77 -9.59 -1.87 -2.40
CA PRO A 77 -10.46 -3.06 -2.53
C PRO A 77 -9.72 -4.32 -2.97
N LEU A 78 -8.66 -4.13 -3.72
CA LEU A 78 -7.87 -5.24 -4.23
C LEU A 78 -6.94 -5.85 -3.17
N LEU A 79 -6.14 -5.02 -2.51
CA LEU A 79 -5.20 -5.52 -1.50
C LEU A 79 -5.93 -6.16 -0.33
N GLN A 80 -7.14 -5.70 -0.08
CA GLN A 80 -7.93 -6.21 1.01
C GLN A 80 -8.57 -7.55 0.64
N ARG A 81 -9.16 -7.59 -0.54
CA ARG A 81 -9.83 -8.79 -1.01
C ARG A 81 -8.83 -9.85 -1.48
N GLU A 82 -7.65 -9.42 -1.91
CA GLU A 82 -6.63 -10.34 -2.39
C GLU A 82 -5.96 -11.12 -1.26
N LEU A 83 -5.56 -10.44 -0.20
CA LEU A 83 -4.90 -11.09 0.91
C LEU A 83 -5.87 -11.97 1.70
N LEU A 84 -7.17 -11.66 1.61
CA LEU A 84 -8.19 -12.44 2.30
C LEU A 84 -8.57 -13.67 1.49
N HIS A 85 -9.00 -13.44 0.25
CA HIS A 85 -9.42 -14.54 -0.63
C HIS A 85 -8.32 -15.59 -0.78
N CYS A 86 -7.09 -15.15 -0.65
CA CYS A 86 -5.95 -16.03 -0.78
C CYS A 86 -5.70 -16.81 0.50
N ALA A 87 -5.92 -16.13 1.61
CA ALA A 87 -5.74 -16.73 2.94
C ALA A 87 -6.70 -17.89 3.17
N ARG A 88 -7.81 -17.88 2.44
CA ARG A 88 -8.82 -18.93 2.56
C ARG A 88 -8.43 -20.17 1.76
N LEU A 89 -8.07 -19.97 0.50
CA LEU A 89 -7.66 -21.05 -0.38
C LEU A 89 -6.17 -21.37 -0.21
N ALA A 90 -5.48 -20.58 0.63
CA ALA A 90 -4.05 -20.79 0.92
C ALA A 90 -3.15 -20.42 -0.26
N LYS A 91 -3.73 -19.88 -1.31
CA LYS A 91 -2.99 -19.48 -2.49
C LYS A 91 -2.49 -20.69 -3.27
N GLN A 92 -3.24 -21.06 -4.29
CA GLN A 92 -2.90 -22.18 -5.14
C GLN A 92 -2.92 -23.50 -4.36
N ASN A 93 -3.64 -24.48 -4.89
CA ASN A 93 -3.75 -25.79 -4.26
C ASN A 93 -2.38 -26.46 -4.16
N PRO A 94 -2.31 -27.64 -3.52
CA PRO A 94 -1.04 -28.38 -3.34
C PRO A 94 -0.44 -28.85 -4.66
N ALA A 95 -1.27 -28.92 -5.69
CA ALA A 95 -0.81 -29.35 -7.00
C ALA A 95 0.21 -28.37 -7.57
N GLN A 96 0.10 -27.11 -7.17
CA GLN A 96 1.02 -26.07 -7.64
C GLN A 96 2.45 -26.35 -7.18
N TYR A 97 2.62 -26.47 -5.87
CA TYR A 97 3.94 -26.73 -5.30
C TYR A 97 4.21 -28.23 -5.21
N LEU A 98 4.88 -28.76 -6.22
CA LEU A 98 5.20 -30.19 -6.27
C LEU A 98 6.47 -30.50 -5.48
N ALA A 99 7.04 -29.48 -4.83
CA ALA A 99 8.26 -29.67 -4.05
C ALA A 99 8.00 -30.45 -2.76
N GLN A 100 6.81 -31.06 -2.66
CA GLN A 100 6.45 -31.84 -1.49
C GLN A 100 7.36 -33.05 -1.34
N HIS A 101 7.99 -33.16 -0.17
CA HIS A 101 8.90 -34.27 0.10
C HIS A 101 10.06 -34.29 -0.89
N GLU A 102 10.47 -33.10 -1.34
CA GLU A 102 11.56 -32.98 -2.29
C GLU A 102 12.52 -31.87 -1.86
N GLN A 103 13.30 -31.36 -2.81
CA GLN A 103 14.26 -30.30 -2.55
C GLN A 103 15.28 -30.69 -1.49
N ILE B 1 15.43 -4.25 -13.30
CA ILE B 1 14.24 -3.58 -12.78
C ILE B 1 12.95 -4.06 -13.46
N GLY B 2 11.98 -4.43 -12.62
CA GLY B 2 10.70 -4.89 -13.13
C GLY B 2 9.79 -3.75 -13.52
N THR B 3 9.43 -2.92 -12.54
CA THR B 3 8.56 -1.78 -12.79
C THR B 3 8.81 -0.66 -11.78
N ASP B 4 9.21 0.51 -12.28
CA ASP B 4 9.49 1.66 -11.43
C ASP B 4 8.45 2.76 -11.64
N LYS B 5 7.89 2.81 -12.84
CA LYS B 5 6.87 3.81 -13.17
C LYS B 5 5.65 3.68 -12.26
N GLU B 6 5.39 2.46 -11.80
CA GLU B 6 4.25 2.19 -10.93
C GLU B 6 4.17 3.20 -9.79
N LEU B 7 5.29 3.41 -9.09
CA LEU B 7 5.32 4.35 -7.99
C LEU B 7 5.38 5.79 -8.48
N SER B 8 5.81 5.98 -9.72
CA SER B 8 5.91 7.31 -10.29
C SER B 8 4.54 7.83 -10.70
N ASP B 9 3.68 6.95 -11.20
CA ASP B 9 2.34 7.33 -11.62
C ASP B 9 1.45 7.70 -10.42
N LEU B 10 2.04 7.70 -9.22
CA LEU B 10 1.30 8.03 -8.03
C LEU B 10 2.13 8.94 -7.12
N LEU B 11 3.39 8.58 -6.92
CA LEU B 11 4.28 9.38 -6.08
C LEU B 11 4.92 10.52 -6.88
N ASP B 12 4.65 11.73 -6.46
CA ASP B 12 5.20 12.91 -7.11
C ASP B 12 4.75 12.98 -8.57
N PHE B 13 4.62 14.20 -9.09
CA PHE B 13 4.20 14.43 -10.46
C PHE B 13 5.06 15.51 -11.13
N SER B 14 5.53 16.45 -10.32
CA SER B 14 6.37 17.54 -10.83
C SER B 14 7.69 16.98 -11.37
N ALA B 15 8.11 15.85 -10.81
CA ALA B 15 9.36 15.20 -11.23
C ALA B 15 9.28 14.78 -12.69
N MET B 16 8.06 14.50 -13.15
CA MET B 16 7.84 14.09 -14.53
C MET B 16 7.24 15.25 -15.34
N PHE B 17 6.53 14.91 -16.42
CA PHE B 17 5.93 15.93 -17.27
C PHE B 17 4.56 16.36 -16.72
N SER B 18 4.57 17.35 -15.85
CA SER B 18 3.35 17.86 -15.25
C SER B 18 2.68 18.88 -16.16
N GLY A 1 -18.44 -14.08 -10.27
CA GLY A 1 -17.58 -14.37 -11.46
C GLY A 1 -16.70 -15.58 -11.26
N ALA A 2 -15.51 -15.38 -10.71
CA ALA A 2 -14.58 -16.46 -10.46
C ALA A 2 -13.43 -16.00 -9.57
N MET A 3 -13.69 -15.03 -8.71
CA MET A 3 -12.67 -14.50 -7.82
C MET A 3 -11.48 -13.96 -8.60
N GLY A 4 -11.42 -12.64 -8.73
CA GLY A 4 -10.32 -12.02 -9.45
C GLY A 4 -10.12 -10.58 -9.06
N SER A 5 -9.32 -9.87 -9.84
CA SER A 5 -9.02 -8.46 -9.58
C SER A 5 -8.54 -8.29 -8.14
N GLY A 6 -7.25 -8.48 -7.94
CA GLY A 6 -6.68 -8.35 -6.60
C GLY A 6 -5.18 -8.47 -6.59
N ALA A 7 -4.65 -9.27 -7.49
CA ALA A 7 -3.23 -9.47 -7.58
C ALA A 7 -2.56 -8.30 -8.29
N ARG A 8 -3.34 -7.55 -9.08
CA ARG A 8 -2.84 -6.43 -9.86
C ARG A 8 -2.44 -5.21 -9.01
N GLN A 9 -3.41 -4.64 -8.28
CA GLN A 9 -3.14 -3.45 -7.48
C GLN A 9 -2.03 -3.70 -6.46
N LEU A 10 -1.99 -4.92 -5.93
CA LEU A 10 -0.95 -5.27 -4.95
C LEU A 10 0.41 -4.91 -5.50
N SER A 11 0.51 -4.86 -6.82
CA SER A 11 1.75 -4.48 -7.46
C SER A 11 2.07 -3.03 -7.13
N LYS A 12 1.07 -2.16 -7.28
CA LYS A 12 1.24 -0.74 -6.99
C LYS A 12 1.38 -0.49 -5.50
N LEU A 13 0.48 -1.07 -4.71
CA LEU A 13 0.51 -0.89 -3.27
C LEU A 13 1.82 -1.41 -2.68
N LYS A 14 2.13 -2.67 -2.96
CA LYS A 14 3.34 -3.27 -2.45
C LYS A 14 4.56 -2.50 -2.90
N ARG A 15 4.57 -2.06 -4.15
CA ARG A 15 5.68 -1.32 -4.70
C ARG A 15 5.73 0.11 -4.17
N PHE A 16 4.62 0.84 -4.32
CA PHE A 16 4.57 2.23 -3.89
C PHE A 16 5.05 2.40 -2.46
N LEU A 17 4.51 1.59 -1.56
CA LEU A 17 4.88 1.66 -0.15
C LEU A 17 6.39 1.57 0.06
N THR A 18 7.08 0.87 -0.85
CA THR A 18 8.52 0.71 -0.73
C THR A 18 9.23 2.06 -0.69
N THR A 19 8.75 3.01 -1.49
CA THR A 19 9.33 4.35 -1.53
C THR A 19 8.81 5.21 -0.40
N LEU A 20 7.51 5.10 -0.13
CA LEU A 20 6.88 5.87 0.94
C LEU A 20 7.57 5.58 2.27
N GLN A 21 7.86 4.30 2.50
CA GLN A 21 8.53 3.88 3.72
C GLN A 21 9.95 4.43 3.75
N GLN A 22 10.62 4.36 2.61
CA GLN A 22 12.00 4.82 2.51
C GLN A 22 12.10 6.34 2.54
N PHE A 23 11.05 7.01 2.11
CA PHE A 23 11.05 8.46 2.11
C PHE A 23 11.28 9.01 3.51
N GLY A 24 10.68 8.35 4.50
CA GLY A 24 10.85 8.77 5.87
C GLY A 24 11.36 7.65 6.74
N ASN A 25 12.08 6.71 6.13
CA ASN A 25 12.64 5.57 6.87
C ASN A 25 13.81 6.01 7.75
N ASP A 26 13.89 7.31 8.03
CA ASP A 26 14.96 7.84 8.86
C ASP A 26 14.44 8.97 9.76
N ILE A 27 13.14 9.02 9.98
CA ILE A 27 12.54 10.04 10.82
C ILE A 27 12.73 9.66 12.29
N SER A 28 12.69 8.36 12.56
CA SER A 28 12.88 7.84 13.92
C SER A 28 12.75 6.32 13.94
N PRO A 29 13.26 5.66 15.00
CA PRO A 29 13.19 4.20 15.12
C PRO A 29 11.75 3.67 15.12
N GLU A 30 10.77 4.58 15.08
CA GLU A 30 9.36 4.19 15.09
C GLU A 30 8.76 4.28 13.69
N ILE A 31 9.23 5.24 12.94
CA ILE A 31 8.76 5.44 11.56
C ILE A 31 8.84 4.14 10.81
N GLY A 32 9.99 3.50 10.90
CA GLY A 32 10.15 2.21 10.25
C GLY A 32 9.04 1.27 10.66
N GLU A 33 8.59 1.44 11.90
CA GLU A 33 7.50 0.65 12.46
C GLU A 33 6.15 1.25 12.08
N ARG A 34 6.11 2.58 11.96
CA ARG A 34 4.87 3.26 11.62
C ARG A 34 4.51 3.00 10.16
N VAL A 35 5.41 3.29 9.25
CA VAL A 35 5.14 3.08 7.83
C VAL A 35 4.64 1.66 7.58
N ARG A 36 5.34 0.68 8.16
CA ARG A 36 4.96 -0.72 7.99
C ARG A 36 3.60 -1.00 8.62
N THR A 37 3.35 -0.40 9.78
CA THR A 37 2.09 -0.58 10.47
C THR A 37 0.95 0.12 9.72
N LEU A 38 1.28 1.20 9.01
CA LEU A 38 0.29 1.97 8.27
C LEU A 38 -0.45 1.09 7.26
N VAL A 39 0.31 0.44 6.40
CA VAL A 39 -0.26 -0.42 5.37
C VAL A 39 -1.07 -1.55 5.96
N LEU A 40 -0.47 -2.27 6.90
CA LEU A 40 -1.17 -3.38 7.54
C LEU A 40 -2.39 -2.87 8.31
N GLY A 41 -2.28 -1.65 8.81
CA GLY A 41 -3.38 -1.07 9.55
C GLY A 41 -4.54 -0.77 8.62
N LEU A 42 -4.25 -0.05 7.54
CA LEU A 42 -5.24 0.31 6.54
C LEU A 42 -5.91 -0.93 5.96
N VAL A 43 -5.11 -1.97 5.73
CA VAL A 43 -5.63 -3.22 5.18
C VAL A 43 -6.35 -4.03 6.27
N ASN A 44 -5.97 -3.80 7.52
CA ASN A 44 -6.60 -4.49 8.65
C ASN A 44 -7.95 -3.88 9.02
N SER A 45 -8.44 -2.95 8.19
CA SER A 45 -9.71 -2.29 8.45
C SER A 45 -9.65 -1.47 9.74
N THR A 46 -8.44 -1.26 10.27
CA THR A 46 -8.26 -0.48 11.49
C THR A 46 -7.82 0.94 11.16
N LEU A 47 -7.67 1.24 9.89
CA LEU A 47 -7.25 2.56 9.45
C LEU A 47 -8.28 3.17 8.50
N THR A 48 -7.86 4.16 7.75
CA THR A 48 -8.70 4.85 6.79
C THR A 48 -7.83 5.55 5.78
N ILE A 49 -8.39 5.78 4.61
CA ILE A 49 -7.69 6.44 3.54
C ILE A 49 -7.20 7.81 3.98
N GLU A 50 -8.14 8.60 4.45
CA GLU A 50 -7.84 9.96 4.90
C GLU A 50 -6.81 9.95 6.01
N GLU A 51 -6.84 8.90 6.82
CA GLU A 51 -5.91 8.76 7.94
C GLU A 51 -4.54 8.25 7.48
N PHE A 52 -4.55 7.13 6.76
CA PHE A 52 -3.32 6.52 6.26
C PHE A 52 -2.44 7.53 5.53
N HIS A 53 -3.00 8.15 4.49
CA HIS A 53 -2.25 9.13 3.72
C HIS A 53 -1.83 10.29 4.60
N SER A 54 -2.74 10.70 5.48
CA SER A 54 -2.48 11.79 6.40
C SER A 54 -1.34 11.47 7.35
N LYS A 55 -1.46 10.35 8.05
CA LYS A 55 -0.45 9.93 9.01
C LYS A 55 0.84 9.53 8.29
N LEU A 56 0.72 8.73 7.23
CA LEU A 56 1.88 8.30 6.46
C LEU A 56 2.65 9.52 5.97
N GLN A 57 1.90 10.56 5.59
CA GLN A 57 2.52 11.80 5.11
C GLN A 57 3.57 12.28 6.09
N GLU A 58 3.36 11.99 7.37
CA GLU A 58 4.29 12.39 8.41
C GLU A 58 5.52 11.50 8.41
N ALA A 59 5.31 10.18 8.43
CA ALA A 59 6.40 9.21 8.44
C ALA A 59 7.17 9.21 7.14
N THR A 60 6.46 9.26 6.03
CA THR A 60 7.09 9.23 4.71
C THR A 60 7.78 10.54 4.36
N ASN A 61 7.88 11.46 5.33
CA ASN A 61 8.54 12.75 5.11
C ASN A 61 7.77 13.61 4.11
N PHE A 62 6.45 13.43 4.08
CA PHE A 62 5.57 14.20 3.20
C PHE A 62 6.15 14.35 1.79
N PRO A 63 6.42 13.24 1.10
CA PRO A 63 6.95 13.24 -0.25
C PRO A 63 5.84 13.20 -1.30
N LEU A 64 4.64 12.82 -0.86
CA LEU A 64 3.50 12.73 -1.74
C LEU A 64 2.53 13.89 -1.52
N ARG A 65 1.43 13.87 -2.26
CA ARG A 65 0.40 14.90 -2.13
C ARG A 65 -0.68 14.80 -3.22
N PRO A 66 -0.32 14.52 -4.49
CA PRO A 66 -1.30 14.41 -5.60
C PRO A 66 -2.30 13.27 -5.40
N PHE A 67 -2.58 12.52 -6.48
CA PHE A 67 -3.54 11.40 -6.46
C PHE A 67 -3.14 10.28 -5.50
N VAL A 68 -2.19 10.54 -4.62
CA VAL A 68 -1.73 9.55 -3.66
C VAL A 68 -2.88 9.02 -2.79
N ILE A 69 -3.51 9.90 -2.01
CA ILE A 69 -4.60 9.46 -1.15
C ILE A 69 -5.78 8.89 -1.94
N PRO A 70 -6.12 9.48 -3.11
CA PRO A 70 -7.23 9.00 -3.92
C PRO A 70 -6.97 7.64 -4.56
N PHE A 71 -5.76 7.42 -5.04
CA PHE A 71 -5.41 6.15 -5.66
C PHE A 71 -5.56 5.02 -4.65
N LEU A 72 -5.08 5.24 -3.44
CA LEU A 72 -5.18 4.25 -2.39
C LEU A 72 -6.65 3.87 -2.13
N LYS A 73 -7.54 4.83 -2.31
CA LYS A 73 -8.98 4.58 -2.09
C LYS A 73 -9.53 3.60 -3.12
N ALA A 74 -9.09 3.76 -4.36
CA ALA A 74 -9.55 2.89 -5.44
C ALA A 74 -8.99 1.50 -5.30
N ASN A 75 -7.72 1.41 -4.89
CA ASN A 75 -7.07 0.13 -4.75
C ASN A 75 -7.25 -0.47 -3.35
N LEU A 76 -7.70 0.35 -2.40
CA LEU A 76 -7.88 -0.11 -1.03
C LEU A 76 -8.81 -1.33 -0.93
N PRO A 77 -9.85 -1.42 -1.77
CA PRO A 77 -10.79 -2.54 -1.73
C PRO A 77 -10.18 -3.81 -2.29
N LEU A 78 -9.29 -3.65 -3.25
CA LEU A 78 -8.65 -4.78 -3.88
C LEU A 78 -7.53 -5.35 -3.01
N LEU A 79 -6.63 -4.46 -2.58
CA LEU A 79 -5.49 -4.88 -1.76
C LEU A 79 -5.95 -5.66 -0.54
N GLN A 80 -6.97 -5.16 0.11
CA GLN A 80 -7.51 -5.79 1.30
C GLN A 80 -8.13 -7.14 0.96
N ARG A 81 -8.85 -7.16 -0.16
CA ARG A 81 -9.52 -8.37 -0.61
C ARG A 81 -8.54 -9.52 -0.91
N GLU A 82 -7.62 -9.31 -1.85
CA GLU A 82 -6.66 -10.34 -2.21
C GLU A 82 -5.78 -10.74 -1.03
N LEU A 83 -5.30 -9.75 -0.28
CA LEU A 83 -4.45 -10.03 0.87
C LEU A 83 -5.18 -10.90 1.89
N LEU A 84 -6.45 -10.58 2.11
CA LEU A 84 -7.27 -11.33 3.06
C LEU A 84 -7.73 -12.66 2.47
N HIS A 85 -8.19 -12.63 1.23
CA HIS A 85 -8.68 -13.83 0.56
C HIS A 85 -7.57 -14.87 0.39
N CYS A 86 -6.32 -14.40 0.33
CA CYS A 86 -5.18 -15.30 0.17
C CYS A 86 -4.79 -15.90 1.50
N ALA A 87 -4.90 -15.11 2.54
CA ALA A 87 -4.56 -15.54 3.89
C ALA A 87 -5.55 -16.58 4.41
N ARG A 88 -6.74 -16.61 3.82
CA ARG A 88 -7.77 -17.56 4.23
C ARG A 88 -7.55 -18.93 3.60
N LEU A 89 -7.47 -18.96 2.27
CA LEU A 89 -7.26 -20.21 1.55
C LEU A 89 -5.77 -20.54 1.47
N ALA A 90 -4.97 -19.57 1.05
CA ALA A 90 -3.53 -19.76 0.92
C ALA A 90 -3.22 -20.68 -0.23
N LYS A 91 -2.86 -20.08 -1.35
CA LYS A 91 -2.54 -20.84 -2.55
C LYS A 91 -1.56 -20.07 -3.43
N GLN A 92 -0.34 -19.88 -2.92
CA GLN A 92 0.70 -19.16 -3.64
C GLN A 92 1.74 -20.13 -4.22
N ASN A 93 3.03 -19.78 -4.11
CA ASN A 93 4.11 -20.61 -4.63
C ASN A 93 3.98 -20.80 -6.15
N PRO A 94 5.12 -20.89 -6.86
CA PRO A 94 5.13 -21.08 -8.32
C PRO A 94 4.61 -22.45 -8.75
N ALA A 95 4.67 -23.41 -7.83
CA ALA A 95 4.21 -24.76 -8.11
C ALA A 95 2.76 -24.76 -8.56
N GLN A 96 1.99 -23.81 -8.06
CA GLN A 96 0.59 -23.71 -8.40
C GLN A 96 0.38 -23.01 -9.73
N TYR A 97 1.28 -22.10 -10.05
CA TYR A 97 1.21 -21.34 -11.29
C TYR A 97 1.88 -22.11 -12.43
N LEU A 98 1.09 -22.81 -13.23
CA LEU A 98 1.62 -23.60 -14.34
C LEU A 98 2.15 -22.70 -15.46
N ALA A 99 1.30 -21.81 -15.95
CA ALA A 99 1.69 -20.90 -17.03
C ALA A 99 2.68 -19.85 -16.54
N GLN A 100 2.31 -19.14 -15.48
CA GLN A 100 3.17 -18.11 -14.90
C GLN A 100 3.38 -16.97 -15.88
N HIS A 101 4.26 -17.19 -16.85
CA HIS A 101 4.56 -16.18 -17.85
C HIS A 101 3.35 -15.88 -18.72
N GLU A 102 3.08 -14.61 -18.94
CA GLU A 102 1.95 -14.19 -19.76
C GLU A 102 0.63 -14.63 -19.12
N GLN A 103 -0.40 -13.79 -19.27
CA GLN A 103 -1.71 -14.10 -18.71
C GLN A 103 -2.54 -14.93 -19.69
N ILE B 1 13.64 -2.49 -19.40
CA ILE B 1 14.01 -1.33 -18.58
C ILE B 1 12.80 -0.45 -18.22
N GLY B 2 13.03 0.57 -17.40
CA GLY B 2 11.97 1.45 -16.98
C GLY B 2 11.88 1.58 -15.48
N THR B 3 11.21 0.62 -14.85
CA THR B 3 11.06 0.61 -13.39
C THR B 3 10.43 1.90 -12.89
N ASP B 4 10.24 1.98 -11.57
CA ASP B 4 9.66 3.15 -10.94
C ASP B 4 8.40 3.63 -11.66
N LYS B 5 7.74 2.72 -12.38
CA LYS B 5 6.53 3.08 -13.12
C LYS B 5 5.32 3.15 -12.20
N GLU B 6 5.03 2.03 -11.52
CA GLU B 6 3.90 1.95 -10.61
C GLU B 6 3.94 3.09 -9.58
N LEU B 7 5.15 3.45 -9.17
CA LEU B 7 5.31 4.52 -8.18
C LEU B 7 5.33 5.90 -8.84
N SER B 8 5.66 5.94 -10.11
CA SER B 8 5.72 7.21 -10.83
C SER B 8 4.32 7.76 -11.07
N ASP B 9 3.38 6.89 -11.38
CA ASP B 9 1.99 7.30 -11.63
C ASP B 9 1.29 7.74 -10.34
N LEU B 10 2.04 7.83 -9.25
CA LEU B 10 1.48 8.23 -7.97
C LEU B 10 2.39 9.21 -7.24
N LEU B 11 3.67 8.84 -7.12
CA LEU B 11 4.65 9.68 -6.44
C LEU B 11 5.35 10.62 -7.41
N ASP B 12 6.38 11.30 -6.92
CA ASP B 12 7.15 12.21 -7.74
C ASP B 12 6.29 13.40 -8.17
N PHE B 13 5.40 13.15 -9.14
CA PHE B 13 4.51 14.18 -9.66
C PHE B 13 5.28 15.38 -10.23
N SER B 14 6.60 15.39 -10.09
CA SER B 14 7.42 16.48 -10.60
C SER B 14 7.69 16.28 -12.08
N ALA B 15 7.75 15.02 -12.50
CA ALA B 15 8.01 14.70 -13.90
C ALA B 15 6.71 14.50 -14.68
N MET B 16 5.66 14.07 -13.97
CA MET B 16 4.35 13.85 -14.58
C MET B 16 4.41 12.72 -15.62
N PHE B 17 4.96 13.04 -16.80
CA PHE B 17 5.07 12.05 -17.87
C PHE B 17 3.69 11.55 -18.28
N SER B 18 3.22 12.02 -19.44
CA SER B 18 1.92 11.61 -19.95
C SER B 18 2.04 11.04 -21.35
N GLY A 1 -16.07 1.79 -7.65
CA GLY A 1 -16.54 1.76 -9.07
C GLY A 1 -16.76 0.35 -9.56
N ALA A 2 -15.71 -0.47 -9.55
CA ALA A 2 -15.80 -1.85 -10.00
C ALA A 2 -15.27 -2.81 -8.94
N MET A 3 -15.21 -4.09 -9.28
CA MET A 3 -14.73 -5.10 -8.37
C MET A 3 -13.82 -6.10 -9.08
N GLY A 4 -13.38 -7.11 -8.35
CA GLY A 4 -12.52 -8.13 -8.94
C GLY A 4 -11.15 -7.57 -9.31
N SER A 5 -10.28 -8.46 -9.81
CA SER A 5 -8.93 -8.06 -10.20
C SER A 5 -8.15 -7.56 -8.99
N GLY A 6 -8.51 -8.05 -7.82
CA GLY A 6 -7.83 -7.64 -6.61
C GLY A 6 -6.35 -7.93 -6.65
N ALA A 7 -5.98 -8.96 -7.38
CA ALA A 7 -4.59 -9.34 -7.48
C ALA A 7 -3.77 -8.30 -8.23
N ARG A 8 -4.43 -7.50 -9.05
CA ARG A 8 -3.77 -6.46 -9.84
C ARG A 8 -3.18 -5.38 -8.95
N GLN A 9 -3.99 -4.85 -8.05
CA GLN A 9 -3.55 -3.80 -7.14
C GLN A 9 -2.21 -4.12 -6.49
N LEU A 10 -2.14 -5.30 -5.85
CA LEU A 10 -0.92 -5.72 -5.16
C LEU A 10 0.33 -5.43 -5.97
N SER A 11 0.15 -5.30 -7.27
CA SER A 11 1.27 -4.98 -8.14
C SER A 11 1.78 -3.58 -7.83
N LYS A 12 0.86 -2.62 -7.79
CA LYS A 12 1.19 -1.23 -7.50
C LYS A 12 1.39 -1.03 -6.00
N LEU A 13 0.51 -1.60 -5.20
CA LEU A 13 0.60 -1.47 -3.76
C LEU A 13 1.90 -2.07 -3.25
N LYS A 14 2.17 -3.33 -3.59
CA LYS A 14 3.40 -3.96 -3.14
C LYS A 14 4.62 -3.19 -3.62
N ARG A 15 4.53 -2.66 -4.83
CA ARG A 15 5.64 -1.90 -5.41
C ARG A 15 5.79 -0.55 -4.73
N PHE A 16 4.69 0.19 -4.65
CA PHE A 16 4.70 1.52 -4.03
C PHE A 16 5.18 1.47 -2.58
N LEU A 17 4.70 0.47 -1.84
CA LEU A 17 5.07 0.34 -0.44
C LEU A 17 6.57 0.19 -0.26
N THR A 18 7.22 -0.59 -1.13
CA THR A 18 8.66 -0.81 -1.05
C THR A 18 9.44 0.50 -1.04
N THR A 19 8.95 1.48 -1.77
CA THR A 19 9.61 2.77 -1.83
C THR A 19 9.12 3.67 -0.70
N LEU A 20 7.83 3.62 -0.43
CA LEU A 20 7.21 4.43 0.62
C LEU A 20 8.04 4.41 1.91
N GLN A 21 8.79 3.34 2.13
CA GLN A 21 9.63 3.22 3.32
C GLN A 21 10.64 4.36 3.41
N GLN A 22 10.99 4.95 2.27
CA GLN A 22 11.99 6.02 2.22
C GLN A 22 11.44 7.37 2.65
N PHE A 23 10.16 7.63 2.46
CA PHE A 23 9.60 8.92 2.83
C PHE A 23 9.79 9.20 4.33
N GLY A 24 10.10 8.14 5.08
CA GLY A 24 10.31 8.28 6.51
C GLY A 24 11.40 7.36 7.00
N ASN A 25 12.43 7.19 6.16
CA ASN A 25 13.55 6.31 6.49
C ASN A 25 14.64 7.05 7.25
N ASP A 26 14.31 8.22 7.79
CA ASP A 26 15.28 9.00 8.54
C ASP A 26 14.63 9.92 9.59
N ILE A 27 13.34 9.70 9.83
CA ILE A 27 12.63 10.51 10.81
C ILE A 27 12.91 9.99 12.23
N SER A 28 12.77 8.69 12.41
CA SER A 28 13.02 8.06 13.71
C SER A 28 12.87 6.54 13.59
N PRO A 29 13.43 5.78 14.55
CA PRO A 29 13.34 4.32 14.55
C PRO A 29 11.90 3.82 14.71
N GLU A 30 10.96 4.75 14.76
CA GLU A 30 9.55 4.41 14.92
C GLU A 30 8.76 4.69 13.64
N ILE A 31 9.29 5.54 12.77
CA ILE A 31 8.62 5.82 11.51
C ILE A 31 8.67 4.57 10.69
N GLY A 32 9.86 3.98 10.65
CA GLY A 32 10.01 2.73 9.94
C GLY A 32 8.96 1.75 10.40
N GLU A 33 8.52 1.93 11.65
CA GLU A 33 7.48 1.10 12.23
C GLU A 33 6.12 1.67 11.86
N ARG A 34 6.03 3.00 11.81
CA ARG A 34 4.80 3.68 11.46
C ARG A 34 4.42 3.34 10.02
N VAL A 35 5.35 3.51 9.10
CA VAL A 35 5.09 3.21 7.71
C VAL A 35 4.52 1.80 7.56
N ARG A 36 5.10 0.88 8.30
CA ARG A 36 4.66 -0.51 8.25
C ARG A 36 3.27 -0.66 8.85
N THR A 37 3.00 0.05 9.95
CA THR A 37 1.70 -0.02 10.60
C THR A 37 0.61 0.62 9.74
N LEU A 38 0.94 1.73 9.09
CA LEU A 38 -0.03 2.42 8.24
C LEU A 38 -0.59 1.49 7.17
N VAL A 39 0.32 0.84 6.45
CA VAL A 39 -0.06 -0.06 5.37
C VAL A 39 -0.89 -1.23 5.87
N LEU A 40 -0.40 -1.90 6.90
CA LEU A 40 -1.09 -3.03 7.47
C LEU A 40 -2.38 -2.58 8.14
N GLY A 41 -2.37 -1.35 8.66
CA GLY A 41 -3.56 -0.83 9.31
C GLY A 41 -4.65 -0.54 8.31
N LEU A 42 -4.32 0.26 7.30
CA LEU A 42 -5.26 0.64 6.26
C LEU A 42 -5.82 -0.60 5.56
N VAL A 43 -4.98 -1.61 5.38
CA VAL A 43 -5.41 -2.84 4.73
C VAL A 43 -6.17 -3.75 5.70
N ASN A 44 -5.81 -3.69 6.98
CA ASN A 44 -6.48 -4.51 7.99
C ASN A 44 -7.84 -3.93 8.38
N SER A 45 -8.32 -2.95 7.60
CA SER A 45 -9.61 -2.33 7.88
C SER A 45 -9.59 -1.62 9.23
N THR A 46 -8.40 -1.40 9.78
CA THR A 46 -8.27 -0.73 11.06
C THR A 46 -7.94 0.76 10.88
N LEU A 47 -7.70 1.15 9.62
CA LEU A 47 -7.39 2.54 9.32
C LEU A 47 -8.45 3.14 8.40
N THR A 48 -8.05 4.17 7.67
CA THR A 48 -8.94 4.86 6.75
C THR A 48 -8.10 5.61 5.73
N ILE A 49 -8.66 5.80 4.58
CA ILE A 49 -7.98 6.49 3.52
C ILE A 49 -7.61 7.91 3.93
N GLU A 50 -8.62 8.66 4.36
CA GLU A 50 -8.42 10.03 4.79
C GLU A 50 -7.41 10.08 5.94
N GLU A 51 -7.37 9.02 6.74
CA GLU A 51 -6.47 8.93 7.88
C GLU A 51 -5.06 8.53 7.44
N PHE A 52 -4.97 7.46 6.66
CA PHE A 52 -3.69 6.95 6.17
C PHE A 52 -2.86 8.04 5.50
N HIS A 53 -3.39 8.63 4.44
CA HIS A 53 -2.66 9.69 3.74
C HIS A 53 -2.39 10.87 4.65
N SER A 54 -3.37 11.18 5.49
CA SER A 54 -3.27 12.30 6.42
C SER A 54 -2.21 12.04 7.49
N LYS A 55 -2.31 10.90 8.15
CA LYS A 55 -1.37 10.56 9.20
C LYS A 55 -0.01 10.23 8.61
N LEU A 56 0.01 9.45 7.53
CA LEU A 56 1.27 9.08 6.88
C LEU A 56 2.10 10.32 6.58
N GLN A 57 1.44 11.48 6.49
CA GLN A 57 2.13 12.74 6.20
C GLN A 57 3.33 12.93 7.13
N GLU A 58 3.27 12.32 8.31
CA GLU A 58 4.37 12.42 9.26
C GLU A 58 5.53 11.53 8.83
N ALA A 59 5.25 10.27 8.58
CA ALA A 59 6.28 9.33 8.17
C ALA A 59 6.81 9.72 6.80
N THR A 60 5.89 9.99 5.89
CA THR A 60 6.28 10.36 4.53
C THR A 60 6.65 11.84 4.44
N ASN A 61 7.09 12.40 5.55
CA ASN A 61 7.47 13.80 5.59
C ASN A 61 8.51 14.13 4.53
N PHE A 62 8.19 15.15 3.73
CA PHE A 62 9.05 15.65 2.64
C PHE A 62 8.57 15.15 1.26
N PRO A 63 8.72 13.84 0.97
CA PRO A 63 8.29 13.29 -0.31
C PRO A 63 6.80 13.01 -0.38
N LEU A 64 6.38 12.20 -1.36
CA LEU A 64 4.97 11.85 -1.51
C LEU A 64 4.15 13.08 -1.86
N ARG A 65 3.07 12.86 -2.59
CA ARG A 65 2.17 13.94 -2.99
C ARG A 65 0.78 13.74 -2.42
N PRO A 66 -0.06 14.79 -2.43
CA PRO A 66 -1.41 14.71 -1.90
C PRO A 66 -2.38 14.03 -2.87
N PHE A 67 -1.84 13.31 -3.85
CA PHE A 67 -2.66 12.62 -4.83
C PHE A 67 -2.60 11.11 -4.66
N VAL A 68 -1.90 10.66 -3.62
CA VAL A 68 -1.76 9.23 -3.35
C VAL A 68 -3.01 8.68 -2.64
N ILE A 69 -3.62 9.51 -1.81
CA ILE A 69 -4.79 9.10 -1.03
C ILE A 69 -5.94 8.57 -1.91
N PRO A 70 -6.13 9.13 -3.12
CA PRO A 70 -7.21 8.70 -4.02
C PRO A 70 -6.97 7.29 -4.57
N PHE A 71 -5.80 7.07 -5.15
CA PHE A 71 -5.49 5.76 -5.71
C PHE A 71 -5.64 4.66 -4.66
N LEU A 72 -5.21 4.96 -3.44
CA LEU A 72 -5.31 4.00 -2.35
C LEU A 72 -6.76 3.60 -2.12
N LYS A 73 -7.66 4.59 -2.23
CA LYS A 73 -9.10 4.34 -2.03
C LYS A 73 -9.64 3.38 -3.07
N ALA A 74 -9.07 3.44 -4.26
CA ALA A 74 -9.51 2.60 -5.36
C ALA A 74 -8.82 1.24 -5.33
N ASN A 75 -7.54 1.23 -4.99
CA ASN A 75 -6.76 0.02 -4.97
C ASN A 75 -6.86 -0.72 -3.63
N LEU A 76 -7.23 0.00 -2.57
CA LEU A 76 -7.34 -0.59 -1.23
C LEU A 76 -8.10 -1.91 -1.18
N PRO A 77 -9.27 -1.99 -1.82
CA PRO A 77 -10.11 -3.19 -1.79
C PRO A 77 -9.41 -4.44 -2.29
N LEU A 78 -8.43 -4.28 -3.14
CA LEU A 78 -7.72 -5.43 -3.69
C LEU A 78 -6.69 -5.99 -2.72
N LEU A 79 -5.87 -5.13 -2.12
CA LEU A 79 -4.83 -5.62 -1.20
C LEU A 79 -5.45 -6.33 -0.01
N GLN A 80 -6.56 -5.81 0.47
CA GLN A 80 -7.23 -6.40 1.61
C GLN A 80 -7.97 -7.68 1.24
N ARG A 81 -8.82 -7.57 0.23
CA ARG A 81 -9.62 -8.71 -0.22
C ARG A 81 -8.75 -9.83 -0.76
N GLU A 82 -7.86 -9.51 -1.70
CA GLU A 82 -6.99 -10.50 -2.30
C GLU A 82 -6.13 -11.20 -1.25
N LEU A 83 -5.61 -10.44 -0.30
CA LEU A 83 -4.76 -10.99 0.75
C LEU A 83 -5.57 -11.97 1.61
N LEU A 84 -6.87 -11.73 1.72
CA LEU A 84 -7.74 -12.57 2.52
C LEU A 84 -7.95 -13.93 1.86
N HIS A 85 -8.15 -13.92 0.55
CA HIS A 85 -8.36 -15.15 -0.21
C HIS A 85 -7.23 -16.14 -0.01
N CYS A 86 -6.04 -15.62 0.29
CA CYS A 86 -4.87 -16.47 0.50
C CYS A 86 -4.87 -17.05 1.91
N ALA A 87 -5.41 -16.28 2.83
CA ALA A 87 -5.49 -16.70 4.24
C ALA A 87 -6.22 -18.03 4.37
N ARG A 88 -7.05 -18.33 3.38
CA ARG A 88 -7.80 -19.57 3.37
C ARG A 88 -6.86 -20.78 3.31
N LEU A 89 -5.96 -20.78 2.34
CA LEU A 89 -5.01 -21.87 2.16
C LEU A 89 -4.18 -22.10 3.43
N ALA A 90 -4.18 -21.13 4.34
CA ALA A 90 -3.44 -21.24 5.59
C ALA A 90 -3.88 -22.47 6.39
N LYS A 91 -5.02 -23.06 5.99
CA LYS A 91 -5.53 -24.24 6.69
C LYS A 91 -6.36 -25.09 5.73
N GLN A 92 -5.71 -25.59 4.69
CA GLN A 92 -6.36 -26.43 3.69
C GLN A 92 -5.75 -27.83 3.67
N ASN A 93 -4.47 -27.89 4.00
CA ASN A 93 -3.75 -29.16 4.03
C ASN A 93 -3.82 -29.89 2.70
N PRO A 94 -2.96 -29.51 1.73
CA PRO A 94 -2.92 -30.15 0.42
C PRO A 94 -2.66 -31.65 0.53
N ALA A 95 -2.22 -32.08 1.72
CA ALA A 95 -1.93 -33.48 1.96
C ALA A 95 -3.10 -34.38 1.57
N GLN A 96 -4.30 -33.82 1.55
CA GLN A 96 -5.49 -34.58 1.18
C GLN A 96 -5.58 -34.74 -0.33
N TYR A 97 -5.07 -33.74 -1.06
CA TYR A 97 -5.10 -33.76 -2.52
C TYR A 97 -3.83 -34.41 -3.08
N LEU A 98 -2.73 -34.23 -2.37
CA LEU A 98 -1.46 -34.80 -2.80
C LEU A 98 -1.46 -36.32 -2.66
N ALA A 99 -2.06 -36.82 -1.59
CA ALA A 99 -2.13 -38.25 -1.34
C ALA A 99 -3.15 -38.91 -2.26
N GLN A 100 -4.40 -38.47 -2.18
CA GLN A 100 -5.46 -39.02 -3.01
C GLN A 100 -6.75 -38.21 -2.87
N HIS A 101 -7.04 -37.41 -3.89
CA HIS A 101 -8.25 -36.58 -3.89
C HIS A 101 -8.63 -36.18 -5.30
N GLU A 102 -9.94 -35.98 -5.52
CA GLU A 102 -10.44 -35.59 -6.82
C GLU A 102 -11.10 -34.22 -6.76
N GLN A 103 -10.36 -33.21 -7.19
CA GLN A 103 -10.85 -31.83 -7.19
C GLN A 103 -10.16 -31.00 -8.26
N ILE B 1 8.74 -3.02 -21.75
CA ILE B 1 8.99 -1.58 -21.90
C ILE B 1 9.54 -0.96 -20.61
N GLY B 2 9.73 -1.77 -19.57
CA GLY B 2 10.25 -1.28 -18.30
C GLY B 2 9.36 -0.22 -17.67
N THR B 3 9.67 1.04 -17.92
CA THR B 3 8.90 2.15 -17.36
C THR B 3 8.78 2.03 -15.85
N ASP B 4 8.14 3.03 -15.23
CA ASP B 4 7.94 3.04 -13.79
C ASP B 4 6.87 4.06 -13.40
N LYS B 5 5.94 4.33 -14.31
CA LYS B 5 4.87 5.29 -14.05
C LYS B 5 3.98 4.80 -12.91
N GLU B 6 3.96 3.50 -12.70
CA GLU B 6 3.15 2.90 -11.65
C GLU B 6 3.51 3.47 -10.28
N LEU B 7 4.79 3.71 -10.08
CA LEU B 7 5.28 4.26 -8.82
C LEU B 7 5.37 5.77 -8.87
N SER B 8 5.63 6.30 -10.05
CA SER B 8 5.76 7.74 -10.23
C SER B 8 4.39 8.43 -10.26
N ASP B 9 3.36 7.67 -10.61
CA ASP B 9 2.01 8.23 -10.69
C ASP B 9 1.55 8.77 -9.33
N LEU B 10 2.01 8.14 -8.26
CA LEU B 10 1.63 8.55 -6.92
C LEU B 10 2.82 9.11 -6.14
N LEU B 11 4.04 8.76 -6.55
CA LEU B 11 5.24 9.23 -5.86
C LEU B 11 5.98 10.27 -6.69
N ASP B 12 6.38 11.35 -6.04
CA ASP B 12 7.11 12.42 -6.70
C ASP B 12 6.28 13.04 -7.83
N PHE B 13 6.53 14.31 -8.10
CA PHE B 13 5.81 15.03 -9.15
C PHE B 13 6.73 16.03 -9.87
N SER B 14 7.94 16.21 -9.35
CA SER B 14 8.90 17.13 -9.96
C SER B 14 9.46 16.53 -11.24
N ALA B 15 9.44 15.20 -11.34
CA ALA B 15 9.94 14.51 -12.52
C ALA B 15 8.82 14.21 -13.51
N MET B 16 7.64 14.77 -13.26
CA MET B 16 6.50 14.57 -14.14
C MET B 16 6.71 15.27 -15.47
N PHE B 17 7.22 16.50 -15.42
CA PHE B 17 7.47 17.28 -16.62
C PHE B 17 6.17 17.55 -17.37
N SER B 18 6.27 18.34 -18.44
CA SER B 18 5.11 18.67 -19.25
C SER B 18 5.00 17.74 -20.46
#